data_1J8C
#
_entry.id   1J8C
#
_entity_poly.entity_id   1
_entity_poly.type   'polypeptide(L)'
_entity_poly.pdbx_seq_one_letter_code
;MAENGESSGPPRPSRGPAAAQGSAAAPAEPKIIKVTVKTPKEKEEFAVPENSSVQQFKEAISKRFKSQTDQLVLIFAGKI
LKDQDTLIQHGIHDGLTVHLVIKRDPNSSSVDKYAAALEHHHHHH
;
_entity_poly.pdbx_strand_id   A
#
# COMPACT_ATOMS: atom_id res chain seq x y z
N MET A 1 -21.84 8.86 -6.42
CA MET A 1 -21.73 8.04 -7.66
C MET A 1 -23.10 7.92 -8.34
N ALA A 2 -24.03 7.28 -7.67
CA ALA A 2 -25.40 7.11 -8.26
C ALA A 2 -26.45 7.11 -7.15
N GLU A 3 -26.21 6.39 -6.09
CA GLU A 3 -27.19 6.33 -4.97
C GLU A 3 -28.58 5.97 -5.50
N ASN A 4 -29.57 5.97 -4.64
CA ASN A 4 -30.95 5.62 -5.09
C ASN A 4 -31.77 6.90 -5.34
N GLY A 5 -31.59 7.50 -6.48
CA GLY A 5 -32.36 8.75 -6.79
C GLY A 5 -31.52 9.96 -6.40
N GLU A 6 -31.75 11.08 -7.06
CA GLU A 6 -30.97 12.31 -6.73
C GLU A 6 -31.78 13.56 -7.08
N SER A 7 -32.42 14.16 -6.10
CA SER A 7 -33.22 15.38 -6.37
C SER A 7 -32.43 16.62 -5.97
N SER A 8 -31.14 16.61 -6.15
CA SER A 8 -30.31 17.80 -5.77
C SER A 8 -29.93 18.59 -7.03
N GLY A 9 -30.12 19.88 -7.01
CA GLY A 9 -29.77 20.71 -8.19
C GLY A 9 -28.28 21.06 -8.15
N PRO A 10 -27.92 22.07 -8.90
CA PRO A 10 -26.50 22.51 -8.94
C PRO A 10 -26.12 23.23 -7.64
N PRO A 11 -24.93 22.97 -7.16
CA PRO A 11 -24.45 23.61 -5.92
C PRO A 11 -24.15 25.10 -6.15
N ARG A 12 -23.93 25.84 -5.11
CA ARG A 12 -23.63 27.30 -5.28
C ARG A 12 -22.32 27.48 -6.06
N PRO A 13 -21.26 26.88 -5.58
CA PRO A 13 -19.95 26.99 -6.27
C PRO A 13 -19.94 26.14 -7.54
N SER A 14 -18.80 25.97 -8.14
CA SER A 14 -18.72 25.14 -9.39
C SER A 14 -17.26 24.82 -9.71
N ARG A 15 -16.79 23.68 -9.28
CA ARG A 15 -15.37 23.30 -9.56
C ARG A 15 -15.16 23.15 -11.07
N GLY A 16 -14.26 23.92 -11.63
CA GLY A 16 -14.01 23.83 -13.10
C GLY A 16 -12.54 23.45 -13.34
N PRO A 17 -12.04 23.87 -14.48
CA PRO A 17 -10.63 23.56 -14.83
C PRO A 17 -9.67 24.40 -13.97
N ALA A 18 -8.64 23.80 -13.45
CA ALA A 18 -7.68 24.56 -12.61
C ALA A 18 -6.26 23.97 -12.76
N ALA A 19 -5.39 24.27 -11.83
CA ALA A 19 -4.00 23.72 -11.91
C ALA A 19 -3.91 22.39 -11.17
N ALA A 20 -4.66 21.41 -11.59
CA ALA A 20 -4.61 20.08 -10.90
C ALA A 20 -3.20 19.47 -11.00
N GLN A 21 -2.46 19.85 -12.01
CA GLN A 21 -1.07 19.30 -12.17
C GLN A 21 -1.10 17.77 -12.13
N GLY A 22 0.05 17.15 -12.15
CA GLY A 22 0.10 15.66 -12.11
C GLY A 22 1.22 15.16 -13.02
N SER A 23 1.51 15.88 -14.08
CA SER A 23 2.58 15.44 -15.01
C SER A 23 3.68 16.52 -15.08
N ALA A 24 4.39 16.72 -14.00
CA ALA A 24 5.47 17.74 -14.00
C ALA A 24 6.35 17.59 -12.76
N ALA A 25 7.30 16.69 -12.80
CA ALA A 25 8.20 16.48 -11.62
C ALA A 25 7.37 16.25 -10.35
N ALA A 26 6.93 15.04 -10.12
CA ALA A 26 6.12 14.75 -8.90
C ALA A 26 6.40 13.34 -8.41
N PRO A 27 7.26 13.24 -7.41
CA PRO A 27 7.62 11.92 -6.84
C PRO A 27 6.46 11.36 -6.01
N ALA A 28 6.67 10.26 -5.34
CA ALA A 28 5.58 9.67 -4.51
C ALA A 28 6.17 8.81 -3.40
N GLU A 29 7.37 9.11 -2.98
CA GLU A 29 8.01 8.30 -1.88
C GLU A 29 7.96 6.81 -2.22
N PRO A 30 8.89 6.39 -3.04
CA PRO A 30 8.96 4.96 -3.44
C PRO A 30 9.67 4.12 -2.38
N LYS A 31 9.44 4.39 -1.13
CA LYS A 31 10.07 3.55 -0.07
C LYS A 31 9.30 2.23 -0.06
N ILE A 32 9.38 1.50 -1.14
CA ILE A 32 8.62 0.22 -1.22
C ILE A 32 9.00 -0.72 -0.07
N ILE A 33 8.20 -0.78 0.96
CA ILE A 33 8.52 -1.70 2.09
C ILE A 33 8.13 -3.14 1.72
N LYS A 34 8.87 -4.11 2.18
CA LYS A 34 8.55 -5.52 1.83
C LYS A 34 7.61 -6.13 2.88
N VAL A 35 6.57 -6.78 2.45
CA VAL A 35 5.61 -7.40 3.41
C VAL A 35 5.48 -8.90 3.15
N THR A 36 5.92 -9.72 4.07
CA THR A 36 5.82 -11.20 3.87
C THR A 36 4.45 -11.70 4.35
N VAL A 37 3.60 -12.06 3.43
CA VAL A 37 2.25 -12.56 3.82
C VAL A 37 2.20 -14.09 3.73
N LYS A 38 1.76 -14.73 4.79
CA LYS A 38 1.68 -16.22 4.76
C LYS A 38 0.26 -16.66 4.43
N THR A 39 0.09 -17.44 3.39
CA THR A 39 -1.27 -17.90 3.01
C THR A 39 -1.35 -19.42 3.03
N PRO A 40 -2.55 -19.95 2.94
CA PRO A 40 -2.74 -21.42 2.94
C PRO A 40 -2.24 -22.02 1.63
N LYS A 41 -0.96 -21.88 1.37
CA LYS A 41 -0.40 -22.45 0.11
C LYS A 41 1.13 -22.27 0.11
N GLU A 42 1.59 -21.10 0.46
CA GLU A 42 3.06 -20.84 0.48
C GLU A 42 3.35 -19.45 1.07
N LYS A 43 4.59 -19.07 1.15
CA LYS A 43 4.93 -17.73 1.70
C LYS A 43 5.34 -16.79 0.57
N GLU A 44 4.58 -15.75 0.34
CA GLU A 44 4.92 -14.81 -0.76
C GLU A 44 5.07 -13.38 -0.22
N GLU A 45 6.10 -12.70 -0.61
CA GLU A 45 6.30 -11.29 -0.13
C GLU A 45 5.69 -10.32 -1.13
N PHE A 46 5.26 -9.17 -0.67
CA PHE A 46 4.65 -8.18 -1.60
C PHE A 46 5.35 -6.82 -1.46
N ALA A 47 5.39 -6.06 -2.52
CA ALA A 47 6.04 -4.72 -2.46
C ALA A 47 4.95 -3.65 -2.37
N VAL A 48 5.09 -2.69 -1.48
CA VAL A 48 4.05 -1.65 -1.35
C VAL A 48 4.72 -0.31 -1.03
N PRO A 49 4.13 0.75 -1.51
CA PRO A 49 4.71 2.09 -1.26
C PRO A 49 4.61 2.45 0.23
N GLU A 50 5.72 2.81 0.82
CA GLU A 50 5.74 3.18 2.28
C GLU A 50 4.54 4.05 2.65
N ASN A 51 3.91 4.71 1.71
CA ASN A 51 2.73 5.56 2.06
C ASN A 51 1.46 5.00 1.43
N SER A 52 1.07 3.81 1.83
CA SER A 52 -0.18 3.21 1.26
C SER A 52 -1.07 2.69 2.39
N SER A 53 -2.35 2.61 2.15
CA SER A 53 -3.27 2.10 3.21
C SER A 53 -3.58 0.62 2.98
N VAL A 54 -3.97 -0.09 4.01
CA VAL A 54 -4.28 -1.54 3.83
C VAL A 54 -5.43 -1.73 2.85
N GLN A 55 -6.38 -0.84 2.83
CA GLN A 55 -7.54 -1.01 1.88
C GLN A 55 -7.04 -1.34 0.47
N GLN A 56 -6.03 -0.65 0.01
CA GLN A 56 -5.50 -0.93 -1.36
C GLN A 56 -4.79 -2.29 -1.37
N PHE A 57 -3.89 -2.50 -0.45
CA PHE A 57 -3.16 -3.81 -0.39
C PHE A 57 -4.14 -4.96 -0.17
N LYS A 58 -5.17 -4.72 0.60
CA LYS A 58 -6.18 -5.79 0.87
C LYS A 58 -6.79 -6.27 -0.45
N GLU A 59 -7.15 -5.36 -1.31
CA GLU A 59 -7.75 -5.76 -2.62
C GLU A 59 -6.66 -6.32 -3.54
N ALA A 60 -5.42 -6.01 -3.26
CA ALA A 60 -4.31 -6.53 -4.13
C ALA A 60 -4.22 -8.06 -4.02
N ILE A 61 -4.14 -8.58 -2.82
CA ILE A 61 -4.06 -10.05 -2.65
C ILE A 61 -5.34 -10.71 -3.17
N SER A 62 -6.47 -10.15 -2.89
CA SER A 62 -7.75 -10.75 -3.37
C SER A 62 -7.69 -10.97 -4.89
N LYS A 63 -7.36 -9.95 -5.63
CA LYS A 63 -7.29 -10.08 -7.11
C LYS A 63 -6.12 -10.99 -7.55
N ARG A 64 -4.93 -10.70 -7.11
CA ARG A 64 -3.75 -11.53 -7.52
C ARG A 64 -3.78 -12.90 -6.83
N PHE A 65 -3.85 -12.94 -5.52
CA PHE A 65 -3.88 -14.24 -4.80
C PHE A 65 -5.18 -14.99 -5.11
N LYS A 66 -6.27 -14.27 -5.23
CA LYS A 66 -7.59 -14.93 -5.51
C LYS A 66 -8.05 -15.74 -4.30
N SER A 67 -8.63 -15.09 -3.32
CA SER A 67 -9.11 -15.81 -2.12
C SER A 67 -10.28 -15.07 -1.48
N GLN A 68 -10.02 -13.88 -0.97
CA GLN A 68 -11.12 -13.09 -0.34
C GLN A 68 -10.66 -11.66 -0.10
N THR A 69 -11.48 -10.84 0.52
CA THR A 69 -11.10 -9.43 0.77
C THR A 69 -11.69 -8.94 2.09
N ASP A 70 -12.99 -8.88 2.18
CA ASP A 70 -13.64 -8.41 3.45
C ASP A 70 -13.16 -9.26 4.63
N GLN A 71 -13.45 -10.53 4.63
CA GLN A 71 -13.00 -11.40 5.76
C GLN A 71 -11.47 -11.54 5.74
N LEU A 72 -10.87 -11.37 4.59
CA LEU A 72 -9.37 -11.50 4.51
C LEU A 72 -8.69 -10.45 5.39
N VAL A 73 -7.84 -10.89 6.28
CA VAL A 73 -7.11 -9.95 7.17
C VAL A 73 -5.75 -10.54 7.53
N LEU A 74 -4.86 -9.75 8.10
CA LEU A 74 -3.53 -10.30 8.45
C LEU A 74 -3.32 -10.22 9.97
N ILE A 75 -2.80 -11.26 10.56
CA ILE A 75 -2.57 -11.26 12.03
C ILE A 75 -1.11 -10.90 12.33
N PHE A 76 -0.86 -9.65 12.62
CA PHE A 76 0.54 -9.22 12.92
C PHE A 76 0.78 -9.23 14.43
N ALA A 77 1.49 -10.22 14.92
CA ALA A 77 1.77 -10.29 16.39
C ALA A 77 0.47 -10.19 17.20
N GLY A 78 -0.61 -10.73 16.69
CA GLY A 78 -1.90 -10.67 17.43
C GLY A 78 -2.74 -9.51 16.89
N LYS A 79 -2.12 -8.40 16.58
CA LYS A 79 -2.88 -7.23 16.05
C LYS A 79 -3.58 -7.62 14.73
N ILE A 80 -4.27 -6.70 14.12
CA ILE A 80 -4.96 -7.02 12.83
C ILE A 80 -4.40 -6.19 11.69
N LEU A 81 -3.44 -6.71 10.96
CA LEU A 81 -2.90 -5.94 9.81
C LEU A 81 -4.01 -5.76 8.79
N LYS A 82 -4.88 -4.80 9.02
CA LYS A 82 -6.02 -4.58 8.09
C LYS A 82 -6.22 -3.10 7.84
N ASP A 83 -7.41 -2.70 7.48
CA ASP A 83 -7.67 -1.26 7.21
C ASP A 83 -7.71 -0.47 8.52
N GLN A 84 -7.89 -1.15 9.63
CA GLN A 84 -7.92 -0.44 10.95
C GLN A 84 -6.64 0.40 11.10
N ASP A 85 -5.55 -0.07 10.56
CA ASP A 85 -4.27 0.69 10.68
C ASP A 85 -3.58 0.76 9.31
N THR A 86 -2.40 1.32 9.25
CA THR A 86 -1.68 1.40 7.95
C THR A 86 -0.55 0.38 7.90
N LEU A 87 -0.48 -0.39 6.85
CA LEU A 87 0.60 -1.42 6.74
C LEU A 87 1.97 -0.76 6.89
N ILE A 88 2.19 0.33 6.21
CA ILE A 88 3.51 1.02 6.32
C ILE A 88 3.61 1.73 7.67
N GLN A 89 2.52 1.89 8.36
CA GLN A 89 2.56 2.61 9.67
C GLN A 89 2.85 1.66 10.83
N HIS A 90 2.83 0.37 10.63
CA HIS A 90 3.11 -0.54 11.79
C HIS A 90 3.20 -1.99 11.36
N GLY A 91 2.33 -2.42 10.50
CA GLY A 91 2.35 -3.83 10.05
C GLY A 91 3.70 -4.17 9.43
N ILE A 92 4.24 -3.29 8.63
CA ILE A 92 5.55 -3.59 7.97
C ILE A 92 6.49 -2.40 8.07
N HIS A 93 7.56 -2.55 8.80
CA HIS A 93 8.55 -1.44 8.91
C HIS A 93 9.54 -1.54 7.76
N ASP A 94 9.85 -2.74 7.35
CA ASP A 94 10.80 -2.95 6.22
C ASP A 94 10.98 -4.44 5.95
N GLY A 95 9.96 -5.24 6.18
CA GLY A 95 10.08 -6.70 5.93
C GLY A 95 9.63 -7.48 7.17
N LEU A 96 8.35 -7.46 7.46
CA LEU A 96 7.86 -8.20 8.66
C LEU A 96 7.05 -9.43 8.22
N THR A 97 6.84 -10.37 9.10
CA THR A 97 6.06 -11.58 8.73
C THR A 97 4.72 -11.61 9.47
N VAL A 98 3.66 -11.91 8.78
CA VAL A 98 2.32 -11.96 9.44
C VAL A 98 1.50 -13.13 8.90
N HIS A 99 0.60 -13.66 9.69
CA HIS A 99 -0.22 -14.81 9.22
C HIS A 99 -1.51 -14.31 8.55
N LEU A 100 -1.95 -14.99 7.52
CA LEU A 100 -3.20 -14.55 6.83
C LEU A 100 -4.39 -15.40 7.26
N VAL A 101 -5.45 -14.78 7.70
CA VAL A 101 -6.65 -15.56 8.14
C VAL A 101 -7.94 -14.86 7.70
N ILE A 102 -8.94 -15.60 7.33
CA ILE A 102 -10.22 -14.96 6.91
C ILE A 102 -11.30 -15.19 7.97
N LYS A 103 -11.62 -14.15 8.72
CA LYS A 103 -12.66 -14.29 9.78
C LYS A 103 -13.90 -13.48 9.41
N MET A 1 29.34 58.64 3.57
CA MET A 1 28.42 57.79 4.39
C MET A 1 27.28 58.64 4.96
N ALA A 2 26.20 58.75 4.24
CA ALA A 2 25.05 59.56 4.74
C ALA A 2 23.74 59.04 4.15
N GLU A 3 22.72 58.90 4.97
CA GLU A 3 21.41 58.39 4.46
C GLU A 3 20.31 58.68 5.48
N ASN A 4 19.14 59.05 5.02
CA ASN A 4 18.02 59.35 5.96
C ASN A 4 16.69 59.31 5.22
N GLY A 5 16.06 58.16 5.17
CA GLY A 5 14.76 58.05 4.46
C GLY A 5 13.87 57.04 5.19
N GLU A 6 13.77 55.85 4.66
CA GLU A 6 12.92 54.81 5.31
C GLU A 6 13.23 53.42 4.73
N SER A 7 14.20 52.75 5.29
CA SER A 7 14.56 51.38 4.77
C SER A 7 14.60 50.38 5.92
N SER A 8 13.50 50.21 6.63
CA SER A 8 13.48 49.25 7.76
C SER A 8 12.45 48.14 7.49
N GLY A 9 12.08 47.40 8.50
CA GLY A 9 11.08 46.31 8.30
C GLY A 9 11.31 45.21 9.35
N PRO A 10 10.74 44.06 9.09
CA PRO A 10 10.89 42.92 10.04
C PRO A 10 12.31 42.35 9.96
N PRO A 11 12.73 41.74 11.04
CA PRO A 11 14.08 41.14 11.09
C PRO A 11 14.14 39.86 10.26
N ARG A 12 13.04 39.15 10.17
CA ARG A 12 13.02 37.89 9.37
C ARG A 12 14.18 36.97 9.79
N PRO A 13 14.14 36.54 11.02
CA PRO A 13 15.21 35.65 11.54
C PRO A 13 15.06 34.24 10.96
N SER A 14 13.87 33.88 10.56
CA SER A 14 13.66 32.51 9.99
C SER A 14 14.54 32.32 8.74
N ARG A 15 15.22 31.20 8.65
CA ARG A 15 16.09 30.95 7.47
C ARG A 15 15.46 29.88 6.56
N GLY A 16 15.04 30.26 5.39
CA GLY A 16 14.43 29.26 4.46
C GLY A 16 13.13 28.73 5.07
N PRO A 17 12.22 29.63 5.36
CA PRO A 17 10.92 29.23 5.96
C PRO A 17 10.04 28.53 4.92
N ALA A 18 10.44 27.37 4.47
CA ALA A 18 9.63 26.64 3.45
C ALA A 18 9.37 27.53 2.23
N ALA A 19 10.29 28.40 1.91
CA ALA A 19 10.09 29.29 0.73
C ALA A 19 11.36 29.30 -0.14
N ALA A 20 12.51 29.36 0.47
CA ALA A 20 13.78 29.38 -0.31
C ALA A 20 14.28 27.94 -0.53
N GLN A 21 13.43 27.07 -0.99
CA GLN A 21 13.84 25.66 -1.22
C GLN A 21 12.77 24.91 -2.02
N GLY A 22 12.30 25.50 -3.08
CA GLY A 22 11.25 24.82 -3.90
C GLY A 22 11.81 23.54 -4.50
N SER A 23 12.09 23.52 -5.77
CA SER A 23 12.65 22.30 -6.42
C SER A 23 11.77 21.08 -6.11
N ALA A 24 10.51 21.15 -6.43
CA ALA A 24 9.59 20.00 -6.16
C ALA A 24 9.53 19.08 -7.37
N ALA A 25 10.51 18.23 -7.53
CA ALA A 25 10.52 17.30 -8.69
C ALA A 25 10.17 15.87 -8.23
N ALA A 26 9.46 15.75 -7.14
CA ALA A 26 9.08 14.39 -6.64
C ALA A 26 8.04 14.50 -5.52
N PRO A 27 6.89 15.04 -5.87
CA PRO A 27 5.81 15.21 -4.88
C PRO A 27 5.17 13.85 -4.54
N ALA A 28 5.92 12.99 -3.92
CA ALA A 28 5.37 11.64 -3.56
C ALA A 28 6.27 10.95 -2.55
N GLU A 29 6.00 9.70 -2.25
CA GLU A 29 6.84 8.98 -1.25
C GLU A 29 6.82 7.47 -1.55
N PRO A 30 7.60 7.08 -2.52
CA PRO A 30 7.68 5.64 -2.91
C PRO A 30 8.56 4.85 -1.93
N LYS A 31 8.43 5.09 -0.66
CA LYS A 31 9.22 4.29 0.31
C LYS A 31 8.60 2.90 0.34
N ILE A 32 8.69 2.20 -0.76
CA ILE A 32 8.06 0.87 -0.84
C ILE A 32 8.63 -0.07 0.23
N ILE A 33 7.78 -0.64 1.05
CA ILE A 33 8.26 -1.58 2.10
C ILE A 33 7.89 -3.01 1.74
N LYS A 34 8.58 -3.96 2.31
CA LYS A 34 8.28 -5.39 2.00
C LYS A 34 7.33 -5.98 3.04
N VAL A 35 6.45 -6.85 2.62
CA VAL A 35 5.50 -7.48 3.58
C VAL A 35 5.42 -8.99 3.31
N THR A 36 5.88 -9.79 4.23
CA THR A 36 5.84 -11.26 4.03
C THR A 36 4.44 -11.80 4.32
N VAL A 37 3.71 -12.14 3.29
CA VAL A 37 2.32 -12.67 3.50
C VAL A 37 2.36 -14.20 3.48
N LYS A 38 1.80 -14.83 4.49
CA LYS A 38 1.79 -16.32 4.52
C LYS A 38 0.36 -16.84 4.38
N THR A 39 0.11 -17.65 3.39
CA THR A 39 -1.26 -18.21 3.20
C THR A 39 -1.22 -19.74 3.21
N PRO A 40 -2.37 -20.34 3.33
CA PRO A 40 -2.44 -21.83 3.36
C PRO A 40 -2.14 -22.40 1.97
N LYS A 41 -0.95 -22.15 1.47
CA LYS A 41 -0.58 -22.67 0.11
C LYS A 41 0.89 -22.33 -0.18
N GLU A 42 1.30 -21.14 0.16
CA GLU A 42 2.72 -20.73 -0.10
C GLU A 42 3.03 -19.40 0.59
N LYS A 43 4.27 -19.04 0.69
CA LYS A 43 4.64 -17.75 1.36
C LYS A 43 5.41 -16.85 0.39
N GLU A 44 4.88 -15.70 0.08
CA GLU A 44 5.58 -14.77 -0.86
C GLU A 44 5.56 -13.34 -0.32
N GLU A 45 6.67 -12.65 -0.38
CA GLU A 45 6.71 -11.24 0.11
C GLU A 45 6.04 -10.32 -0.89
N PHE A 46 5.45 -9.25 -0.45
CA PHE A 46 4.78 -8.31 -1.40
C PHE A 46 5.41 -6.91 -1.32
N ALA A 47 6.14 -6.52 -2.33
CA ALA A 47 6.77 -5.18 -2.32
C ALA A 47 5.74 -4.12 -2.77
N VAL A 48 5.22 -3.35 -1.86
CA VAL A 48 4.21 -2.32 -2.25
C VAL A 48 4.55 -0.96 -1.63
N PRO A 49 4.05 0.07 -2.25
CA PRO A 49 4.31 1.44 -1.75
C PRO A 49 3.59 1.67 -0.43
N GLU A 50 4.32 1.74 0.66
CA GLU A 50 3.70 1.95 1.99
C GLU A 50 2.75 3.14 1.97
N ASN A 51 2.98 4.07 1.07
CA ASN A 51 2.08 5.27 0.99
C ASN A 51 0.61 4.85 0.86
N SER A 52 0.37 3.66 0.37
CA SER A 52 -1.03 3.20 0.21
C SER A 52 -1.54 2.57 1.52
N SER A 53 -2.77 2.82 1.86
CA SER A 53 -3.35 2.25 3.11
C SER A 53 -3.54 0.74 2.95
N VAL A 54 -3.87 0.05 4.01
CA VAL A 54 -4.08 -1.42 3.89
C VAL A 54 -5.31 -1.71 3.03
N GLN A 55 -6.33 -0.92 3.10
CA GLN A 55 -7.56 -1.19 2.28
C GLN A 55 -7.16 -1.47 0.82
N GLN A 56 -6.25 -0.70 0.29
CA GLN A 56 -5.80 -0.92 -1.11
C GLN A 56 -4.99 -2.21 -1.23
N PHE A 57 -4.05 -2.43 -0.34
CA PHE A 57 -3.22 -3.67 -0.40
C PHE A 57 -4.06 -4.91 -0.05
N LYS A 58 -4.95 -4.78 0.90
CA LYS A 58 -5.78 -5.94 1.30
C LYS A 58 -6.57 -6.45 0.09
N GLU A 59 -7.15 -5.57 -0.67
CA GLU A 59 -7.92 -5.99 -1.87
C GLU A 59 -6.94 -6.41 -2.99
N ALA A 60 -5.69 -6.04 -2.87
CA ALA A 60 -4.70 -6.40 -3.92
C ALA A 60 -4.48 -7.92 -3.91
N ILE A 61 -4.32 -8.51 -2.75
CA ILE A 61 -4.11 -9.97 -2.67
C ILE A 61 -5.32 -10.70 -3.27
N SER A 62 -6.50 -10.19 -3.04
CA SER A 62 -7.72 -10.85 -3.59
C SER A 62 -7.59 -11.06 -5.10
N LYS A 63 -7.17 -10.06 -5.82
CA LYS A 63 -7.03 -10.19 -7.30
C LYS A 63 -5.91 -11.17 -7.67
N ARG A 64 -4.72 -10.95 -7.19
CA ARG A 64 -3.59 -11.87 -7.55
C ARG A 64 -3.73 -13.22 -6.84
N PHE A 65 -3.86 -13.21 -5.54
CA PHE A 65 -4.00 -14.48 -4.78
C PHE A 65 -5.34 -15.16 -5.09
N LYS A 66 -6.38 -14.38 -5.28
CA LYS A 66 -7.73 -14.95 -5.57
C LYS A 66 -8.27 -15.68 -4.34
N SER A 67 -8.85 -14.94 -3.42
CA SER A 67 -9.40 -15.56 -2.19
C SER A 67 -10.51 -14.69 -1.60
N GLN A 68 -10.15 -13.60 -0.97
CA GLN A 68 -11.17 -12.70 -0.38
C GLN A 68 -10.58 -11.31 -0.12
N THR A 69 -11.36 -10.39 0.39
CA THR A 69 -10.84 -9.02 0.65
C THR A 69 -11.38 -8.49 1.99
N ASP A 70 -12.68 -8.34 2.09
CA ASP A 70 -13.28 -7.82 3.36
C ASP A 70 -12.93 -8.75 4.52
N GLN A 71 -13.43 -9.95 4.52
CA GLN A 71 -13.13 -10.90 5.63
C GLN A 71 -11.61 -11.14 5.72
N LEU A 72 -10.92 -10.98 4.62
CA LEU A 72 -9.45 -11.21 4.64
C LEU A 72 -8.76 -10.26 5.63
N VAL A 73 -7.87 -10.78 6.43
CA VAL A 73 -7.15 -9.93 7.42
C VAL A 73 -5.78 -10.56 7.72
N LEU A 74 -4.84 -9.78 8.21
CA LEU A 74 -3.50 -10.34 8.51
C LEU A 74 -3.16 -10.15 9.99
N ILE A 75 -2.90 -11.21 10.69
CA ILE A 75 -2.57 -11.10 12.14
C ILE A 75 -1.11 -10.66 12.32
N PHE A 76 -0.90 -9.41 12.64
CA PHE A 76 0.50 -8.91 12.83
C PHE A 76 0.74 -8.58 14.30
N ALA A 77 1.70 -9.23 14.91
CA ALA A 77 2.00 -8.95 16.35
C ALA A 77 0.76 -9.19 17.21
N GLY A 78 -0.11 -10.08 16.79
CA GLY A 78 -1.33 -10.36 17.59
C GLY A 78 -2.35 -9.23 17.39
N LYS A 79 -2.31 -8.59 16.25
CA LYS A 79 -3.26 -7.47 15.99
C LYS A 79 -3.98 -7.70 14.65
N ILE A 80 -4.74 -6.73 14.21
CA ILE A 80 -5.46 -6.89 12.91
C ILE A 80 -4.76 -6.09 11.81
N LEU A 81 -3.73 -6.64 11.24
CA LEU A 81 -3.02 -5.91 10.15
C LEU A 81 -3.96 -5.78 8.95
N LYS A 82 -4.83 -4.80 8.97
CA LYS A 82 -5.78 -4.63 7.85
C LYS A 82 -6.12 -3.15 7.65
N ASP A 83 -7.32 -2.84 7.25
CA ASP A 83 -7.69 -1.41 7.02
C ASP A 83 -7.89 -0.67 8.34
N GLN A 84 -7.99 -1.39 9.44
CA GLN A 84 -8.18 -0.72 10.75
C GLN A 84 -7.12 0.37 10.98
N ASP A 85 -5.93 0.15 10.48
CA ASP A 85 -4.85 1.17 10.66
C ASP A 85 -4.15 1.43 9.32
N THR A 86 -3.14 2.24 9.31
CA THR A 86 -2.42 2.54 8.04
C THR A 86 -1.18 1.64 7.93
N LEU A 87 -0.86 1.21 6.74
CA LEU A 87 0.32 0.33 6.55
C LEU A 87 1.58 1.01 7.10
N ILE A 88 1.79 2.25 6.78
CA ILE A 88 3.00 2.98 7.27
C ILE A 88 2.89 3.25 8.78
N GLN A 89 1.75 3.01 9.38
CA GLN A 89 1.62 3.30 10.83
C GLN A 89 1.52 2.03 11.67
N HIS A 90 1.55 0.86 11.07
CA HIS A 90 1.45 -0.38 11.91
C HIS A 90 1.41 -1.64 11.06
N GLY A 91 0.88 -1.56 9.88
CA GLY A 91 0.78 -2.78 9.04
C GLY A 91 2.18 -3.36 8.80
N ILE A 92 3.12 -2.53 8.43
CA ILE A 92 4.50 -3.04 8.18
C ILE A 92 5.53 -2.01 8.63
N HIS A 93 6.75 -2.43 8.81
CA HIS A 93 7.82 -1.49 9.24
C HIS A 93 8.96 -1.52 8.21
N ASP A 94 9.31 -2.69 7.75
CA ASP A 94 10.41 -2.81 6.74
C ASP A 94 10.63 -4.29 6.38
N GLY A 95 9.57 -5.07 6.34
CA GLY A 95 9.71 -6.50 5.99
C GLY A 95 9.41 -7.37 7.22
N LEU A 96 8.18 -7.38 7.66
CA LEU A 96 7.82 -8.21 8.85
C LEU A 96 7.07 -9.47 8.42
N THR A 97 6.76 -10.34 9.35
CA THR A 97 6.05 -11.60 8.99
C THR A 97 4.63 -11.57 9.58
N VAL A 98 3.63 -11.68 8.74
CA VAL A 98 2.22 -11.65 9.24
C VAL A 98 1.46 -12.88 8.76
N HIS A 99 0.52 -13.35 9.53
CA HIS A 99 -0.27 -14.55 9.12
C HIS A 99 -1.50 -14.12 8.32
N LEU A 100 -1.80 -14.81 7.25
CA LEU A 100 -2.99 -14.44 6.43
C LEU A 100 -4.21 -15.26 6.88
N VAL A 101 -5.25 -14.59 7.31
CA VAL A 101 -6.47 -15.33 7.77
C VAL A 101 -7.71 -14.48 7.49
N ILE A 102 -8.86 -15.12 7.40
CA ILE A 102 -10.11 -14.36 7.12
C ILE A 102 -10.98 -14.32 8.38
N LYS A 103 -11.55 -13.19 8.70
CA LYS A 103 -12.41 -13.08 9.90
C LYS A 103 -13.82 -13.60 9.60
N MET A 1 -27.93 35.97 -15.22
CA MET A 1 -29.42 35.90 -15.05
C MET A 1 -29.95 34.56 -15.56
N ALA A 2 -29.29 33.99 -16.55
CA ALA A 2 -29.76 32.68 -17.10
C ALA A 2 -28.59 31.96 -17.78
N GLU A 3 -27.46 31.93 -17.15
CA GLU A 3 -26.28 31.23 -17.76
C GLU A 3 -26.52 29.72 -17.79
N ASN A 4 -26.30 29.10 -18.92
CA ASN A 4 -26.53 27.62 -19.03
C ASN A 4 -25.42 26.99 -19.88
N GLY A 5 -24.28 26.72 -19.29
CA GLY A 5 -23.17 26.10 -20.06
C GLY A 5 -23.49 24.63 -20.31
N GLU A 6 -23.22 24.14 -21.50
CA GLU A 6 -23.50 22.72 -21.80
C GLU A 6 -22.25 22.03 -22.36
N SER A 7 -21.35 21.63 -21.52
CA SER A 7 -20.10 20.96 -22.00
C SER A 7 -20.35 19.46 -22.19
N SER A 8 -19.40 18.76 -22.77
CA SER A 8 -19.57 17.30 -22.98
C SER A 8 -20.89 17.01 -23.72
N GLY A 9 -21.26 15.76 -23.83
CA GLY A 9 -22.52 15.42 -24.54
C GLY A 9 -23.59 15.02 -23.52
N PRO A 10 -23.62 13.75 -23.19
CA PRO A 10 -24.60 13.24 -22.21
C PRO A 10 -24.21 13.68 -20.80
N PRO A 11 -25.18 13.60 -19.90
CA PRO A 11 -24.92 14.00 -18.50
C PRO A 11 -24.06 12.95 -17.79
N ARG A 12 -23.76 13.15 -16.54
CA ARG A 12 -22.93 12.16 -15.79
C ARG A 12 -23.65 10.81 -15.72
N PRO A 13 -22.89 9.75 -15.91
CA PRO A 13 -23.49 8.39 -15.88
C PRO A 13 -23.83 7.99 -14.43
N SER A 14 -22.87 7.51 -13.68
CA SER A 14 -23.15 7.12 -12.27
C SER A 14 -21.98 7.52 -11.37
N ARG A 15 -20.86 6.85 -11.49
CA ARG A 15 -19.69 7.19 -10.63
C ARG A 15 -19.03 8.47 -11.13
N GLY A 16 -18.57 8.47 -12.36
CA GLY A 16 -17.91 9.69 -12.92
C GLY A 16 -16.64 10.00 -12.10
N PRO A 17 -15.75 9.04 -12.06
CA PRO A 17 -14.48 9.22 -11.31
C PRO A 17 -13.55 10.17 -12.07
N ALA A 18 -13.24 11.30 -11.49
CA ALA A 18 -12.33 12.27 -12.17
C ALA A 18 -11.23 12.72 -11.20
N ALA A 19 -10.16 13.27 -11.73
CA ALA A 19 -9.05 13.73 -10.86
C ALA A 19 -8.40 14.99 -11.44
N ALA A 20 -8.60 16.11 -10.81
CA ALA A 20 -8.00 17.37 -11.33
C ALA A 20 -6.71 17.70 -10.56
N GLN A 21 -6.67 17.40 -9.29
CA GLN A 21 -5.44 17.69 -8.49
C GLN A 21 -4.23 16.97 -9.09
N GLY A 22 -3.10 17.07 -8.45
CA GLY A 22 -1.88 16.39 -8.98
C GLY A 22 -0.95 17.42 -9.63
N SER A 23 -1.51 18.48 -10.16
CA SER A 23 -0.67 19.52 -10.80
C SER A 23 0.13 20.30 -9.76
N ALA A 24 -0.25 20.21 -8.50
CA ALA A 24 0.49 20.94 -7.44
C ALA A 24 1.48 20.00 -6.73
N ALA A 25 2.67 20.46 -6.48
CA ALA A 25 3.69 19.61 -5.80
C ALA A 25 3.82 18.24 -6.50
N ALA A 26 4.59 17.35 -5.95
CA ALA A 26 4.77 16.01 -6.58
C ALA A 26 4.91 14.93 -5.50
N PRO A 27 3.79 14.54 -4.94
CA PRO A 27 3.81 13.50 -3.88
C PRO A 27 4.09 12.13 -4.48
N ALA A 28 4.69 11.25 -3.74
CA ALA A 28 4.99 9.89 -4.27
C ALA A 28 5.39 8.94 -3.13
N GLU A 29 6.38 9.32 -2.35
CA GLU A 29 6.82 8.45 -1.22
C GLU A 29 7.12 7.04 -1.72
N PRO A 30 8.19 6.91 -2.45
CA PRO A 30 8.60 5.59 -3.00
C PRO A 30 9.35 4.77 -1.97
N LYS A 31 9.19 5.06 -0.70
CA LYS A 31 9.86 4.22 0.33
C LYS A 31 9.17 2.87 0.32
N ILE A 32 9.34 2.14 -0.75
CA ILE A 32 8.66 0.82 -0.88
C ILE A 32 9.07 -0.11 0.27
N ILE A 33 8.10 -0.61 1.00
CA ILE A 33 8.43 -1.54 2.13
C ILE A 33 8.04 -2.97 1.73
N LYS A 34 8.74 -3.94 2.25
CA LYS A 34 8.43 -5.35 1.89
C LYS A 34 7.44 -5.96 2.90
N VAL A 35 6.56 -6.80 2.43
CA VAL A 35 5.56 -7.42 3.36
C VAL A 35 5.49 -8.93 3.09
N THR A 36 5.60 -9.74 4.11
CA THR A 36 5.54 -11.21 3.91
C THR A 36 4.14 -11.74 4.22
N VAL A 37 3.42 -12.17 3.21
CA VAL A 37 2.04 -12.69 3.44
C VAL A 37 2.08 -14.22 3.54
N LYS A 38 1.51 -14.76 4.60
CA LYS A 38 1.50 -16.24 4.76
C LYS A 38 0.09 -16.79 4.51
N THR A 39 -0.05 -17.68 3.57
CA THR A 39 -1.40 -18.25 3.26
C THR A 39 -1.36 -19.78 3.35
N PRO A 40 -2.53 -20.39 3.31
CA PRO A 40 -2.63 -21.86 3.39
C PRO A 40 -2.16 -22.49 2.07
N LYS A 41 -0.93 -22.26 1.70
CA LYS A 41 -0.41 -22.85 0.43
C LYS A 41 1.08 -22.54 0.29
N GLU A 42 1.47 -21.31 0.53
CA GLU A 42 2.92 -20.94 0.42
C GLU A 42 3.13 -19.53 0.98
N LYS A 43 4.32 -19.00 0.82
CA LYS A 43 4.61 -17.64 1.34
C LYS A 43 5.10 -16.73 0.21
N GLU A 44 4.53 -15.57 0.05
CA GLU A 44 4.98 -14.66 -1.04
C GLU A 44 5.12 -13.23 -0.52
N GLU A 45 6.24 -12.62 -0.75
CA GLU A 45 6.46 -11.22 -0.27
C GLU A 45 5.89 -10.24 -1.30
N PHE A 46 5.39 -9.12 -0.86
CA PHE A 46 4.83 -8.12 -1.82
C PHE A 46 5.49 -6.75 -1.64
N ALA A 47 5.66 -6.03 -2.70
CA ALA A 47 6.28 -4.68 -2.60
C ALA A 47 5.18 -3.62 -2.63
N VAL A 48 5.22 -2.68 -1.73
CA VAL A 48 4.15 -1.64 -1.72
C VAL A 48 4.74 -0.27 -1.34
N PRO A 49 4.16 0.77 -1.86
CA PRO A 49 4.65 2.13 -1.57
C PRO A 49 4.31 2.52 -0.13
N GLU A 50 5.32 2.79 0.66
CA GLU A 50 5.11 3.17 2.10
C GLU A 50 3.79 3.95 2.28
N ASN A 51 3.49 4.85 1.40
CA ASN A 51 2.23 5.65 1.54
C ASN A 51 1.04 4.87 0.95
N SER A 52 0.88 3.63 1.34
CA SER A 52 -0.26 2.83 0.81
C SER A 52 -1.08 2.25 1.96
N SER A 53 -2.31 2.69 2.12
CA SER A 53 -3.15 2.16 3.22
C SER A 53 -3.38 0.66 3.02
N VAL A 54 -3.69 -0.07 4.07
CA VAL A 54 -3.92 -1.52 3.92
C VAL A 54 -5.12 -1.81 3.02
N GLN A 55 -6.14 -0.98 3.07
CA GLN A 55 -7.34 -1.24 2.22
C GLN A 55 -6.95 -1.50 0.76
N GLN A 56 -6.14 -0.66 0.19
CA GLN A 56 -5.72 -0.88 -1.23
C GLN A 56 -4.94 -2.18 -1.36
N PHE A 57 -3.89 -2.33 -0.60
CA PHE A 57 -3.07 -3.58 -0.67
C PHE A 57 -3.92 -4.80 -0.33
N LYS A 58 -4.84 -4.66 0.59
CA LYS A 58 -5.69 -5.81 0.99
C LYS A 58 -6.44 -6.37 -0.22
N GLU A 59 -6.86 -5.52 -1.11
CA GLU A 59 -7.59 -6.00 -2.32
C GLU A 59 -6.60 -6.55 -3.36
N ALA A 60 -5.37 -6.11 -3.30
CA ALA A 60 -4.36 -6.60 -4.27
C ALA A 60 -4.05 -8.07 -3.98
N ILE A 61 -3.73 -8.37 -2.75
CA ILE A 61 -3.41 -9.77 -2.37
C ILE A 61 -4.62 -10.67 -2.65
N SER A 62 -5.81 -10.13 -2.56
CA SER A 62 -7.04 -10.94 -2.82
C SER A 62 -7.09 -11.38 -4.29
N LYS A 63 -6.82 -10.49 -5.19
CA LYS A 63 -6.88 -10.85 -6.64
C LYS A 63 -5.92 -12.00 -6.96
N ARG A 64 -4.68 -11.87 -6.60
CA ARG A 64 -3.69 -12.95 -6.90
C ARG A 64 -4.10 -14.26 -6.20
N PHE A 65 -4.32 -14.21 -4.91
CA PHE A 65 -4.70 -15.44 -4.17
C PHE A 65 -6.10 -15.92 -4.62
N LYS A 66 -6.99 -14.99 -4.89
CA LYS A 66 -8.37 -15.37 -5.31
C LYS A 66 -9.10 -16.09 -4.17
N SER A 67 -9.61 -15.35 -3.22
CA SER A 67 -10.33 -15.98 -2.08
C SER A 67 -11.35 -14.99 -1.49
N GLN A 68 -10.88 -13.97 -0.82
CA GLN A 68 -11.81 -12.98 -0.22
C GLN A 68 -11.12 -11.61 -0.12
N THR A 69 -11.76 -10.67 0.54
CA THR A 69 -11.14 -9.31 0.67
C THR A 69 -11.65 -8.62 1.94
N ASP A 70 -12.94 -8.46 2.07
CA ASP A 70 -13.49 -7.78 3.28
C ASP A 70 -13.06 -8.52 4.55
N GLN A 71 -13.59 -9.70 4.77
CA GLN A 71 -13.22 -10.47 5.99
C GLN A 71 -11.72 -10.78 5.98
N LEU A 72 -11.11 -10.82 4.82
CA LEU A 72 -9.66 -11.12 4.73
C LEU A 72 -8.85 -10.18 5.64
N VAL A 73 -8.36 -10.68 6.74
CA VAL A 73 -7.57 -9.83 7.67
C VAL A 73 -6.23 -10.50 7.97
N LEU A 74 -5.20 -9.73 8.25
CA LEU A 74 -3.88 -10.35 8.55
C LEU A 74 -3.63 -10.36 10.05
N ILE A 75 -2.95 -11.37 10.54
CA ILE A 75 -2.68 -11.45 12.01
C ILE A 75 -1.20 -11.17 12.29
N PHE A 76 -0.83 -9.92 12.38
CA PHE A 76 0.59 -9.58 12.67
C PHE A 76 0.77 -9.27 14.16
N ALA A 77 1.65 -9.96 14.81
CA ALA A 77 1.88 -9.71 16.27
C ALA A 77 0.57 -9.81 17.04
N GLY A 78 -0.37 -10.56 16.54
CA GLY A 78 -1.68 -10.70 17.25
C GLY A 78 -2.53 -9.44 17.02
N LYS A 79 -2.30 -8.76 15.93
CA LYS A 79 -3.10 -7.53 15.65
C LYS A 79 -3.66 -7.59 14.23
N ILE A 80 -4.91 -7.21 14.07
CA ILE A 80 -5.53 -7.25 12.71
C ILE A 80 -4.78 -6.36 11.73
N LEU A 81 -3.77 -6.88 11.08
CA LEU A 81 -3.06 -6.05 10.07
C LEU A 81 -4.05 -5.78 8.94
N LYS A 82 -4.84 -4.75 9.09
CA LYS A 82 -5.86 -4.46 8.05
C LYS A 82 -5.97 -2.95 7.80
N ASP A 83 -7.13 -2.50 7.44
CA ASP A 83 -7.32 -1.03 7.16
C ASP A 83 -7.35 -0.24 8.47
N GLN A 84 -7.63 -0.88 9.56
CA GLN A 84 -7.66 -0.16 10.87
C GLN A 84 -6.36 0.63 11.07
N ASP A 85 -5.26 0.11 10.57
CA ASP A 85 -3.97 0.83 10.75
C ASP A 85 -3.20 0.88 9.42
N THR A 86 -2.58 1.99 9.12
CA THR A 86 -1.81 2.08 7.84
C THR A 86 -0.73 1.01 7.81
N LEU A 87 -0.41 0.50 6.65
CA LEU A 87 0.63 -0.56 6.56
C LEU A 87 1.95 -0.08 7.16
N ILE A 88 2.41 1.09 6.79
CA ILE A 88 3.69 1.60 7.37
C ILE A 88 3.47 2.03 8.83
N GLN A 89 2.25 2.16 9.24
CA GLN A 89 1.97 2.60 10.64
C GLN A 89 2.00 1.43 11.62
N HIS A 90 1.95 0.20 11.14
CA HIS A 90 1.97 -0.94 12.11
C HIS A 90 2.11 -2.27 11.38
N GLY A 91 1.47 -2.41 10.25
CA GLY A 91 1.55 -3.70 9.51
C GLY A 91 3.00 -4.03 9.15
N ILE A 92 3.71 -3.09 8.58
CA ILE A 92 5.13 -3.38 8.20
C ILE A 92 6.01 -2.16 8.44
N HIS A 93 7.24 -2.39 8.81
CA HIS A 93 8.19 -1.27 9.04
C HIS A 93 9.22 -1.29 7.91
N ASP A 94 9.59 -2.47 7.48
CA ASP A 94 10.59 -2.61 6.37
C ASP A 94 10.79 -4.09 6.03
N GLY A 95 9.76 -4.88 6.18
CA GLY A 95 9.89 -6.33 5.86
C GLY A 95 9.51 -7.18 7.08
N LEU A 96 8.26 -7.19 7.45
CA LEU A 96 7.84 -8.01 8.63
C LEU A 96 7.01 -9.22 8.16
N THR A 97 6.67 -10.10 9.07
CA THR A 97 5.87 -11.29 8.67
C THR A 97 4.49 -11.28 9.33
N VAL A 98 3.49 -11.80 8.66
CA VAL A 98 2.13 -11.80 9.25
C VAL A 98 1.36 -13.05 8.78
N HIS A 99 0.50 -13.58 9.62
CA HIS A 99 -0.29 -14.78 9.24
C HIS A 99 -1.61 -14.36 8.60
N LEU A 100 -1.81 -14.67 7.36
CA LEU A 100 -3.09 -14.28 6.68
C LEU A 100 -4.24 -15.17 7.17
N VAL A 101 -5.26 -14.60 7.73
CA VAL A 101 -6.41 -15.41 8.23
C VAL A 101 -7.72 -14.64 8.05
N ILE A 102 -8.71 -15.27 7.50
CA ILE A 102 -10.03 -14.57 7.31
C ILE A 102 -11.00 -14.96 8.41
N LYS A 103 -11.64 -13.98 9.02
CA LYS A 103 -12.60 -14.29 10.12
C LYS A 103 -13.96 -14.69 9.52
N MET A 1 10.40 47.80 -15.13
CA MET A 1 11.18 48.89 -15.77
C MET A 1 10.43 50.22 -15.66
N ALA A 2 9.17 50.22 -16.01
CA ALA A 2 8.37 51.48 -15.93
C ALA A 2 7.94 51.75 -14.48
N GLU A 3 8.40 52.83 -13.91
CA GLU A 3 8.02 53.15 -12.51
C GLU A 3 6.70 53.93 -12.47
N ASN A 4 6.42 54.69 -13.50
CA ASN A 4 5.15 55.47 -13.54
C ASN A 4 4.17 54.84 -14.53
N GLY A 5 3.91 53.57 -14.39
CA GLY A 5 2.96 52.89 -15.33
C GLY A 5 3.56 51.56 -15.80
N GLU A 6 3.41 50.53 -15.02
CA GLU A 6 3.97 49.21 -15.42
C GLU A 6 3.21 48.65 -16.62
N SER A 7 3.72 47.63 -17.24
CA SER A 7 3.03 47.03 -18.43
C SER A 7 1.92 46.09 -17.97
N SER A 8 1.12 45.61 -18.89
CA SER A 8 0.00 44.69 -18.51
C SER A 8 -0.26 43.70 -19.63
N GLY A 9 0.06 42.44 -19.43
CA GLY A 9 -0.18 41.42 -20.48
C GLY A 9 -1.19 40.39 -19.99
N PRO A 10 -0.71 39.47 -19.18
CA PRO A 10 -1.59 38.42 -18.62
C PRO A 10 -2.52 39.00 -17.55
N PRO A 11 -3.80 39.03 -17.83
CA PRO A 11 -4.78 39.58 -16.87
C PRO A 11 -4.95 38.61 -15.69
N ARG A 12 -4.74 37.35 -15.91
CA ARG A 12 -4.89 36.36 -14.80
C ARG A 12 -3.51 35.88 -14.31
N PRO A 13 -3.29 35.99 -13.03
CA PRO A 13 -1.99 35.55 -12.45
C PRO A 13 -1.87 34.03 -12.45
N SER A 14 -0.94 33.49 -11.69
CA SER A 14 -0.77 32.01 -11.65
C SER A 14 -0.41 31.47 -13.04
N ARG A 15 0.79 30.94 -13.18
CA ARG A 15 1.20 30.39 -14.49
C ARG A 15 1.90 29.05 -14.31
N GLY A 16 2.86 28.98 -13.41
CA GLY A 16 3.58 27.70 -13.18
C GLY A 16 4.36 27.78 -11.86
N PRO A 17 5.38 28.59 -11.86
CA PRO A 17 6.22 28.76 -10.65
C PRO A 17 5.46 29.57 -9.59
N ALA A 18 4.56 30.43 -10.00
CA ALA A 18 3.79 31.24 -9.02
C ALA A 18 3.05 30.33 -8.03
N ALA A 19 2.39 29.31 -8.54
CA ALA A 19 1.65 28.39 -7.63
C ALA A 19 2.64 27.55 -6.82
N ALA A 20 2.14 26.76 -5.90
CA ALA A 20 3.05 25.92 -5.07
C ALA A 20 3.57 24.73 -5.89
N GLN A 21 4.16 23.76 -5.23
CA GLN A 21 4.68 22.57 -5.97
C GLN A 21 3.54 21.60 -6.29
N GLY A 22 2.79 21.88 -7.32
CA GLY A 22 1.67 20.97 -7.70
C GLY A 22 1.60 20.85 -9.22
N SER A 23 2.67 20.45 -9.84
CA SER A 23 2.66 20.30 -11.32
C SER A 23 2.09 18.94 -11.72
N ALA A 24 2.85 17.88 -11.50
CA ALA A 24 2.35 16.53 -11.86
C ALA A 24 3.27 15.45 -11.27
N ALA A 25 3.38 15.39 -9.97
CA ALA A 25 4.25 14.37 -9.34
C ALA A 25 3.42 13.21 -8.81
N ALA A 26 3.26 12.17 -9.59
CA ALA A 26 2.46 11.00 -9.14
C ALA A 26 3.25 10.16 -8.13
N PRO A 27 4.43 9.74 -8.52
CA PRO A 27 5.27 8.93 -7.62
C PRO A 27 5.88 9.80 -6.51
N ALA A 28 5.64 9.46 -5.28
CA ALA A 28 6.20 10.26 -4.16
C ALA A 28 6.64 9.34 -3.01
N GLU A 29 7.83 9.52 -2.51
CA GLU A 29 8.32 8.66 -1.39
C GLU A 29 8.16 7.18 -1.73
N PRO A 30 9.00 6.72 -2.63
CA PRO A 30 8.96 5.30 -3.05
C PRO A 30 9.69 4.40 -2.06
N LYS A 31 9.56 4.67 -0.78
CA LYS A 31 10.22 3.78 0.22
C LYS A 31 9.41 2.48 0.23
N ILE A 32 9.46 1.75 -0.84
CA ILE A 32 8.66 0.51 -0.94
C ILE A 32 9.04 -0.46 0.20
N ILE A 33 8.25 -0.50 1.25
CA ILE A 33 8.57 -1.42 2.38
C ILE A 33 8.14 -2.85 2.01
N LYS A 34 8.81 -3.83 2.54
CA LYS A 34 8.45 -5.25 2.22
C LYS A 34 7.49 -5.83 3.25
N VAL A 35 6.58 -6.66 2.82
CA VAL A 35 5.61 -7.27 3.79
C VAL A 35 5.41 -8.75 3.44
N THR A 36 5.83 -9.63 4.31
CA THR A 36 5.68 -11.09 4.04
C THR A 36 4.30 -11.58 4.49
N VAL A 37 3.46 -11.97 3.55
CA VAL A 37 2.11 -12.47 3.92
C VAL A 37 2.08 -13.99 3.87
N LYS A 38 1.63 -14.62 4.92
CA LYS A 38 1.58 -16.11 4.93
C LYS A 38 0.14 -16.59 4.67
N THR A 39 -0.05 -17.39 3.65
CA THR A 39 -1.42 -17.88 3.34
C THR A 39 -1.42 -19.41 3.31
N PRO A 40 -2.60 -19.99 3.23
CA PRO A 40 -2.72 -21.47 3.19
C PRO A 40 -2.19 -22.01 1.87
N LYS A 41 -2.02 -21.17 0.88
CA LYS A 41 -1.49 -21.65 -0.43
C LYS A 41 0.04 -21.57 -0.44
N GLU A 42 0.59 -20.45 -0.05
CA GLU A 42 2.07 -20.30 -0.03
C GLU A 42 2.48 -18.97 0.61
N LYS A 43 3.76 -18.76 0.79
CA LYS A 43 4.22 -17.47 1.41
C LYS A 43 4.78 -16.55 0.33
N GLU A 44 4.22 -15.37 0.20
CA GLU A 44 4.72 -14.43 -0.84
C GLU A 44 4.86 -13.02 -0.26
N GLU A 45 5.96 -12.36 -0.57
CA GLU A 45 6.18 -10.98 -0.05
C GLU A 45 5.60 -9.96 -1.03
N PHE A 46 5.17 -8.82 -0.56
CA PHE A 46 4.61 -7.80 -1.48
C PHE A 46 5.34 -6.46 -1.29
N ALA A 47 5.82 -5.87 -2.36
CA ALA A 47 6.52 -4.56 -2.25
C ALA A 47 5.51 -3.43 -2.45
N VAL A 48 5.43 -2.53 -1.51
CA VAL A 48 4.45 -1.42 -1.65
C VAL A 48 5.05 -0.13 -1.08
N PRO A 49 4.56 0.99 -1.58
CA PRO A 49 5.08 2.30 -1.12
C PRO A 49 4.71 2.53 0.34
N GLU A 50 5.70 2.74 1.17
CA GLU A 50 5.46 2.98 2.63
C GLU A 50 4.17 3.80 2.86
N ASN A 51 3.93 4.77 2.03
CA ASN A 51 2.69 5.60 2.20
C ASN A 51 1.51 4.96 1.49
N SER A 52 1.24 3.70 1.77
CA SER A 52 0.09 3.01 1.13
C SER A 52 -0.92 2.56 2.18
N SER A 53 -2.16 2.42 1.81
CA SER A 53 -3.19 1.97 2.80
C SER A 53 -3.53 0.49 2.56
N VAL A 54 -3.86 -0.22 3.60
CA VAL A 54 -4.20 -1.66 3.43
C VAL A 54 -5.39 -1.84 2.49
N GLN A 55 -6.33 -0.93 2.49
CA GLN A 55 -7.51 -1.09 1.58
C GLN A 55 -7.06 -1.41 0.15
N GLN A 56 -6.07 -0.70 -0.35
CA GLN A 56 -5.58 -0.99 -1.73
C GLN A 56 -4.89 -2.36 -1.77
N PHE A 57 -3.97 -2.59 -0.87
CA PHE A 57 -3.24 -3.89 -0.83
C PHE A 57 -4.25 -5.03 -0.60
N LYS A 58 -5.25 -4.80 0.20
CA LYS A 58 -6.26 -5.85 0.48
C LYS A 58 -6.89 -6.32 -0.82
N GLU A 59 -7.14 -5.40 -1.73
CA GLU A 59 -7.74 -5.79 -3.04
C GLU A 59 -6.67 -6.39 -3.94
N ALA A 60 -5.43 -6.08 -3.69
CA ALA A 60 -4.33 -6.62 -4.56
C ALA A 60 -4.28 -8.15 -4.43
N ILE A 61 -4.31 -8.67 -3.23
CA ILE A 61 -4.26 -10.15 -3.06
C ILE A 61 -5.48 -10.79 -3.75
N SER A 62 -6.62 -10.17 -3.65
CA SER A 62 -7.83 -10.74 -4.30
C SER A 62 -7.58 -11.03 -5.78
N LYS A 63 -7.10 -10.05 -6.51
CA LYS A 63 -6.84 -10.26 -7.97
C LYS A 63 -5.67 -11.21 -8.20
N ARG A 64 -4.52 -10.93 -7.63
CA ARG A 64 -3.33 -11.81 -7.85
C ARG A 64 -3.47 -13.15 -7.09
N PHE A 65 -3.71 -13.10 -5.81
CA PHE A 65 -3.85 -14.36 -5.03
C PHE A 65 -5.13 -15.09 -5.43
N LYS A 66 -6.18 -14.36 -5.70
CA LYS A 66 -7.48 -15.00 -6.09
C LYS A 66 -8.12 -15.66 -4.87
N SER A 67 -8.66 -14.87 -3.98
CA SER A 67 -9.31 -15.45 -2.77
C SER A 67 -10.26 -14.41 -2.14
N GLN A 68 -10.51 -14.49 -0.86
CA GLN A 68 -11.41 -13.51 -0.20
C GLN A 68 -10.73 -12.15 -0.12
N THR A 69 -11.35 -11.20 0.55
CA THR A 69 -10.74 -9.85 0.67
C THR A 69 -11.13 -9.21 2.01
N ASP A 70 -12.39 -8.99 2.23
CA ASP A 70 -12.84 -8.37 3.50
C ASP A 70 -12.44 -9.25 4.69
N GLN A 71 -12.98 -10.44 4.76
CA GLN A 71 -12.63 -11.36 5.89
C GLN A 71 -11.13 -11.63 5.90
N LEU A 72 -10.50 -11.55 4.77
CA LEU A 72 -9.03 -11.81 4.70
C LEU A 72 -8.26 -10.78 5.54
N VAL A 73 -7.77 -11.18 6.69
CA VAL A 73 -7.01 -10.24 7.55
C VAL A 73 -5.67 -10.86 7.95
N LEU A 74 -4.72 -10.07 8.38
CA LEU A 74 -3.40 -10.64 8.77
C LEU A 74 -3.18 -10.48 10.27
N ILE A 75 -2.63 -11.48 10.90
CA ILE A 75 -2.39 -11.38 12.37
C ILE A 75 -0.92 -11.05 12.65
N PHE A 76 -0.62 -9.78 12.78
CA PHE A 76 0.79 -9.39 13.04
C PHE A 76 1.01 -9.18 14.56
N ALA A 77 1.85 -10.00 15.15
CA ALA A 77 2.11 -9.85 16.62
C ALA A 77 0.80 -9.88 17.41
N GLY A 78 -0.21 -10.51 16.88
CA GLY A 78 -1.52 -10.57 17.60
C GLY A 78 -2.45 -9.52 17.02
N LYS A 79 -1.94 -8.36 16.70
CA LYS A 79 -2.82 -7.29 16.13
C LYS A 79 -3.41 -7.75 14.79
N ILE A 80 -4.13 -6.90 14.13
CA ILE A 80 -4.74 -7.28 12.82
C ILE A 80 -4.14 -6.46 11.69
N LEU A 81 -3.08 -6.92 11.07
CA LEU A 81 -2.50 -6.13 9.95
C LEU A 81 -3.54 -6.04 8.84
N LYS A 82 -4.33 -5.00 8.86
CA LYS A 82 -5.40 -4.86 7.83
C LYS A 82 -5.75 -3.39 7.61
N ASP A 83 -6.98 -3.10 7.29
CA ASP A 83 -7.39 -1.68 7.07
C ASP A 83 -7.43 -0.92 8.39
N GLN A 84 -7.42 -1.62 9.50
CA GLN A 84 -7.44 -0.94 10.82
C GLN A 84 -6.30 0.07 10.88
N ASP A 85 -5.21 -0.22 10.22
CA ASP A 85 -4.05 0.72 10.22
C ASP A 85 -3.18 0.46 9.00
N THR A 86 -2.35 1.42 8.63
CA THR A 86 -1.47 1.21 7.44
C THR A 86 -0.28 0.33 7.81
N LEU A 87 0.42 -0.19 6.84
CA LEU A 87 1.58 -1.06 7.15
C LEU A 87 2.71 -0.27 7.82
N ILE A 88 3.04 0.88 7.31
CA ILE A 88 4.13 1.69 7.95
C ILE A 88 3.72 2.12 9.36
N GLN A 89 2.45 2.10 9.65
CA GLN A 89 1.99 2.53 11.00
C GLN A 89 1.91 1.33 11.96
N HIS A 90 1.92 0.13 11.43
CA HIS A 90 1.83 -1.06 12.34
C HIS A 90 1.81 -2.37 11.56
N GLY A 91 1.33 -2.37 10.34
CA GLY A 91 1.30 -3.65 9.57
C GLY A 91 2.72 -4.21 9.48
N ILE A 92 3.65 -3.39 9.07
CA ILE A 92 5.05 -3.86 9.00
C ILE A 92 5.97 -2.66 9.28
N HIS A 93 7.24 -2.89 9.41
CA HIS A 93 8.17 -1.76 9.68
C HIS A 93 9.19 -1.67 8.53
N ASP A 94 9.57 -2.80 7.97
CA ASP A 94 10.55 -2.78 6.84
C ASP A 94 10.81 -4.22 6.37
N GLY A 95 9.81 -5.06 6.42
CA GLY A 95 10.02 -6.48 5.98
C GLY A 95 9.73 -7.42 7.15
N LEU A 96 8.49 -7.54 7.56
CA LEU A 96 8.16 -8.45 8.69
C LEU A 96 7.29 -9.61 8.19
N THR A 97 6.78 -10.41 9.10
CA THR A 97 5.93 -11.57 8.68
C THR A 97 4.64 -11.60 9.50
N VAL A 98 3.56 -12.03 8.91
CA VAL A 98 2.26 -12.08 9.65
C VAL A 98 1.45 -13.31 9.22
N HIS A 99 0.66 -13.85 10.12
CA HIS A 99 -0.17 -15.05 9.77
C HIS A 99 -1.52 -14.63 9.24
N LEU A 100 -1.83 -14.97 8.02
CA LEU A 100 -3.16 -14.59 7.43
C LEU A 100 -4.27 -15.48 7.98
N VAL A 101 -5.46 -14.96 8.09
CA VAL A 101 -6.60 -15.78 8.61
C VAL A 101 -7.91 -15.01 8.44
N ILE A 102 -8.96 -15.69 8.04
CA ILE A 102 -10.27 -14.99 7.86
C ILE A 102 -11.16 -15.23 9.09
N LYS A 103 -11.66 -14.17 9.68
CA LYS A 103 -12.53 -14.34 10.88
C LYS A 103 -13.99 -14.10 10.49
N MET A 1 -11.91 6.94 -9.62
CA MET A 1 -11.94 7.95 -10.74
C MET A 1 -10.69 7.82 -11.60
N ALA A 2 -10.71 6.95 -12.57
CA ALA A 2 -9.53 6.77 -13.46
C ALA A 2 -9.64 7.70 -14.67
N GLU A 3 -8.91 8.79 -14.67
CA GLU A 3 -8.98 9.73 -15.83
C GLU A 3 -7.83 9.46 -16.79
N ASN A 4 -7.51 8.22 -17.01
CA ASN A 4 -6.39 7.87 -17.94
C ASN A 4 -6.94 7.52 -19.32
N GLY A 5 -8.08 8.05 -19.67
CA GLY A 5 -8.69 7.74 -21.00
C GLY A 5 -7.78 8.29 -22.11
N GLU A 6 -8.26 8.34 -23.32
CA GLU A 6 -7.43 8.86 -24.44
C GLU A 6 -7.31 10.38 -24.35
N SER A 7 -8.41 11.05 -24.12
CA SER A 7 -8.36 12.55 -24.03
C SER A 7 -8.74 13.00 -22.61
N SER A 8 -9.51 12.22 -21.91
CA SER A 8 -9.92 12.60 -20.52
C SER A 8 -10.57 13.98 -20.52
N GLY A 9 -11.03 14.43 -19.37
CA GLY A 9 -11.66 15.78 -19.31
C GLY A 9 -12.62 15.83 -18.11
N PRO A 10 -12.11 16.31 -16.99
CA PRO A 10 -12.94 16.40 -15.77
C PRO A 10 -13.97 17.52 -15.90
N PRO A 11 -15.01 17.44 -15.11
CA PRO A 11 -16.08 18.46 -15.15
C PRO A 11 -15.59 19.77 -14.51
N ARG A 12 -16.49 20.66 -14.19
CA ARG A 12 -16.08 21.95 -13.56
C ARG A 12 -15.41 21.70 -12.20
N PRO A 13 -16.14 21.05 -11.31
CA PRO A 13 -15.58 20.75 -9.96
C PRO A 13 -14.51 19.66 -10.05
N SER A 14 -13.93 19.30 -8.94
CA SER A 14 -12.87 18.25 -8.94
C SER A 14 -13.11 17.26 -7.79
N ARG A 15 -13.45 17.76 -6.64
CA ARG A 15 -13.68 16.86 -5.46
C ARG A 15 -12.46 15.96 -5.22
N GLY A 16 -12.50 15.16 -4.19
CA GLY A 16 -11.34 14.27 -3.90
C GLY A 16 -11.68 13.36 -2.71
N PRO A 17 -10.68 13.06 -1.92
CA PRO A 17 -10.89 12.18 -0.74
C PRO A 17 -11.66 12.93 0.35
N ALA A 18 -12.89 13.28 0.10
CA ALA A 18 -13.71 14.02 1.11
C ALA A 18 -13.00 15.30 1.54
N ALA A 19 -12.12 15.23 2.51
CA ALA A 19 -11.40 16.45 2.98
C ALA A 19 -12.41 17.53 3.41
N ALA A 20 -11.92 18.61 3.95
CA ALA A 20 -12.84 19.70 4.39
C ALA A 20 -12.35 21.06 3.86
N GLN A 21 -11.08 21.31 3.96
CA GLN A 21 -10.54 22.61 3.46
C GLN A 21 -9.18 22.40 2.79
N GLY A 22 -8.21 21.92 3.52
CA GLY A 22 -6.87 21.69 2.92
C GLY A 22 -6.93 20.49 1.96
N SER A 23 -6.40 20.63 0.78
CA SER A 23 -6.42 19.51 -0.19
C SER A 23 -5.00 19.20 -0.68
N ALA A 24 -4.09 18.95 0.22
CA ALA A 24 -2.70 18.65 -0.18
C ALA A 24 -2.64 17.30 -0.93
N ALA A 25 -1.96 17.26 -2.04
CA ALA A 25 -1.87 15.99 -2.81
C ALA A 25 -0.44 15.46 -2.79
N ALA A 26 -0.25 14.20 -3.10
CA ALA A 26 1.12 13.62 -3.09
C ALA A 26 1.52 13.18 -4.51
N PRO A 27 2.79 13.27 -4.80
CA PRO A 27 3.29 12.88 -6.14
C PRO A 27 3.31 11.36 -6.28
N ALA A 28 3.94 10.67 -5.35
CA ALA A 28 3.99 9.19 -5.43
C ALA A 28 4.56 8.62 -4.13
N GLU A 29 5.67 9.16 -3.66
CA GLU A 29 6.28 8.65 -2.40
C GLU A 29 6.48 7.13 -2.46
N PRO A 30 7.55 6.73 -3.09
CA PRO A 30 7.85 5.28 -3.21
C PRO A 30 8.27 4.70 -1.87
N LYS A 31 9.56 4.64 -1.58
CA LYS A 31 9.99 4.05 -0.28
C LYS A 31 9.19 2.78 -0.04
N ILE A 32 9.00 2.01 -1.07
CA ILE A 32 8.19 0.77 -0.96
C ILE A 32 8.76 -0.16 0.11
N ILE A 33 8.00 -0.45 1.13
CA ILE A 33 8.49 -1.37 2.21
C ILE A 33 8.17 -2.82 1.83
N LYS A 34 8.96 -3.75 2.30
CA LYS A 34 8.71 -5.18 1.95
C LYS A 34 7.81 -5.84 3.00
N VAL A 35 6.96 -6.74 2.58
CA VAL A 35 6.05 -7.42 3.54
C VAL A 35 5.94 -8.90 3.21
N THR A 36 5.92 -9.75 4.20
CA THR A 36 5.82 -11.22 3.94
C THR A 36 4.44 -11.73 4.37
N VAL A 37 3.57 -11.98 3.42
CA VAL A 37 2.21 -12.48 3.77
C VAL A 37 2.17 -14.01 3.69
N LYS A 38 1.72 -14.64 4.73
CA LYS A 38 1.65 -16.13 4.73
C LYS A 38 0.22 -16.59 4.44
N THR A 39 0.04 -17.37 3.41
CA THR A 39 -1.33 -17.86 3.06
C THR A 39 -1.41 -19.38 3.26
N PRO A 40 -2.62 -19.89 3.26
CA PRO A 40 -2.82 -21.36 3.44
C PRO A 40 -2.36 -22.11 2.19
N LYS A 41 -1.10 -22.01 1.85
CA LYS A 41 -0.57 -22.72 0.65
C LYS A 41 0.93 -22.49 0.53
N GLU A 42 1.37 -21.28 0.75
CA GLU A 42 2.83 -20.98 0.65
C GLU A 42 3.12 -19.58 1.21
N LYS A 43 4.30 -19.07 1.00
CA LYS A 43 4.64 -17.71 1.51
C LYS A 43 5.09 -16.80 0.37
N GLU A 44 4.52 -15.64 0.25
CA GLU A 44 4.92 -14.72 -0.86
C GLU A 44 5.09 -13.29 -0.32
N GLU A 45 6.15 -12.63 -0.71
CA GLU A 45 6.38 -11.24 -0.23
C GLU A 45 5.78 -10.24 -1.22
N PHE A 46 5.36 -9.10 -0.75
CA PHE A 46 4.77 -8.09 -1.67
C PHE A 46 5.43 -6.73 -1.48
N ALA A 47 5.59 -5.98 -2.55
CA ALA A 47 6.23 -4.64 -2.44
C ALA A 47 5.14 -3.57 -2.44
N VAL A 48 5.15 -2.68 -1.49
CA VAL A 48 4.09 -1.63 -1.45
C VAL A 48 4.70 -0.30 -1.01
N PRO A 49 4.18 0.78 -1.55
CA PRO A 49 4.70 2.11 -1.21
C PRO A 49 4.38 2.46 0.25
N GLU A 50 5.39 2.73 1.03
CA GLU A 50 5.22 3.05 2.48
C GLU A 50 3.87 3.75 2.77
N ASN A 51 3.45 4.64 1.91
CA ASN A 51 2.15 5.35 2.17
C ASN A 51 1.00 4.58 1.50
N SER A 52 0.92 3.30 1.71
CA SER A 52 -0.18 2.51 1.10
C SER A 52 -1.10 1.96 2.18
N SER A 53 -2.32 2.42 2.23
CA SER A 53 -3.27 1.91 3.27
C SER A 53 -3.57 0.43 3.02
N VAL A 54 -3.80 -0.32 4.06
CA VAL A 54 -4.10 -1.77 3.87
C VAL A 54 -5.29 -1.97 2.94
N GLN A 55 -6.26 -1.09 2.98
CA GLN A 55 -7.46 -1.27 2.10
C GLN A 55 -7.01 -1.53 0.65
N GLN A 56 -6.04 -0.81 0.16
CA GLN A 56 -5.56 -1.04 -1.23
C GLN A 56 -4.86 -2.40 -1.33
N PHE A 57 -3.89 -2.63 -0.48
CA PHE A 57 -3.16 -3.93 -0.50
C PHE A 57 -4.13 -5.09 -0.24
N LYS A 58 -5.10 -4.89 0.60
CA LYS A 58 -6.08 -5.97 0.91
C LYS A 58 -6.75 -6.42 -0.39
N GLU A 59 -7.13 -5.49 -1.22
CA GLU A 59 -7.79 -5.87 -2.50
C GLU A 59 -6.76 -6.39 -3.50
N ALA A 60 -5.52 -6.03 -3.32
CA ALA A 60 -4.45 -6.50 -4.26
C ALA A 60 -4.34 -8.02 -4.19
N ILE A 61 -4.29 -8.58 -3.00
CA ILE A 61 -4.19 -10.07 -2.87
C ILE A 61 -5.40 -10.73 -3.53
N SER A 62 -6.57 -10.16 -3.36
CA SER A 62 -7.77 -10.78 -3.98
C SER A 62 -7.57 -10.98 -5.48
N LYS A 63 -7.16 -9.96 -6.18
CA LYS A 63 -6.95 -10.09 -7.65
C LYS A 63 -5.75 -11.00 -7.98
N ARG A 64 -4.59 -10.70 -7.44
CA ARG A 64 -3.39 -11.54 -7.74
C ARG A 64 -3.47 -12.91 -7.05
N PHE A 65 -3.67 -12.93 -5.76
CA PHE A 65 -3.74 -14.23 -5.03
C PHE A 65 -5.01 -14.99 -5.43
N LYS A 66 -6.09 -14.27 -5.65
CA LYS A 66 -7.38 -14.93 -6.04
C LYS A 66 -7.98 -15.65 -4.82
N SER A 67 -8.56 -14.92 -3.91
CA SER A 67 -9.17 -15.55 -2.71
C SER A 67 -10.15 -14.56 -2.04
N GLN A 68 -10.36 -14.69 -0.76
CA GLN A 68 -11.30 -13.75 -0.07
C GLN A 68 -10.68 -12.37 0.04
N THR A 69 -11.47 -11.37 0.35
CA THR A 69 -10.91 -9.99 0.47
C THR A 69 -11.49 -9.31 1.72
N ASP A 70 -12.78 -9.16 1.79
CA ASP A 70 -13.41 -8.50 2.98
C ASP A 70 -13.01 -9.23 4.26
N GLN A 71 -13.54 -10.40 4.47
CA GLN A 71 -13.18 -11.17 5.70
C GLN A 71 -11.68 -11.41 5.76
N LEU A 72 -11.03 -11.42 4.63
CA LEU A 72 -9.55 -11.65 4.62
C LEU A 72 -8.82 -10.59 5.44
N VAL A 73 -7.98 -11.00 6.34
CA VAL A 73 -7.21 -10.04 7.18
C VAL A 73 -5.88 -10.67 7.59
N LEU A 74 -4.96 -9.90 8.12
CA LEU A 74 -3.66 -10.48 8.52
C LEU A 74 -3.45 -10.32 10.03
N ILE A 75 -3.04 -11.36 10.69
CA ILE A 75 -2.81 -11.27 12.16
C ILE A 75 -1.37 -10.87 12.45
N PHE A 76 -1.15 -9.62 12.76
CA PHE A 76 0.24 -9.15 13.06
C PHE A 76 0.72 -9.73 14.39
N ALA A 77 0.83 -11.03 14.49
CA ALA A 77 1.31 -11.66 15.75
C ALA A 77 0.52 -11.12 16.96
N GLY A 78 -0.69 -10.68 16.74
CA GLY A 78 -1.50 -10.15 17.87
C GLY A 78 -2.42 -9.04 17.37
N LYS A 79 -1.90 -8.11 16.62
CA LYS A 79 -2.75 -7.00 16.10
C LYS A 79 -3.49 -7.45 14.83
N ILE A 80 -4.07 -6.54 14.10
CA ILE A 80 -4.80 -6.91 12.86
C ILE A 80 -4.21 -6.17 11.67
N LEU A 81 -3.32 -6.78 10.95
CA LEU A 81 -2.75 -6.09 9.76
C LEU A 81 -3.88 -5.90 8.74
N LYS A 82 -4.68 -4.90 8.95
CA LYS A 82 -5.83 -4.65 8.04
C LYS A 82 -6.00 -3.15 7.81
N ASP A 83 -7.18 -2.73 7.43
CA ASP A 83 -7.42 -1.28 7.20
C ASP A 83 -7.44 -0.52 8.54
N GLN A 84 -7.56 -1.23 9.62
CA GLN A 84 -7.57 -0.56 10.95
C GLN A 84 -6.30 0.25 11.16
N ASP A 85 -5.20 -0.22 10.61
CA ASP A 85 -3.91 0.53 10.79
C ASP A 85 -3.06 0.44 9.52
N THR A 86 -2.07 1.28 9.39
CA THR A 86 -1.18 1.24 8.19
C THR A 86 0.06 0.39 8.48
N LEU A 87 0.65 -0.18 7.46
CA LEU A 87 1.86 -1.03 7.69
C LEU A 87 3.04 -0.17 8.17
N ILE A 88 3.29 0.94 7.53
CA ILE A 88 4.41 1.80 7.99
C ILE A 88 4.14 2.31 9.39
N GLN A 89 2.91 2.29 9.81
CA GLN A 89 2.56 2.78 11.17
C GLN A 89 2.66 1.64 12.19
N HIS A 90 2.63 0.41 11.75
CA HIS A 90 2.70 -0.73 12.73
C HIS A 90 2.64 -2.09 12.04
N GLY A 91 2.01 -2.18 10.90
CA GLY A 91 1.92 -3.50 10.22
C GLY A 91 3.33 -4.04 9.97
N ILE A 92 4.18 -3.25 9.40
CA ILE A 92 5.57 -3.70 9.16
C ILE A 92 6.49 -2.48 9.22
N HIS A 93 7.77 -2.69 9.38
CA HIS A 93 8.69 -1.52 9.43
C HIS A 93 9.61 -1.54 8.20
N ASP A 94 9.91 -2.70 7.69
CA ASP A 94 10.79 -2.81 6.48
C ASP A 94 10.99 -4.29 6.11
N GLY A 95 9.96 -5.09 6.25
CA GLY A 95 10.09 -6.53 5.92
C GLY A 95 9.69 -7.37 7.13
N LEU A 96 8.43 -7.45 7.43
CA LEU A 96 7.98 -8.25 8.60
C LEU A 96 7.12 -9.44 8.14
N THR A 97 6.81 -10.34 9.04
CA THR A 97 5.98 -11.52 8.66
C THR A 97 4.63 -11.48 9.38
N VAL A 98 3.58 -11.92 8.74
CA VAL A 98 2.24 -11.89 9.40
C VAL A 98 1.39 -13.09 8.93
N HIS A 99 0.45 -13.51 9.73
CA HIS A 99 -0.40 -14.67 9.33
C HIS A 99 -1.65 -14.18 8.58
N LEU A 100 -2.09 -14.93 7.61
CA LEU A 100 -3.31 -14.51 6.84
C LEU A 100 -4.53 -15.30 7.33
N VAL A 101 -5.54 -14.62 7.78
CA VAL A 101 -6.76 -15.33 8.26
C VAL A 101 -8.03 -14.59 7.80
N ILE A 102 -9.10 -15.30 7.61
CA ILE A 102 -10.37 -14.64 7.16
C ILE A 102 -11.37 -14.61 8.32
N LYS A 103 -11.85 -13.44 8.66
CA LYS A 103 -12.84 -13.34 9.78
C LYS A 103 -14.17 -12.81 9.26
N MET A 1 18.35 -23.05 -8.93
CA MET A 1 18.39 -21.99 -9.98
C MET A 1 17.15 -21.11 -9.89
N ALA A 2 17.18 -19.96 -10.52
CA ALA A 2 16.00 -19.05 -10.49
C ALA A 2 15.94 -18.20 -11.76
N GLU A 3 17.00 -17.48 -12.04
CA GLU A 3 17.02 -16.62 -13.27
C GLU A 3 15.78 -15.72 -13.31
N ASN A 4 15.80 -14.65 -12.57
CA ASN A 4 14.61 -13.73 -12.57
C ASN A 4 14.54 -12.98 -13.89
N GLY A 5 13.59 -13.32 -14.73
CA GLY A 5 13.45 -12.63 -16.04
C GLY A 5 12.99 -11.19 -15.81
N GLU A 6 13.87 -10.25 -15.95
CA GLU A 6 13.48 -8.82 -15.74
C GLU A 6 13.73 -8.01 -17.03
N SER A 7 12.81 -7.15 -17.37
CA SER A 7 12.99 -6.32 -18.61
C SER A 7 12.77 -4.84 -18.29
N SER A 8 13.75 -4.02 -18.57
CA SER A 8 13.59 -2.56 -18.29
C SER A 8 13.00 -1.84 -19.51
N GLY A 9 13.00 -0.53 -19.50
CA GLY A 9 12.43 0.22 -20.65
C GLY A 9 12.29 1.70 -20.27
N PRO A 10 11.46 2.40 -21.00
CA PRO A 10 11.24 3.84 -20.73
C PRO A 10 10.40 4.02 -19.46
N PRO A 11 10.83 4.92 -18.60
CA PRO A 11 10.10 5.17 -17.34
C PRO A 11 8.80 5.93 -17.62
N ARG A 12 8.78 6.73 -18.66
CA ARG A 12 7.55 7.50 -18.98
C ARG A 12 6.87 6.92 -20.23
N PRO A 13 5.92 6.05 -20.00
CA PRO A 13 5.19 5.42 -21.13
C PRO A 13 4.24 6.42 -21.79
N SER A 14 3.54 6.01 -22.81
CA SER A 14 2.60 6.95 -23.49
C SER A 14 1.33 6.19 -23.93
N ARG A 15 0.90 5.24 -23.14
CA ARG A 15 -0.32 4.48 -23.50
C ARG A 15 -0.83 3.69 -22.30
N GLY A 16 -0.97 4.33 -21.17
CA GLY A 16 -1.45 3.62 -19.95
C GLY A 16 -1.21 4.49 -18.72
N PRO A 17 -1.98 5.54 -18.60
CA PRO A 17 -1.83 6.47 -17.45
C PRO A 17 -2.38 5.81 -16.17
N ALA A 18 -1.80 6.14 -15.05
CA ALA A 18 -2.29 5.54 -13.77
C ALA A 18 -2.96 6.61 -12.91
N ALA A 19 -2.48 7.82 -12.97
CA ALA A 19 -3.11 8.91 -12.15
C ALA A 19 -3.67 10.00 -13.08
N ALA A 20 -2.82 10.73 -13.74
CA ALA A 20 -3.30 11.80 -14.65
C ALA A 20 -2.41 11.88 -15.90
N GLN A 21 -1.20 12.34 -15.74
CA GLN A 21 -0.28 12.44 -16.91
C GLN A 21 0.94 11.51 -16.72
N GLY A 22 1.81 11.85 -15.81
CA GLY A 22 3.01 10.99 -15.58
C GLY A 22 2.74 10.06 -14.39
N SER A 23 3.72 9.30 -13.99
CA SER A 23 3.53 8.37 -12.85
C SER A 23 4.44 8.77 -11.68
N ALA A 24 3.92 8.76 -10.48
CA ALA A 24 4.75 9.14 -9.29
C ALA A 24 5.42 10.50 -9.52
N ALA A 25 4.76 11.56 -9.20
CA ALA A 25 5.35 12.91 -9.40
C ALA A 25 4.84 13.89 -8.33
N ALA A 26 3.56 13.89 -8.09
CA ALA A 26 2.99 14.81 -7.06
C ALA A 26 3.44 14.38 -5.66
N PRO A 27 3.18 13.15 -5.32
CA PRO A 27 3.57 12.64 -3.98
C PRO A 27 5.09 12.40 -3.93
N ALA A 28 5.59 11.99 -2.79
CA ALA A 28 7.06 11.74 -2.67
C ALA A 28 7.36 10.88 -1.44
N GLU A 29 7.18 9.60 -1.54
CA GLU A 29 7.45 8.72 -0.36
C GLU A 29 7.59 7.26 -0.83
N PRO A 30 8.66 7.02 -1.57
CA PRO A 30 8.93 5.65 -2.08
C PRO A 30 9.61 4.79 -1.03
N LYS A 31 9.36 5.02 0.23
CA LYS A 31 9.97 4.16 1.27
C LYS A 31 9.28 2.81 1.17
N ILE A 32 9.54 2.10 0.11
CA ILE A 32 8.86 0.78 -0.10
C ILE A 32 9.14 -0.16 1.07
N ILE A 33 8.10 -0.71 1.64
CA ILE A 33 8.28 -1.66 2.78
C ILE A 33 7.92 -3.08 2.34
N LYS A 34 8.63 -4.06 2.85
CA LYS A 34 8.34 -5.46 2.44
C LYS A 34 7.40 -6.13 3.44
N VAL A 35 6.53 -6.98 2.97
CA VAL A 35 5.58 -7.69 3.88
C VAL A 35 5.50 -9.17 3.51
N THR A 36 5.96 -10.03 4.38
CA THR A 36 5.91 -11.49 4.07
C THR A 36 4.56 -12.06 4.46
N VAL A 37 3.69 -12.28 3.51
CA VAL A 37 2.35 -12.85 3.84
C VAL A 37 2.36 -14.37 3.67
N LYS A 38 1.94 -15.08 4.67
CA LYS A 38 1.93 -16.58 4.57
C LYS A 38 0.49 -17.09 4.52
N THR A 39 0.15 -17.81 3.49
CA THR A 39 -1.24 -18.35 3.38
C THR A 39 -1.19 -19.88 3.30
N PRO A 40 -2.34 -20.51 3.43
CA PRO A 40 -2.40 -21.98 3.38
C PRO A 40 -2.11 -22.48 1.96
N LYS A 41 -2.07 -21.59 1.00
CA LYS A 41 -1.80 -22.02 -0.41
C LYS A 41 -0.33 -21.77 -0.75
N GLU A 42 0.21 -20.65 -0.34
CA GLU A 42 1.64 -20.35 -0.65
C GLU A 42 2.09 -19.09 0.11
N LYS A 43 3.37 -18.95 0.32
CA LYS A 43 3.88 -17.74 1.05
C LYS A 43 4.59 -16.79 0.07
N GLU A 44 4.09 -15.60 -0.08
CA GLU A 44 4.72 -14.63 -1.02
C GLU A 44 4.85 -13.25 -0.38
N GLU A 45 5.97 -12.62 -0.53
CA GLU A 45 6.16 -11.25 0.05
C GLU A 45 5.60 -10.21 -0.92
N PHE A 46 5.20 -9.08 -0.43
CA PHE A 46 4.64 -8.03 -1.33
C PHE A 46 5.34 -6.68 -1.09
N ALA A 47 5.82 -6.06 -2.15
CA ALA A 47 6.49 -4.74 -2.01
C ALA A 47 5.45 -3.64 -2.17
N VAL A 48 5.40 -2.71 -1.28
CA VAL A 48 4.38 -1.63 -1.40
C VAL A 48 4.95 -0.28 -0.94
N PRO A 49 4.41 0.78 -1.46
CA PRO A 49 4.87 2.14 -1.10
C PRO A 49 4.44 2.47 0.33
N GLU A 50 5.39 2.74 1.19
CA GLU A 50 5.07 3.09 2.61
C GLU A 50 3.78 3.93 2.70
N ASN A 51 3.58 4.81 1.76
CA ASN A 51 2.36 5.65 1.79
C ASN A 51 1.16 4.90 1.18
N SER A 52 0.93 3.69 1.61
CA SER A 52 -0.22 2.91 1.07
C SER A 52 -1.11 2.40 2.22
N SER A 53 -2.40 2.42 2.02
CA SER A 53 -3.32 1.93 3.10
C SER A 53 -3.63 0.45 2.90
N VAL A 54 -4.01 -0.24 3.94
CA VAL A 54 -4.33 -1.69 3.80
C VAL A 54 -5.47 -1.90 2.80
N GLN A 55 -6.41 -1.00 2.74
CA GLN A 55 -7.55 -1.19 1.78
C GLN A 55 -7.02 -1.52 0.37
N GLN A 56 -6.00 -0.85 -0.06
CA GLN A 56 -5.44 -1.14 -1.42
C GLN A 56 -4.76 -2.51 -1.42
N PHE A 57 -3.83 -2.72 -0.52
CA PHE A 57 -3.13 -4.04 -0.45
C PHE A 57 -4.13 -5.17 -0.20
N LYS A 58 -5.14 -4.91 0.59
CA LYS A 58 -6.16 -5.96 0.89
C LYS A 58 -6.78 -6.44 -0.41
N GLU A 59 -7.03 -5.55 -1.33
CA GLU A 59 -7.63 -5.95 -2.63
C GLU A 59 -6.54 -6.52 -3.55
N ALA A 60 -5.30 -6.22 -3.27
CA ALA A 60 -4.20 -6.74 -4.13
C ALA A 60 -4.14 -8.26 -4.06
N ILE A 61 -4.14 -8.81 -2.87
CA ILE A 61 -4.10 -10.29 -2.73
C ILE A 61 -5.33 -10.91 -3.40
N SER A 62 -6.45 -10.26 -3.32
CA SER A 62 -7.68 -10.82 -3.96
C SER A 62 -7.43 -11.13 -5.44
N LYS A 63 -6.92 -10.17 -6.18
CA LYS A 63 -6.66 -10.41 -7.63
C LYS A 63 -5.53 -11.41 -7.85
N ARG A 64 -4.37 -11.18 -7.28
CA ARG A 64 -3.23 -12.12 -7.48
C ARG A 64 -3.45 -13.45 -6.74
N PHE A 65 -3.70 -13.39 -5.46
CA PHE A 65 -3.91 -14.64 -4.68
C PHE A 65 -5.21 -15.31 -5.10
N LYS A 66 -6.23 -14.54 -5.41
CA LYS A 66 -7.54 -15.11 -5.83
C LYS A 66 -8.21 -15.81 -4.64
N SER A 67 -8.86 -15.05 -3.79
CA SER A 67 -9.54 -15.66 -2.60
C SER A 67 -10.65 -14.74 -2.11
N GLN A 68 -10.30 -13.65 -1.47
CA GLN A 68 -11.34 -12.72 -0.96
C GLN A 68 -10.70 -11.38 -0.57
N THR A 69 -11.41 -10.55 0.16
CA THR A 69 -10.83 -9.24 0.56
C THR A 69 -11.48 -8.75 1.87
N ASP A 70 -12.79 -8.73 1.93
CA ASP A 70 -13.47 -8.27 3.18
C ASP A 70 -13.00 -9.08 4.38
N GLN A 71 -13.48 -10.30 4.51
CA GLN A 71 -13.05 -11.15 5.65
C GLN A 71 -11.53 -11.33 5.66
N LEU A 72 -10.91 -11.21 4.52
CA LEU A 72 -9.43 -11.38 4.45
C LEU A 72 -8.72 -10.42 5.41
N VAL A 73 -8.24 -10.92 6.52
CA VAL A 73 -7.53 -10.04 7.50
C VAL A 73 -6.16 -10.65 7.83
N LEU A 74 -5.23 -9.86 8.27
CA LEU A 74 -3.88 -10.43 8.59
C LEU A 74 -3.56 -10.21 10.06
N ILE A 75 -2.94 -11.18 10.69
CA ILE A 75 -2.58 -11.04 12.13
C ILE A 75 -1.11 -10.68 12.30
N PHE A 76 -0.79 -9.42 12.39
CA PHE A 76 0.64 -9.02 12.56
C PHE A 76 1.03 -9.07 14.03
N ALA A 77 1.62 -10.17 14.46
CA ALA A 77 2.04 -10.29 15.89
C ALA A 77 0.87 -10.00 16.83
N GLY A 78 -0.28 -10.56 16.56
CA GLY A 78 -1.45 -10.30 17.44
C GLY A 78 -2.27 -9.14 16.87
N LYS A 79 -1.63 -8.08 16.48
CA LYS A 79 -2.37 -6.91 15.91
C LYS A 79 -3.17 -7.35 14.68
N ILE A 80 -3.88 -6.44 14.07
CA ILE A 80 -4.68 -6.81 12.86
C ILE A 80 -4.17 -6.08 11.63
N LEU A 81 -3.28 -6.67 10.88
CA LEU A 81 -2.80 -6.00 9.64
C LEU A 81 -4.00 -5.88 8.69
N LYS A 82 -4.81 -4.88 8.89
CA LYS A 82 -6.02 -4.72 8.04
C LYS A 82 -6.31 -3.24 7.79
N ASP A 83 -7.50 -2.93 7.40
CA ASP A 83 -7.86 -1.51 7.13
C ASP A 83 -7.99 -0.74 8.44
N GLN A 84 -8.10 -1.43 9.55
CA GLN A 84 -8.22 -0.74 10.86
C GLN A 84 -7.09 0.27 11.02
N ASP A 85 -5.94 -0.02 10.46
CA ASP A 85 -4.79 0.92 10.56
C ASP A 85 -4.06 0.99 9.23
N THR A 86 -3.16 1.93 9.07
CA THR A 86 -2.41 2.03 7.79
C THR A 86 -1.31 0.97 7.76
N LEU A 87 -1.02 0.43 6.59
CA LEU A 87 0.04 -0.61 6.50
C LEU A 87 1.35 -0.07 7.08
N ILE A 88 1.70 1.12 6.69
CA ILE A 88 2.95 1.75 7.22
C ILE A 88 2.75 2.16 8.67
N GLN A 89 1.54 2.46 9.05
CA GLN A 89 1.27 2.91 10.44
C GLN A 89 1.29 1.75 11.43
N HIS A 90 1.40 0.52 10.97
CA HIS A 90 1.39 -0.62 11.95
C HIS A 90 1.56 -1.96 11.25
N GLY A 91 0.98 -2.13 10.10
CA GLY A 91 1.09 -3.44 9.41
C GLY A 91 2.55 -3.76 9.12
N ILE A 92 3.30 -2.84 8.60
CA ILE A 92 4.73 -3.11 8.30
C ILE A 92 5.59 -1.88 8.58
N HIS A 93 6.85 -2.08 8.83
CA HIS A 93 7.76 -0.93 9.10
C HIS A 93 8.81 -0.85 7.98
N ASP A 94 9.32 -1.99 7.58
CA ASP A 94 10.34 -2.02 6.49
C ASP A 94 10.73 -3.48 6.18
N GLY A 95 9.81 -4.38 6.29
CA GLY A 95 10.12 -5.82 6.02
C GLY A 95 9.76 -6.67 7.23
N LEU A 96 8.49 -6.84 7.49
CA LEU A 96 8.08 -7.66 8.68
C LEU A 96 7.28 -8.89 8.23
N THR A 97 6.94 -9.76 9.14
CA THR A 97 6.17 -10.98 8.77
C THR A 97 4.80 -10.97 9.45
N VAL A 98 3.80 -11.51 8.80
CA VAL A 98 2.44 -11.53 9.41
C VAL A 98 1.65 -12.76 8.93
N HIS A 99 0.75 -13.26 9.74
CA HIS A 99 -0.04 -14.47 9.34
C HIS A 99 -1.32 -14.04 8.62
N LEU A 100 -1.62 -14.65 7.50
CA LEU A 100 -2.86 -14.29 6.76
C LEU A 100 -4.00 -15.25 7.13
N VAL A 101 -5.14 -14.72 7.48
CA VAL A 101 -6.29 -15.60 7.85
C VAL A 101 -7.59 -14.78 7.88
N ILE A 102 -8.68 -15.38 7.49
CA ILE A 102 -9.97 -14.64 7.50
C ILE A 102 -10.54 -14.55 8.91
N LYS A 103 -11.04 -13.41 9.30
CA LYS A 103 -11.61 -13.26 10.67
C LYS A 103 -13.13 -13.07 10.60
N MET A 1 -19.87 55.49 -24.18
CA MET A 1 -18.64 56.14 -24.76
C MET A 1 -17.39 55.41 -24.27
N ALA A 2 -16.24 55.97 -24.54
CA ALA A 2 -14.97 55.31 -24.10
C ALA A 2 -14.22 56.22 -23.11
N GLU A 3 -14.38 55.98 -21.84
CA GLU A 3 -13.68 56.82 -20.84
C GLU A 3 -12.50 56.05 -20.22
N ASN A 4 -11.86 56.61 -19.24
CA ASN A 4 -10.71 55.92 -18.60
C ASN A 4 -11.12 55.38 -17.21
N GLY A 5 -10.17 54.89 -16.45
CA GLY A 5 -10.50 54.36 -15.10
C GLY A 5 -10.56 52.83 -15.15
N GLU A 6 -9.51 52.18 -14.73
CA GLU A 6 -9.50 50.68 -14.75
C GLU A 6 -9.03 50.14 -13.41
N SER A 7 -8.89 48.85 -13.30
CA SER A 7 -8.43 48.25 -12.00
C SER A 7 -6.91 48.38 -11.88
N SER A 8 -6.45 49.20 -10.97
CA SER A 8 -4.98 49.38 -10.79
C SER A 8 -4.34 48.06 -10.36
N GLY A 9 -3.98 47.24 -11.31
CA GLY A 9 -3.34 45.93 -10.96
C GLY A 9 -4.38 45.02 -10.27
N PRO A 10 -3.90 43.96 -9.67
CA PRO A 10 -4.79 43.01 -8.97
C PRO A 10 -5.30 43.63 -7.66
N PRO A 11 -6.60 43.64 -7.48
CA PRO A 11 -7.20 44.20 -6.25
C PRO A 11 -6.94 43.27 -5.06
N ARG A 12 -7.14 41.99 -5.24
CA ARG A 12 -6.92 41.03 -4.12
C ARG A 12 -6.27 39.74 -4.64
N PRO A 13 -5.29 39.26 -3.91
CA PRO A 13 -4.59 38.02 -4.33
C PRO A 13 -5.48 36.79 -4.09
N SER A 14 -6.08 36.26 -5.12
CA SER A 14 -6.95 35.07 -4.95
C SER A 14 -6.19 33.80 -5.31
N ARG A 15 -4.91 33.75 -5.03
CA ARG A 15 -4.12 32.53 -5.35
C ARG A 15 -2.85 32.49 -4.50
N GLY A 16 -2.18 33.60 -4.34
CA GLY A 16 -0.94 33.62 -3.51
C GLY A 16 0.28 33.79 -4.43
N PRO A 17 0.48 35.01 -4.85
CA PRO A 17 1.64 35.31 -5.74
C PRO A 17 2.95 35.28 -4.95
N ALA A 18 3.62 34.17 -4.95
CA ALA A 18 4.91 34.08 -4.21
C ALA A 18 6.01 33.48 -5.10
N ALA A 19 6.03 32.19 -5.25
CA ALA A 19 7.07 31.55 -6.11
C ALA A 19 6.79 30.05 -6.25
N ALA A 20 7.08 29.29 -5.23
CA ALA A 20 6.84 27.81 -5.29
C ALA A 20 5.84 27.40 -4.21
N GLN A 21 4.74 28.10 -4.11
CA GLN A 21 3.72 27.75 -3.07
C GLN A 21 2.99 26.46 -3.47
N GLY A 22 3.47 25.34 -3.00
CA GLY A 22 2.81 24.04 -3.34
C GLY A 22 1.93 23.60 -2.18
N SER A 23 0.68 23.34 -2.43
CA SER A 23 -0.23 22.90 -1.33
C SER A 23 -0.77 21.50 -1.62
N ALA A 24 -0.97 21.18 -2.86
CA ALA A 24 -1.49 19.81 -3.20
C ALA A 24 -0.36 18.96 -3.81
N ALA A 25 0.19 18.08 -3.02
CA ALA A 25 1.29 17.21 -3.56
C ALA A 25 0.76 15.81 -3.85
N ALA A 26 0.99 15.30 -5.03
CA ALA A 26 0.50 13.94 -5.39
C ALA A 26 1.25 12.88 -4.57
N PRO A 27 0.55 11.82 -4.25
CA PRO A 27 1.16 10.72 -3.45
C PRO A 27 2.15 9.93 -4.32
N ALA A 28 3.38 10.34 -4.37
CA ALA A 28 4.38 9.60 -5.20
C ALA A 28 5.59 9.22 -4.34
N GLU A 29 5.38 8.95 -3.08
CA GLU A 29 6.52 8.56 -2.19
C GLU A 29 6.75 7.05 -2.26
N PRO A 30 7.89 6.66 -2.79
CA PRO A 30 8.21 5.22 -2.91
C PRO A 30 8.51 4.61 -1.54
N LYS A 31 9.75 4.56 -1.12
CA LYS A 31 10.06 3.95 0.20
C LYS A 31 9.28 2.64 0.32
N ILE A 32 9.16 1.94 -0.77
CA ILE A 32 8.37 0.68 -0.78
C ILE A 32 8.93 -0.32 0.25
N ILE A 33 8.15 -0.66 1.25
CA ILE A 33 8.64 -1.62 2.27
C ILE A 33 8.21 -3.04 1.90
N LYS A 34 8.89 -4.03 2.40
CA LYS A 34 8.53 -5.44 2.06
C LYS A 34 7.54 -6.02 3.08
N VAL A 35 6.63 -6.84 2.62
CA VAL A 35 5.62 -7.45 3.54
C VAL A 35 5.51 -8.95 3.27
N THR A 36 5.92 -9.77 4.22
CA THR A 36 5.82 -11.24 4.02
C THR A 36 4.46 -11.76 4.48
N VAL A 37 3.62 -12.14 3.56
CA VAL A 37 2.27 -12.67 3.95
C VAL A 37 2.26 -14.19 3.88
N LYS A 38 1.84 -14.83 4.94
CA LYS A 38 1.80 -16.32 4.95
C LYS A 38 0.37 -16.80 4.65
N THR A 39 0.20 -17.59 3.62
CA THR A 39 -1.16 -18.09 3.28
C THR A 39 -1.18 -19.61 3.29
N PRO A 40 -2.36 -20.17 3.30
CA PRO A 40 -2.50 -21.65 3.32
C PRO A 40 -2.11 -22.24 1.96
N LYS A 41 -0.88 -22.04 1.56
CA LYS A 41 -0.42 -22.58 0.25
C LYS A 41 1.07 -22.31 0.07
N GLU A 42 1.50 -21.11 0.35
CA GLU A 42 2.94 -20.76 0.22
C GLU A 42 3.21 -19.37 0.80
N LYS A 43 4.43 -18.90 0.70
CA LYS A 43 4.76 -17.55 1.25
C LYS A 43 4.98 -16.56 0.10
N GLU A 44 4.31 -15.45 0.11
CA GLU A 44 4.49 -14.46 -0.98
C GLU A 44 4.71 -13.06 -0.41
N GLU A 45 5.83 -12.46 -0.70
CA GLU A 45 6.11 -11.08 -0.17
C GLU A 45 5.44 -10.05 -1.08
N PHE A 46 5.00 -8.95 -0.52
CA PHE A 46 4.35 -7.90 -1.35
C PHE A 46 5.07 -6.56 -1.19
N ALA A 47 5.56 -6.01 -2.25
CA ALA A 47 6.26 -4.69 -2.17
C ALA A 47 5.23 -3.58 -2.31
N VAL A 48 5.19 -2.67 -1.38
CA VAL A 48 4.19 -1.56 -1.47
C VAL A 48 4.80 -0.26 -0.97
N PRO A 49 4.34 0.83 -1.50
CA PRO A 49 4.87 2.15 -1.10
C PRO A 49 4.48 2.47 0.35
N GLU A 50 5.48 2.73 1.17
CA GLU A 50 5.24 3.05 2.62
C GLU A 50 3.85 3.68 2.85
N ASN A 51 3.47 4.62 2.03
CA ASN A 51 2.14 5.27 2.21
C ASN A 51 1.05 4.44 1.51
N SER A 52 1.03 3.15 1.72
CA SER A 52 -0.01 2.31 1.08
C SER A 52 -0.98 1.75 2.14
N SER A 53 -2.15 2.32 2.24
CA SER A 53 -3.13 1.83 3.25
C SER A 53 -3.46 0.36 2.99
N VAL A 54 -3.80 -0.37 4.02
CA VAL A 54 -4.14 -1.81 3.84
C VAL A 54 -5.34 -1.97 2.89
N GLN A 55 -6.28 -1.06 2.92
CA GLN A 55 -7.47 -1.20 2.02
C GLN A 55 -7.04 -1.52 0.59
N GLN A 56 -6.10 -0.77 0.06
CA GLN A 56 -5.63 -1.05 -1.34
C GLN A 56 -4.97 -2.43 -1.39
N PHE A 57 -4.05 -2.67 -0.51
CA PHE A 57 -3.34 -4.00 -0.48
C PHE A 57 -4.36 -5.13 -0.25
N LYS A 58 -5.35 -4.88 0.57
CA LYS A 58 -6.36 -5.94 0.86
C LYS A 58 -7.02 -6.39 -0.44
N GLU A 59 -7.20 -5.49 -1.37
CA GLU A 59 -7.82 -5.86 -2.67
C GLU A 59 -6.75 -6.36 -3.64
N ALA A 60 -5.50 -6.04 -3.38
CA ALA A 60 -4.41 -6.49 -4.30
C ALA A 60 -4.28 -8.02 -4.25
N ILE A 61 -4.27 -8.60 -3.08
CA ILE A 61 -4.15 -10.08 -2.98
C ILE A 61 -5.34 -10.75 -3.68
N SER A 62 -6.50 -10.17 -3.58
CA SER A 62 -7.69 -10.78 -4.24
C SER A 62 -7.42 -11.01 -5.74
N LYS A 63 -6.98 -9.99 -6.43
CA LYS A 63 -6.72 -10.14 -7.89
C LYS A 63 -5.51 -11.06 -8.15
N ARG A 64 -4.38 -10.76 -7.56
CA ARG A 64 -3.17 -11.61 -7.82
C ARG A 64 -3.28 -12.97 -7.12
N PHE A 65 -3.52 -12.98 -5.83
CA PHE A 65 -3.64 -14.27 -5.09
C PHE A 65 -4.90 -15.02 -5.53
N LYS A 66 -5.97 -14.31 -5.80
CA LYS A 66 -7.25 -14.96 -6.23
C LYS A 66 -7.92 -15.63 -5.03
N SER A 67 -8.56 -14.84 -4.19
CA SER A 67 -9.24 -15.42 -3.00
C SER A 67 -10.24 -14.40 -2.42
N GLN A 68 -10.53 -14.48 -1.15
CA GLN A 68 -11.48 -13.51 -0.55
C GLN A 68 -10.86 -12.11 -0.51
N THR A 69 -11.59 -11.15 0.03
CA THR A 69 -11.03 -9.76 0.09
C THR A 69 -11.54 -9.05 1.35
N ASP A 70 -12.83 -8.97 1.54
CA ASP A 70 -13.38 -8.30 2.76
C ASP A 70 -12.88 -9.01 4.02
N GLN A 71 -13.28 -10.24 4.21
CA GLN A 71 -12.84 -10.99 5.42
C GLN A 71 -11.32 -11.19 5.38
N LEU A 72 -10.74 -11.19 4.22
CA LEU A 72 -9.26 -11.38 4.09
C LEU A 72 -8.51 -10.36 4.94
N VAL A 73 -7.95 -10.78 6.04
CA VAL A 73 -7.18 -9.84 6.91
C VAL A 73 -5.88 -10.51 7.36
N LEU A 74 -4.93 -9.77 7.86
CA LEU A 74 -3.67 -10.40 8.31
C LEU A 74 -3.50 -10.23 9.82
N ILE A 75 -3.05 -11.25 10.49
CA ILE A 75 -2.87 -11.15 11.98
C ILE A 75 -1.45 -10.73 12.32
N PHE A 76 -1.24 -9.48 12.61
CA PHE A 76 0.13 -9.01 12.98
C PHE A 76 0.52 -9.55 14.35
N ALA A 77 1.76 -9.44 14.71
CA ALA A 77 2.20 -9.97 16.04
C ALA A 77 1.62 -9.11 17.17
N GLY A 78 0.34 -9.17 17.38
CA GLY A 78 -0.30 -8.36 18.47
C GLY A 78 -1.20 -7.28 17.86
N LYS A 79 -1.70 -7.50 16.67
CA LYS A 79 -2.57 -6.48 16.03
C LYS A 79 -3.21 -7.07 14.77
N ILE A 80 -3.93 -6.27 14.03
CA ILE A 80 -4.57 -6.78 12.77
C ILE A 80 -4.00 -6.06 11.56
N LEU A 81 -3.22 -6.73 10.76
CA LEU A 81 -2.68 -6.07 9.55
C LEU A 81 -3.84 -5.85 8.58
N LYS A 82 -4.70 -4.93 8.91
CA LYS A 82 -5.89 -4.65 8.05
C LYS A 82 -6.01 -3.15 7.82
N ASP A 83 -7.18 -2.70 7.45
CA ASP A 83 -7.37 -1.24 7.20
C ASP A 83 -7.39 -0.48 8.53
N GLN A 84 -7.54 -1.17 9.62
CA GLN A 84 -7.55 -0.49 10.95
C GLN A 84 -6.25 0.29 11.15
N ASP A 85 -5.15 -0.20 10.62
CA ASP A 85 -3.86 0.53 10.79
C ASP A 85 -3.01 0.44 9.53
N THR A 86 -1.99 1.24 9.42
CA THR A 86 -1.12 1.20 8.21
C THR A 86 0.13 0.37 8.49
N LEU A 87 0.73 -0.19 7.47
CA LEU A 87 1.95 -1.03 7.68
C LEU A 87 3.11 -0.17 8.18
N ILE A 88 3.35 0.96 7.57
CA ILE A 88 4.47 1.82 8.04
C ILE A 88 4.19 2.31 9.46
N GLN A 89 2.97 2.23 9.89
CA GLN A 89 2.63 2.70 11.27
C GLN A 89 2.65 1.54 12.26
N HIS A 90 2.65 0.31 11.79
CA HIS A 90 2.66 -0.84 12.75
C HIS A 90 2.57 -2.19 12.03
N GLY A 91 2.00 -2.23 10.85
CA GLY A 91 1.88 -3.54 10.15
C GLY A 91 3.27 -4.13 9.95
N ILE A 92 4.19 -3.37 9.45
CA ILE A 92 5.57 -3.89 9.27
C ILE A 92 6.56 -2.73 9.41
N HIS A 93 7.82 -3.02 9.50
CA HIS A 93 8.83 -1.94 9.63
C HIS A 93 9.72 -1.91 8.39
N ASP A 94 10.00 -3.06 7.82
CA ASP A 94 10.86 -3.12 6.61
C ASP A 94 10.99 -4.57 6.13
N GLY A 95 9.94 -5.34 6.25
CA GLY A 95 10.01 -6.76 5.81
C GLY A 95 9.74 -7.69 7.00
N LEU A 96 8.53 -7.71 7.49
CA LEU A 96 8.22 -8.59 8.66
C LEU A 96 7.31 -9.74 8.23
N THR A 97 7.03 -10.66 9.11
CA THR A 97 6.14 -11.81 8.75
C THR A 97 4.82 -11.71 9.51
N VAL A 98 3.75 -12.13 8.89
CA VAL A 98 2.41 -12.05 9.58
C VAL A 98 1.56 -13.27 9.20
N HIS A 99 0.68 -13.68 10.09
CA HIS A 99 -0.18 -14.87 9.78
C HIS A 99 -1.48 -14.42 9.10
N LEU A 100 -1.69 -14.81 7.87
CA LEU A 100 -2.92 -14.40 7.15
C LEU A 100 -4.13 -15.18 7.67
N VAL A 101 -5.29 -14.57 7.67
CA VAL A 101 -6.52 -15.27 8.17
C VAL A 101 -7.76 -14.45 7.83
N ILE A 102 -8.88 -15.10 7.68
CA ILE A 102 -10.14 -14.35 7.35
C ILE A 102 -11.07 -14.33 8.58
N LYS A 103 -11.66 -13.19 8.86
CA LYS A 103 -12.57 -13.10 10.04
C LYS A 103 -14.03 -13.09 9.58
N MET A 1 29.54 13.07 15.67
CA MET A 1 30.01 14.48 15.81
C MET A 1 29.91 15.21 14.46
N ALA A 2 28.73 15.63 14.09
CA ALA A 2 28.57 16.34 12.79
C ALA A 2 28.53 17.86 13.02
N GLU A 3 27.98 18.59 12.10
CA GLU A 3 27.91 20.08 12.26
C GLU A 3 26.46 20.53 12.40
N ASN A 4 26.24 21.81 12.55
CA ASN A 4 24.84 22.31 12.68
C ASN A 4 24.59 23.43 11.68
N GLY A 5 23.35 23.82 11.50
CA GLY A 5 23.04 24.91 10.53
C GLY A 5 21.58 24.79 10.09
N GLU A 6 20.68 24.57 11.01
CA GLU A 6 19.24 24.45 10.64
C GLU A 6 18.38 25.33 11.55
N SER A 7 18.54 26.62 11.45
CA SER A 7 17.74 27.55 12.30
C SER A 7 17.28 28.77 11.48
N SER A 8 18.21 29.57 11.05
CA SER A 8 17.83 30.77 10.24
C SER A 8 17.49 30.36 8.80
N GLY A 9 16.27 30.58 8.39
CA GLY A 9 15.87 30.20 7.01
C GLY A 9 14.90 31.25 6.44
N PRO A 10 15.41 32.10 5.58
CA PRO A 10 14.56 33.16 4.98
C PRO A 10 13.58 32.54 3.97
N PRO A 11 12.31 32.60 4.30
CA PRO A 11 11.26 32.03 3.41
C PRO A 11 11.09 32.91 2.17
N ARG A 12 10.43 32.42 1.16
CA ARG A 12 10.23 33.23 -0.08
C ARG A 12 8.78 33.06 -0.58
N PRO A 13 8.35 34.02 -1.36
CA PRO A 13 6.96 33.98 -1.90
C PRO A 13 6.85 32.91 -3.00
N SER A 14 5.66 32.61 -3.42
CA SER A 14 5.48 31.59 -4.50
C SER A 14 4.07 31.66 -5.08
N ARG A 15 3.92 31.37 -6.34
CA ARG A 15 2.57 31.43 -6.97
C ARG A 15 2.41 30.30 -7.99
N GLY A 16 2.17 29.10 -7.53
CA GLY A 16 2.01 27.96 -8.48
C GLY A 16 0.52 27.72 -8.73
N PRO A 17 -0.10 26.95 -7.85
CA PRO A 17 -1.54 26.64 -7.99
C PRO A 17 -2.37 27.88 -7.62
N ALA A 18 -2.95 28.52 -8.60
CA ALA A 18 -3.78 29.73 -8.31
C ALA A 18 -5.14 29.31 -7.75
N ALA A 19 -5.72 28.27 -8.29
CA ALA A 19 -7.05 27.81 -7.78
C ALA A 19 -7.10 26.28 -7.77
N ALA A 20 -8.27 25.71 -7.71
CA ALA A 20 -8.39 24.23 -7.69
C ALA A 20 -7.92 23.65 -9.03
N GLN A 21 -6.65 23.46 -9.20
CA GLN A 21 -6.13 22.90 -10.47
C GLN A 21 -4.72 22.31 -10.27
N GLY A 22 -4.41 21.24 -10.95
CA GLY A 22 -3.07 20.62 -10.79
C GLY A 22 -3.05 19.27 -11.51
N SER A 23 -2.19 19.12 -12.48
CA SER A 23 -2.11 17.82 -13.22
C SER A 23 -1.28 16.80 -12.44
N ALA A 24 -0.21 17.25 -11.83
CA ALA A 24 0.65 16.31 -11.04
C ALA A 24 1.50 17.09 -10.03
N ALA A 25 0.87 17.69 -9.05
CA ALA A 25 1.64 18.46 -8.03
C ALA A 25 2.27 17.51 -7.02
N ALA A 26 1.47 16.85 -6.23
CA ALA A 26 2.03 15.91 -5.21
C ALA A 26 1.43 14.51 -5.40
N PRO A 27 2.12 13.69 -6.15
CA PRO A 27 1.64 12.31 -6.40
C PRO A 27 1.77 11.46 -5.14
N ALA A 28 2.94 10.90 -4.88
CA ALA A 28 3.11 10.06 -3.66
C ALA A 28 4.59 9.77 -3.42
N GLU A 29 4.91 9.11 -2.33
CA GLU A 29 6.34 8.81 -2.04
C GLU A 29 6.59 7.30 -2.16
N PRO A 30 7.75 6.95 -2.69
CA PRO A 30 8.10 5.52 -2.86
C PRO A 30 8.43 4.88 -1.51
N LYS A 31 9.69 4.82 -1.14
CA LYS A 31 10.04 4.17 0.16
C LYS A 31 9.24 2.87 0.29
N ILE A 32 9.11 2.18 -0.81
CA ILE A 32 8.30 0.93 -0.81
C ILE A 32 8.87 -0.07 0.21
N ILE A 33 8.11 -0.40 1.22
CA ILE A 33 8.60 -1.38 2.25
C ILE A 33 8.25 -2.81 1.80
N LYS A 34 8.84 -3.78 2.44
CA LYS A 34 8.56 -5.20 2.06
C LYS A 34 7.40 -5.75 2.90
N VAL A 35 6.59 -6.58 2.30
CA VAL A 35 5.44 -7.16 3.06
C VAL A 35 5.33 -8.67 2.80
N THR A 36 5.56 -9.47 3.80
CA THR A 36 5.47 -10.95 3.59
C THR A 36 4.14 -11.48 4.15
N VAL A 37 3.22 -11.83 3.29
CA VAL A 37 1.90 -12.34 3.77
C VAL A 37 1.92 -13.87 3.81
N LYS A 38 1.52 -14.44 4.92
CA LYS A 38 1.50 -15.93 5.02
C LYS A 38 0.09 -16.46 4.74
N THR A 39 -0.04 -17.33 3.77
CA THR A 39 -1.38 -17.89 3.44
C THR A 39 -1.37 -19.42 3.58
N PRO A 40 -2.53 -20.02 3.53
CA PRO A 40 -2.64 -21.49 3.66
C PRO A 40 -2.02 -22.19 2.44
N LYS A 41 -1.74 -21.46 1.40
CA LYS A 41 -1.14 -22.09 0.19
C LYS A 41 0.39 -21.97 0.24
N GLU A 42 0.88 -20.80 0.52
CA GLU A 42 2.38 -20.60 0.59
C GLU A 42 2.69 -19.20 1.13
N LYS A 43 3.92 -18.77 0.99
CA LYS A 43 4.30 -17.42 1.49
C LYS A 43 4.70 -16.53 0.30
N GLU A 44 4.16 -15.34 0.24
CA GLU A 44 4.50 -14.43 -0.89
C GLU A 44 4.80 -13.01 -0.38
N GLU A 45 5.85 -12.41 -0.86
CA GLU A 45 6.20 -11.03 -0.42
C GLU A 45 5.55 -10.01 -1.36
N PHE A 46 5.30 -8.82 -0.87
CA PHE A 46 4.66 -7.78 -1.72
C PHE A 46 5.34 -6.43 -1.51
N ALA A 47 5.73 -5.78 -2.58
CA ALA A 47 6.39 -4.45 -2.44
C ALA A 47 5.33 -3.35 -2.52
N VAL A 48 5.28 -2.48 -1.56
CA VAL A 48 4.25 -1.40 -1.59
C VAL A 48 4.84 -0.11 -1.04
N PRO A 49 4.33 1.01 -1.50
CA PRO A 49 4.84 2.31 -1.04
C PRO A 49 4.48 2.54 0.43
N GLU A 50 5.48 2.78 1.24
CA GLU A 50 5.27 3.00 2.72
C GLU A 50 3.91 3.65 3.01
N ASN A 51 3.49 4.58 2.20
CA ASN A 51 2.18 5.25 2.44
C ASN A 51 1.06 4.52 1.70
N SER A 52 0.99 3.22 1.83
CA SER A 52 -0.08 2.45 1.12
C SER A 52 -1.07 1.88 2.14
N SER A 53 -2.28 2.38 2.15
CA SER A 53 -3.30 1.86 3.12
C SER A 53 -3.53 0.37 2.90
N VAL A 54 -3.76 -0.36 3.95
CA VAL A 54 -3.99 -1.83 3.81
C VAL A 54 -5.22 -2.10 2.94
N GLN A 55 -6.22 -1.27 2.99
CA GLN A 55 -7.45 -1.52 2.16
C GLN A 55 -7.05 -1.83 0.70
N GLN A 56 -6.23 -1.00 0.10
CA GLN A 56 -5.82 -1.26 -1.32
C GLN A 56 -4.98 -2.53 -1.39
N PHE A 57 -3.97 -2.64 -0.56
CA PHE A 57 -3.11 -3.86 -0.56
C PHE A 57 -3.96 -5.11 -0.27
N LYS A 58 -4.93 -4.96 0.59
CA LYS A 58 -5.81 -6.12 0.94
C LYS A 58 -6.47 -6.68 -0.31
N GLU A 59 -6.86 -5.82 -1.22
CA GLU A 59 -7.50 -6.30 -2.47
C GLU A 59 -6.43 -6.74 -3.49
N ALA A 60 -5.21 -6.28 -3.32
CA ALA A 60 -4.13 -6.68 -4.27
C ALA A 60 -3.83 -8.17 -4.12
N ILE A 61 -3.78 -8.65 -2.91
CA ILE A 61 -3.49 -10.08 -2.68
C ILE A 61 -4.55 -10.96 -3.36
N SER A 62 -5.76 -10.45 -3.46
CA SER A 62 -6.85 -11.24 -4.10
C SER A 62 -6.50 -11.56 -5.56
N LYS A 63 -5.97 -10.61 -6.28
CA LYS A 63 -5.62 -10.85 -7.71
C LYS A 63 -4.66 -12.04 -7.84
N ARG A 64 -3.59 -12.05 -7.09
CA ARG A 64 -2.61 -13.18 -7.18
C ARG A 64 -3.19 -14.46 -6.58
N PHE A 65 -3.67 -14.39 -5.36
CA PHE A 65 -4.25 -15.62 -4.72
C PHE A 65 -5.51 -16.07 -5.46
N LYS A 66 -6.29 -15.12 -5.93
CA LYS A 66 -7.55 -15.47 -6.67
C LYS A 66 -8.58 -16.08 -5.72
N SER A 67 -8.93 -15.37 -4.67
CA SER A 67 -9.93 -15.89 -3.70
C SER A 67 -10.91 -14.78 -3.31
N GLN A 68 -11.49 -14.88 -2.15
CA GLN A 68 -12.44 -13.82 -1.71
C GLN A 68 -11.75 -12.84 -0.76
N THR A 69 -12.31 -11.66 -0.60
CA THR A 69 -11.69 -10.67 0.33
C THR A 69 -12.62 -10.46 1.52
N ASP A 70 -13.77 -9.86 1.28
CA ASP A 70 -14.76 -9.62 2.39
C ASP A 70 -14.05 -9.17 3.67
N GLN A 71 -13.73 -10.08 4.55
CA GLN A 71 -13.04 -9.69 5.81
C GLN A 71 -11.54 -9.47 5.54
N LEU A 72 -10.91 -10.41 4.88
CA LEU A 72 -9.44 -10.28 4.56
C LEU A 72 -8.68 -9.58 5.70
N VAL A 73 -8.18 -10.34 6.65
CA VAL A 73 -7.43 -9.71 7.77
C VAL A 73 -6.16 -10.50 8.09
N LEU A 74 -5.13 -9.83 8.51
CA LEU A 74 -3.85 -10.54 8.84
C LEU A 74 -3.53 -10.37 10.32
N ILE A 75 -3.01 -11.39 10.94
CA ILE A 75 -2.68 -11.30 12.40
C ILE A 75 -1.23 -10.85 12.59
N PHE A 76 -1.02 -9.60 12.88
CA PHE A 76 0.37 -9.11 13.11
C PHE A 76 0.87 -9.59 14.47
N ALA A 77 1.27 -10.82 14.57
CA ALA A 77 1.75 -11.36 15.88
C ALA A 77 0.68 -11.15 16.97
N GLY A 78 -0.56 -11.04 16.57
CA GLY A 78 -1.65 -10.85 17.56
C GLY A 78 -2.55 -9.68 17.14
N LYS A 79 -1.97 -8.62 16.66
CA LYS A 79 -2.79 -7.45 16.22
C LYS A 79 -3.55 -7.78 14.93
N ILE A 80 -4.06 -6.77 14.26
CA ILE A 80 -4.82 -7.03 13.00
C ILE A 80 -4.19 -6.25 11.84
N LEU A 81 -3.23 -6.83 11.17
CA LEU A 81 -2.62 -6.11 10.01
C LEU A 81 -3.68 -5.96 8.93
N LYS A 82 -4.47 -4.91 9.02
CA LYS A 82 -5.55 -4.71 8.03
C LYS A 82 -5.78 -3.21 7.77
N ASP A 83 -6.98 -2.85 7.44
CA ASP A 83 -7.27 -1.41 7.17
C ASP A 83 -7.27 -0.61 8.47
N GLN A 84 -7.46 -1.26 9.58
CA GLN A 84 -7.45 -0.54 10.89
C GLN A 84 -6.15 0.24 11.06
N ASP A 85 -5.07 -0.27 10.53
CA ASP A 85 -3.77 0.44 10.65
C ASP A 85 -2.94 0.24 9.38
N THR A 86 -2.01 1.12 9.11
CA THR A 86 -1.17 0.98 7.89
C THR A 86 0.01 0.04 8.18
N LEU A 87 0.63 -0.48 7.16
CA LEU A 87 1.78 -1.40 7.38
C LEU A 87 2.95 -0.65 8.00
N ILE A 88 3.27 0.51 7.49
CA ILE A 88 4.41 1.29 8.07
C ILE A 88 4.10 1.65 9.54
N GLN A 89 2.86 1.58 9.92
CA GLN A 89 2.50 1.95 11.33
C GLN A 89 2.37 0.70 12.20
N HIS A 90 2.32 -0.47 11.61
CA HIS A 90 2.19 -1.71 12.46
C HIS A 90 2.14 -2.98 11.60
N GLY A 91 1.62 -2.91 10.40
CA GLY A 91 1.55 -4.15 9.56
C GLY A 91 2.96 -4.71 9.39
N ILE A 92 3.89 -3.89 9.01
CA ILE A 92 5.29 -4.35 8.85
C ILE A 92 6.25 -3.18 9.12
N HIS A 93 7.49 -3.45 9.37
CA HIS A 93 8.44 -2.34 9.63
C HIS A 93 9.47 -2.27 8.50
N ASP A 94 9.69 -3.36 7.82
CA ASP A 94 10.67 -3.36 6.69
C ASP A 94 10.75 -4.75 6.06
N GLY A 95 9.64 -5.43 5.96
CA GLY A 95 9.64 -6.80 5.36
C GLY A 95 9.56 -7.85 6.47
N LEU A 96 8.45 -7.93 7.14
CA LEU A 96 8.31 -8.93 8.24
C LEU A 96 7.32 -10.04 7.82
N THR A 97 7.00 -10.93 8.71
CA THR A 97 6.05 -12.02 8.36
C THR A 97 4.73 -11.85 9.13
N VAL A 98 3.62 -11.93 8.44
CA VAL A 98 2.31 -11.76 9.12
C VAL A 98 1.37 -12.93 8.79
N HIS A 99 0.44 -13.23 9.66
CA HIS A 99 -0.50 -14.35 9.40
C HIS A 99 -1.73 -13.84 8.66
N LEU A 100 -2.28 -14.62 7.77
CA LEU A 100 -3.49 -14.17 7.02
C LEU A 100 -4.66 -15.14 7.26
N VAL A 101 -5.83 -14.62 7.48
CA VAL A 101 -7.00 -15.52 7.74
C VAL A 101 -8.30 -14.73 7.63
N ILE A 102 -9.43 -15.41 7.63
CA ILE A 102 -10.74 -14.70 7.52
C ILE A 102 -11.44 -14.69 8.89
N LYS A 103 -12.00 -13.57 9.27
CA LYS A 103 -12.70 -13.50 10.59
C LYS A 103 -14.20 -13.73 10.40
N MET A 1 -8.74 25.09 -27.13
CA MET A 1 -8.92 23.62 -27.27
C MET A 1 -7.64 22.97 -27.77
N ALA A 2 -7.50 21.68 -27.58
CA ALA A 2 -6.27 20.98 -28.04
C ALA A 2 -6.58 19.55 -28.46
N GLU A 3 -5.58 18.76 -28.75
CA GLU A 3 -5.82 17.35 -29.17
C GLU A 3 -6.83 17.29 -30.33
N ASN A 4 -6.57 18.01 -31.38
CA ASN A 4 -7.52 18.00 -32.54
C ASN A 4 -6.81 17.48 -33.80
N GLY A 5 -6.21 16.33 -33.72
CA GLY A 5 -5.50 15.77 -34.91
C GLY A 5 -5.42 14.25 -34.79
N GLU A 6 -6.32 13.55 -35.43
CA GLU A 6 -6.30 12.05 -35.37
C GLU A 6 -6.28 11.59 -33.90
N SER A 7 -7.42 11.59 -33.26
CA SER A 7 -7.47 11.15 -31.84
C SER A 7 -7.72 9.63 -31.76
N SER A 8 -8.03 9.14 -30.59
CA SER A 8 -8.29 7.67 -30.45
C SER A 8 -9.78 7.42 -30.17
N GLY A 9 -10.44 8.35 -29.54
CA GLY A 9 -11.89 8.17 -29.24
C GLY A 9 -12.04 7.35 -27.95
N PRO A 10 -11.82 7.99 -26.84
CA PRO A 10 -11.93 7.32 -25.53
C PRO A 10 -13.41 7.08 -25.19
N PRO A 11 -13.67 6.01 -24.48
CA PRO A 11 -15.05 5.66 -24.08
C PRO A 11 -15.54 6.61 -22.99
N ARG A 12 -14.66 7.07 -22.14
CA ARG A 12 -15.06 7.99 -21.04
C ARG A 12 -13.88 8.86 -20.62
N PRO A 13 -14.16 10.10 -20.30
CA PRO A 13 -13.09 11.03 -19.87
C PRO A 13 -12.65 10.73 -18.44
N SER A 14 -13.58 10.64 -17.52
CA SER A 14 -13.22 10.34 -16.11
C SER A 14 -14.45 9.80 -15.36
N ARG A 15 -15.58 10.44 -15.52
CA ARG A 15 -16.81 9.97 -14.81
C ARG A 15 -18.04 10.67 -15.40
N GLY A 16 -19.21 10.23 -15.01
CA GLY A 16 -20.45 10.87 -15.54
C GLY A 16 -20.62 12.27 -14.93
N PRO A 17 -21.21 12.30 -13.76
CA PRO A 17 -21.44 13.59 -13.07
C PRO A 17 -20.12 14.14 -12.51
N ALA A 18 -20.01 15.43 -12.36
CA ALA A 18 -18.75 16.02 -11.82
C ALA A 18 -19.06 16.86 -10.59
N ALA A 19 -18.54 16.48 -9.45
CA ALA A 19 -18.80 17.27 -8.20
C ALA A 19 -17.48 17.67 -7.55
N ALA A 20 -16.64 16.73 -7.24
CA ALA A 20 -15.33 17.06 -6.60
C ALA A 20 -14.18 16.87 -7.59
N GLN A 21 -14.10 15.71 -8.20
CA GLN A 21 -13.00 15.45 -9.18
C GLN A 21 -11.64 15.78 -8.56
N GLY A 22 -11.02 14.81 -7.92
CA GLY A 22 -9.70 15.06 -7.29
C GLY A 22 -9.10 13.74 -6.79
N SER A 23 -8.23 13.16 -7.55
CA SER A 23 -7.61 11.86 -7.12
C SER A 23 -6.08 11.97 -7.16
N ALA A 24 -5.46 11.99 -6.02
CA ALA A 24 -3.97 12.10 -5.97
C ALA A 24 -3.34 10.74 -6.31
N ALA A 25 -2.69 10.65 -7.44
CA ALA A 25 -2.05 9.35 -7.82
C ALA A 25 -0.61 9.58 -8.29
N ALA A 26 0.09 10.47 -7.65
CA ALA A 26 1.50 10.76 -8.05
C ALA A 26 2.48 10.16 -7.02
N PRO A 27 3.65 9.81 -7.49
CA PRO A 27 4.67 9.22 -6.59
C PRO A 27 5.26 10.30 -5.67
N ALA A 28 4.87 10.33 -4.43
CA ALA A 28 5.41 11.35 -3.50
C ALA A 28 6.49 10.73 -2.61
N GLU A 29 6.33 9.49 -2.23
CA GLU A 29 7.35 8.83 -1.36
C GLU A 29 7.47 7.35 -1.74
N PRO A 30 8.45 7.04 -2.55
CA PRO A 30 8.68 5.65 -2.99
C PRO A 30 9.45 4.85 -1.94
N LYS A 31 9.29 5.18 -0.68
CA LYS A 31 9.98 4.38 0.37
C LYS A 31 9.26 3.04 0.43
N ILE A 32 9.40 2.25 -0.60
CA ILE A 32 8.69 0.94 -0.66
C ILE A 32 9.08 0.07 0.53
N ILE A 33 8.14 -0.64 1.10
CA ILE A 33 8.47 -1.54 2.24
C ILE A 33 8.12 -2.98 1.87
N LYS A 34 8.80 -3.94 2.46
CA LYS A 34 8.51 -5.36 2.11
C LYS A 34 7.45 -5.94 3.04
N VAL A 35 6.60 -6.79 2.52
CA VAL A 35 5.54 -7.40 3.35
C VAL A 35 5.50 -8.91 3.13
N THR A 36 5.84 -9.69 4.12
CA THR A 36 5.82 -11.17 3.95
C THR A 36 4.46 -11.73 4.37
N VAL A 37 3.62 -12.05 3.41
CA VAL A 37 2.27 -12.59 3.75
C VAL A 37 2.30 -14.13 3.74
N LYS A 38 1.85 -14.73 4.80
CA LYS A 38 1.85 -16.23 4.85
C LYS A 38 0.41 -16.75 4.72
N THR A 39 0.16 -17.57 3.73
CA THR A 39 -1.20 -18.11 3.53
C THR A 39 -1.16 -19.65 3.53
N PRO A 40 -2.32 -20.26 3.63
CA PRO A 40 -2.40 -21.73 3.64
C PRO A 40 -2.01 -22.30 2.27
N LYS A 41 -1.94 -21.47 1.27
CA LYS A 41 -1.55 -21.96 -0.09
C LYS A 41 -0.03 -21.83 -0.27
N GLU A 42 0.53 -20.72 0.13
CA GLU A 42 2.00 -20.54 -0.02
C GLU A 42 2.45 -19.25 0.69
N LYS A 43 3.66 -18.81 0.43
CA LYS A 43 4.16 -17.56 1.08
C LYS A 43 4.77 -16.64 0.04
N GLU A 44 4.25 -15.43 -0.09
CA GLU A 44 4.80 -14.49 -1.10
C GLU A 44 4.99 -13.09 -0.51
N GLU A 45 6.10 -12.47 -0.78
CA GLU A 45 6.34 -11.09 -0.24
C GLU A 45 5.74 -10.07 -1.20
N PHE A 46 5.31 -8.93 -0.69
CA PHE A 46 4.71 -7.91 -1.59
C PHE A 46 5.39 -6.55 -1.39
N ALA A 47 5.80 -5.92 -2.45
CA ALA A 47 6.46 -4.59 -2.34
C ALA A 47 5.42 -3.49 -2.48
N VAL A 48 5.32 -2.61 -1.52
CA VAL A 48 4.30 -1.53 -1.61
C VAL A 48 4.88 -0.22 -1.04
N PRO A 49 4.34 0.88 -1.50
CA PRO A 49 4.82 2.20 -1.02
C PRO A 49 4.42 2.42 0.44
N GLU A 50 5.38 2.61 1.30
CA GLU A 50 5.10 2.82 2.74
C GLU A 50 3.83 3.66 2.96
N ASN A 51 3.60 4.64 2.14
CA ASN A 51 2.38 5.48 2.31
C ASN A 51 1.18 4.85 1.59
N SER A 52 0.90 3.60 1.85
CA SER A 52 -0.26 2.94 1.19
C SER A 52 -1.18 2.31 2.24
N SER A 53 -2.44 2.64 2.20
CA SER A 53 -3.39 2.05 3.20
C SER A 53 -3.60 0.56 2.91
N VAL A 54 -3.88 -0.21 3.93
CA VAL A 54 -4.09 -1.68 3.71
C VAL A 54 -5.28 -1.92 2.78
N GLN A 55 -6.30 -1.10 2.84
CA GLN A 55 -7.49 -1.33 1.95
C GLN A 55 -7.04 -1.58 0.50
N GLN A 56 -6.10 -0.80 0.02
CA GLN A 56 -5.62 -1.00 -1.39
C GLN A 56 -4.82 -2.30 -1.48
N PHE A 57 -3.91 -2.53 -0.57
CA PHE A 57 -3.09 -3.78 -0.60
C PHE A 57 -3.98 -5.01 -0.37
N LYS A 58 -4.95 -4.89 0.49
CA LYS A 58 -5.86 -6.04 0.77
C LYS A 58 -6.53 -6.48 -0.53
N GLU A 59 -6.90 -5.53 -1.36
CA GLU A 59 -7.55 -5.88 -2.65
C GLU A 59 -6.51 -6.44 -3.63
N ALA A 60 -5.25 -6.14 -3.40
CA ALA A 60 -4.19 -6.65 -4.32
C ALA A 60 -4.08 -8.17 -4.20
N ILE A 61 -3.99 -8.67 -2.99
CA ILE A 61 -3.89 -10.15 -2.81
C ILE A 61 -5.18 -10.81 -3.31
N SER A 62 -6.31 -10.17 -3.10
CA SER A 62 -7.59 -10.76 -3.57
C SER A 62 -7.52 -11.12 -5.05
N LYS A 63 -6.99 -10.24 -5.87
CA LYS A 63 -6.90 -10.54 -7.33
C LYS A 63 -5.91 -11.67 -7.61
N ARG A 64 -4.69 -11.55 -7.15
CA ARG A 64 -3.68 -12.62 -7.42
C ARG A 64 -3.95 -13.87 -6.57
N PHE A 65 -4.05 -13.71 -5.28
CA PHE A 65 -4.32 -14.89 -4.40
C PHE A 65 -5.73 -15.43 -4.63
N LYS A 66 -6.68 -14.56 -4.88
CA LYS A 66 -8.09 -15.00 -5.10
C LYS A 66 -8.70 -15.48 -3.78
N SER A 67 -9.13 -14.55 -2.95
CA SER A 67 -9.73 -14.94 -1.64
C SER A 67 -11.05 -14.18 -1.43
N GLN A 68 -11.41 -13.93 -0.20
CA GLN A 68 -12.68 -13.19 0.07
C GLN A 68 -12.40 -11.69 0.22
N THR A 69 -11.17 -11.32 0.43
CA THR A 69 -10.83 -9.86 0.57
C THR A 69 -11.46 -9.28 1.85
N ASP A 70 -12.76 -9.22 1.90
CA ASP A 70 -13.43 -8.66 3.12
C ASP A 70 -12.98 -9.42 4.37
N GLN A 71 -13.28 -10.69 4.43
CA GLN A 71 -12.87 -11.50 5.62
C GLN A 71 -11.34 -11.67 5.63
N LEU A 72 -10.72 -11.59 4.48
CA LEU A 72 -9.23 -11.75 4.41
C LEU A 72 -8.53 -10.75 5.33
N VAL A 73 -8.21 -11.15 6.53
CA VAL A 73 -7.51 -10.23 7.48
C VAL A 73 -6.18 -10.87 7.91
N LEU A 74 -5.21 -10.07 8.30
CA LEU A 74 -3.92 -10.67 8.72
C LEU A 74 -3.66 -10.39 10.20
N ILE A 75 -3.12 -11.35 10.91
CA ILE A 75 -2.85 -11.15 12.36
C ILE A 75 -1.42 -10.68 12.57
N PHE A 76 -1.23 -9.40 12.74
CA PHE A 76 0.15 -8.86 12.95
C PHE A 76 0.70 -9.31 14.31
N ALA A 77 1.04 -10.56 14.44
CA ALA A 77 1.59 -11.07 15.74
C ALA A 77 0.67 -10.66 16.91
N GLY A 78 -0.61 -10.71 16.69
CA GLY A 78 -1.57 -10.33 17.78
C GLY A 78 -2.51 -9.24 17.27
N LYS A 79 -1.98 -8.20 16.68
CA LYS A 79 -2.86 -7.11 16.16
C LYS A 79 -3.57 -7.57 14.88
N ILE A 80 -4.07 -6.66 14.10
CA ILE A 80 -4.76 -7.04 12.84
C ILE A 80 -4.17 -6.30 11.64
N LEU A 81 -3.23 -6.89 10.95
CA LEU A 81 -2.66 -6.20 9.76
C LEU A 81 -3.79 -6.07 8.74
N LYS A 82 -4.51 -4.99 8.80
CA LYS A 82 -5.65 -4.80 7.86
C LYS A 82 -5.90 -3.30 7.65
N ASP A 83 -7.11 -2.94 7.31
CA ASP A 83 -7.43 -1.49 7.09
C ASP A 83 -7.46 -0.75 8.43
N GLN A 84 -7.63 -1.46 9.51
CA GLN A 84 -7.66 -0.79 10.84
C GLN A 84 -6.39 0.04 11.03
N ASP A 85 -5.29 -0.40 10.48
CA ASP A 85 -4.02 0.37 10.62
C ASP A 85 -3.17 0.23 9.35
N THR A 86 -2.40 1.23 9.03
CA THR A 86 -1.55 1.16 7.80
C THR A 86 -0.37 0.23 8.06
N LEU A 87 0.27 -0.25 7.01
CA LEU A 87 1.43 -1.16 7.21
C LEU A 87 2.59 -0.43 7.89
N ILE A 88 2.91 0.75 7.45
CA ILE A 88 4.02 1.50 8.10
C ILE A 88 3.65 1.87 9.53
N GLN A 89 2.37 1.83 9.86
CA GLN A 89 1.95 2.19 11.23
C GLN A 89 1.76 0.93 12.09
N HIS A 90 1.79 -0.24 11.50
CA HIS A 90 1.61 -1.48 12.33
C HIS A 90 1.64 -2.76 11.47
N GLY A 91 1.20 -2.69 10.24
CA GLY A 91 1.21 -3.92 9.40
C GLY A 91 2.64 -4.44 9.30
N ILE A 92 3.57 -3.60 8.94
CA ILE A 92 4.97 -4.04 8.84
C ILE A 92 5.89 -2.85 9.16
N HIS A 93 7.17 -3.06 9.18
CA HIS A 93 8.10 -1.93 9.46
C HIS A 93 9.15 -1.84 8.36
N ASP A 94 9.51 -2.95 7.78
CA ASP A 94 10.53 -2.95 6.69
C ASP A 94 10.75 -4.39 6.18
N GLY A 95 9.71 -5.17 6.15
CA GLY A 95 9.85 -6.58 5.68
C GLY A 95 9.62 -7.54 6.85
N LEU A 96 8.47 -7.47 7.47
CA LEU A 96 8.17 -8.36 8.62
C LEU A 96 7.34 -9.56 8.15
N THR A 97 6.82 -10.33 9.08
CA THR A 97 6.00 -11.52 8.69
C THR A 97 4.69 -11.53 9.48
N VAL A 98 3.58 -11.52 8.79
CA VAL A 98 2.26 -11.53 9.50
C VAL A 98 1.46 -12.77 9.10
N HIS A 99 0.53 -13.18 9.92
CA HIS A 99 -0.28 -14.40 9.57
C HIS A 99 -1.53 -13.98 8.79
N LEU A 100 -1.94 -14.78 7.84
CA LEU A 100 -3.16 -14.44 7.04
C LEU A 100 -4.28 -15.43 7.33
N VAL A 101 -5.40 -14.94 7.80
CA VAL A 101 -6.54 -15.86 8.10
C VAL A 101 -7.87 -15.12 7.90
N ILE A 102 -8.86 -15.80 7.40
CA ILE A 102 -10.19 -15.13 7.18
C ILE A 102 -10.95 -15.00 8.49
N LYS A 103 -11.51 -13.85 8.75
CA LYS A 103 -12.29 -13.66 10.01
C LYS A 103 -13.76 -13.39 9.71
N MET A 1 19.83 -17.44 -26.87
CA MET A 1 20.71 -17.63 -25.67
C MET A 1 21.55 -16.37 -25.44
N ALA A 2 21.72 -15.98 -24.20
CA ALA A 2 22.53 -14.76 -23.90
C ALA A 2 22.96 -14.76 -22.43
N GLU A 3 23.43 -13.63 -21.96
CA GLU A 3 23.87 -13.56 -20.53
C GLU A 3 23.94 -12.11 -20.07
N ASN A 4 22.84 -11.57 -19.59
CA ASN A 4 22.85 -10.15 -19.13
C ASN A 4 21.65 -9.89 -18.21
N GLY A 5 21.45 -8.67 -17.81
CA GLY A 5 20.30 -8.35 -16.91
C GLY A 5 18.99 -8.57 -17.67
N GLU A 6 18.21 -7.54 -17.83
CA GLU A 6 16.91 -7.68 -18.55
C GLU A 6 16.45 -6.32 -19.08
N SER A 7 17.09 -5.82 -20.11
CA SER A 7 16.69 -4.50 -20.67
C SER A 7 17.23 -4.35 -22.10
N SER A 8 18.51 -4.15 -22.24
CA SER A 8 19.09 -3.98 -23.61
C SER A 8 18.94 -5.29 -24.40
N GLY A 9 18.11 -5.29 -25.40
CA GLY A 9 17.92 -6.53 -26.21
C GLY A 9 19.06 -6.66 -27.23
N PRO A 10 19.70 -7.80 -27.24
CA PRO A 10 20.82 -8.03 -28.19
C PRO A 10 20.36 -8.16 -29.65
N PRO A 11 19.18 -8.68 -29.92
CA PRO A 11 18.72 -8.80 -31.32
C PRO A 11 18.35 -7.44 -31.90
N ARG A 12 17.14 -6.98 -31.67
CA ARG A 12 16.73 -5.66 -32.20
C ARG A 12 15.58 -5.08 -31.37
N PRO A 13 15.92 -4.56 -30.22
CA PRO A 13 14.91 -3.98 -29.31
C PRO A 13 14.41 -2.64 -29.86
N SER A 14 13.29 -2.64 -30.53
CA SER A 14 12.76 -1.37 -31.10
C SER A 14 11.23 -1.45 -31.22
N ARG A 15 10.58 -0.33 -31.44
CA ARG A 15 9.10 -0.34 -31.58
C ARG A 15 8.61 0.99 -32.14
N GLY A 16 7.36 1.32 -31.94
CA GLY A 16 6.82 2.61 -32.47
C GLY A 16 6.28 3.44 -31.31
N PRO A 17 6.30 4.74 -31.48
CA PRO A 17 5.80 5.65 -30.42
C PRO A 17 4.26 5.60 -30.36
N ALA A 18 3.72 5.23 -29.24
CA ALA A 18 2.23 5.15 -29.11
C ALA A 18 1.74 6.19 -28.10
N ALA A 19 0.51 6.06 -27.66
CA ALA A 19 -0.03 7.04 -26.68
C ALA A 19 0.42 6.66 -25.26
N ALA A 20 0.50 7.63 -24.38
CA ALA A 20 0.93 7.33 -22.98
C ALA A 20 0.51 8.47 -22.05
N GLN A 21 -0.65 8.38 -21.48
CA GLN A 21 -1.12 9.45 -20.55
C GLN A 21 -0.33 9.41 -19.25
N GLY A 22 0.24 10.51 -18.85
CA GLY A 22 1.03 10.54 -17.58
C GLY A 22 0.28 11.38 -16.53
N SER A 23 -1.02 11.36 -16.57
CA SER A 23 -1.81 12.15 -15.57
C SER A 23 -2.35 11.23 -14.49
N ALA A 24 -1.51 10.42 -13.91
CA ALA A 24 -1.98 9.49 -12.83
C ALA A 24 -1.32 9.85 -11.50
N ALA A 25 -1.83 10.85 -10.82
CA ALA A 25 -1.24 11.26 -9.52
C ALA A 25 0.28 11.48 -9.66
N ALA A 26 0.96 11.67 -8.56
CA ALA A 26 2.44 11.90 -8.63
C ALA A 26 3.15 11.08 -7.54
N PRO A 27 4.39 10.76 -7.80
CA PRO A 27 5.19 9.97 -6.82
C PRO A 27 5.58 10.85 -5.63
N ALA A 28 5.61 10.29 -4.45
CA ALA A 28 6.00 11.08 -3.25
C ALA A 28 6.99 10.29 -2.39
N GLU A 29 6.65 9.08 -2.04
CA GLU A 29 7.58 8.26 -1.20
C GLU A 29 7.65 6.83 -1.74
N PRO A 30 8.57 6.61 -2.63
CA PRO A 30 8.74 5.26 -3.23
C PRO A 30 9.54 4.34 -2.31
N LYS A 31 9.62 4.64 -1.05
CA LYS A 31 10.34 3.72 -0.12
C LYS A 31 9.52 2.45 -0.03
N ILE A 32 9.47 1.70 -1.09
CA ILE A 32 8.65 0.46 -1.10
C ILE A 32 9.08 -0.50 0.03
N ILE A 33 8.29 -0.64 1.05
CA ILE A 33 8.67 -1.56 2.16
C ILE A 33 8.32 -3.00 1.78
N LYS A 34 8.93 -3.96 2.43
CA LYS A 34 8.65 -5.39 2.09
C LYS A 34 7.52 -5.94 2.97
N VAL A 35 6.70 -6.79 2.41
CA VAL A 35 5.58 -7.37 3.20
C VAL A 35 5.47 -8.88 2.95
N THR A 36 5.72 -9.68 3.96
CA THR A 36 5.63 -11.16 3.78
C THR A 36 4.28 -11.67 4.29
N VAL A 37 3.39 -12.02 3.40
CA VAL A 37 2.06 -12.53 3.84
C VAL A 37 2.07 -14.06 3.88
N LYS A 38 1.64 -14.63 4.97
CA LYS A 38 1.62 -16.12 5.07
C LYS A 38 0.26 -16.66 4.64
N THR A 39 0.23 -17.52 3.66
CA THR A 39 -1.07 -18.08 3.19
C THR A 39 -1.08 -19.60 3.37
N PRO A 40 -2.21 -20.20 3.10
CA PRO A 40 -2.34 -21.68 3.25
C PRO A 40 -1.53 -22.41 2.17
N LYS A 41 -1.04 -21.69 1.19
CA LYS A 41 -0.24 -22.34 0.12
C LYS A 41 1.26 -22.15 0.39
N GLU A 42 1.69 -20.93 0.58
CA GLU A 42 3.13 -20.67 0.85
C GLU A 42 3.34 -19.21 1.24
N LYS A 43 4.57 -18.81 1.44
CA LYS A 43 4.84 -17.39 1.81
C LYS A 43 4.93 -16.52 0.55
N GLU A 44 4.38 -15.34 0.59
CA GLU A 44 4.43 -14.44 -0.60
C GLU A 44 4.83 -13.02 -0.19
N GLU A 45 5.90 -12.52 -0.74
CA GLU A 45 6.33 -11.12 -0.39
C GLU A 45 5.66 -10.12 -1.33
N PHE A 46 5.35 -8.94 -0.84
CA PHE A 46 4.70 -7.92 -1.70
C PHE A 46 5.41 -6.57 -1.53
N ALA A 47 5.78 -5.96 -2.62
CA ALA A 47 6.47 -4.64 -2.54
C ALA A 47 5.43 -3.52 -2.59
N VAL A 48 5.42 -2.65 -1.61
CA VAL A 48 4.43 -1.54 -1.61
C VAL A 48 5.08 -0.26 -1.08
N PRO A 49 4.61 0.85 -1.56
CA PRO A 49 5.17 2.16 -1.12
C PRO A 49 4.84 2.42 0.35
N GLU A 50 5.85 2.59 1.16
CA GLU A 50 5.64 2.84 2.63
C GLU A 50 4.38 3.67 2.87
N ASN A 51 4.13 4.65 2.04
CA ASN A 51 2.91 5.50 2.23
C ASN A 51 1.72 4.90 1.48
N SER A 52 1.39 3.66 1.75
CA SER A 52 0.23 3.02 1.07
C SER A 52 -0.88 2.72 2.08
N SER A 53 -1.96 2.14 1.62
CA SER A 53 -3.09 1.80 2.54
C SER A 53 -3.44 0.32 2.42
N VAL A 54 -3.74 -0.32 3.53
CA VAL A 54 -4.10 -1.77 3.47
C VAL A 54 -5.41 -1.98 2.72
N GLN A 55 -6.35 -1.08 2.84
CA GLN A 55 -7.65 -1.27 2.14
C GLN A 55 -7.40 -1.60 0.65
N GLN A 56 -6.57 -0.83 0.00
CA GLN A 56 -6.28 -1.11 -1.44
C GLN A 56 -5.29 -2.26 -1.58
N PHE A 57 -4.23 -2.25 -0.80
CA PHE A 57 -3.22 -3.34 -0.88
C PHE A 57 -3.86 -4.68 -0.53
N LYS A 58 -4.54 -4.75 0.58
CA LYS A 58 -5.19 -6.03 1.00
C LYS A 58 -6.16 -6.51 -0.09
N GLU A 59 -6.81 -5.58 -0.75
CA GLU A 59 -7.76 -5.98 -1.84
C GLU A 59 -6.96 -6.34 -3.11
N ALA A 60 -5.79 -5.78 -3.26
CA ALA A 60 -4.98 -6.08 -4.46
C ALA A 60 -4.48 -7.53 -4.40
N ILE A 61 -3.87 -7.90 -3.31
CA ILE A 61 -3.36 -9.30 -3.18
C ILE A 61 -4.54 -10.28 -3.27
N SER A 62 -5.71 -9.86 -2.86
CA SER A 62 -6.90 -10.76 -2.94
C SER A 62 -7.10 -11.25 -4.38
N LYS A 63 -6.99 -10.38 -5.33
CA LYS A 63 -7.19 -10.80 -6.75
C LYS A 63 -6.14 -11.85 -7.15
N ARG A 64 -4.88 -11.56 -6.96
CA ARG A 64 -3.81 -12.54 -7.34
C ARG A 64 -3.99 -13.85 -6.58
N PHE A 65 -4.09 -13.78 -5.28
CA PHE A 65 -4.27 -15.03 -4.47
C PHE A 65 -5.65 -15.64 -4.76
N LYS A 66 -6.64 -14.80 -4.96
CA LYS A 66 -8.03 -15.30 -5.24
C LYS A 66 -8.69 -15.78 -3.95
N SER A 67 -9.27 -14.89 -3.21
CA SER A 67 -9.94 -15.27 -1.93
C SER A 67 -10.89 -14.16 -1.47
N GLN A 68 -11.15 -14.07 -0.20
CA GLN A 68 -12.07 -13.00 0.31
C GLN A 68 -11.27 -11.72 0.59
N THR A 69 -11.92 -10.70 1.08
CA THR A 69 -11.20 -9.43 1.38
C THR A 69 -11.73 -8.80 2.67
N ASP A 70 -13.02 -8.62 2.76
CA ASP A 70 -13.59 -8.02 4.01
C ASP A 70 -13.29 -8.91 5.22
N GLN A 71 -13.60 -10.17 5.11
CA GLN A 71 -13.32 -11.10 6.25
C GLN A 71 -11.84 -11.46 6.29
N LEU A 72 -11.16 -11.40 5.18
CA LEU A 72 -9.70 -11.75 5.16
C LEU A 72 -8.92 -10.73 5.98
N VAL A 73 -8.23 -11.18 7.00
CA VAL A 73 -7.43 -10.25 7.84
C VAL A 73 -6.05 -10.85 8.12
N LEU A 74 -5.08 -10.04 8.44
CA LEU A 74 -3.72 -10.60 8.72
C LEU A 74 -3.36 -10.38 10.20
N ILE A 75 -3.15 -11.44 10.92
CA ILE A 75 -2.80 -11.30 12.37
C ILE A 75 -1.30 -11.04 12.54
N PHE A 76 -0.93 -9.81 12.68
CA PHE A 76 0.52 -9.49 12.86
C PHE A 76 0.82 -9.29 14.35
N ALA A 77 1.54 -10.21 14.95
CA ALA A 77 1.88 -10.08 16.40
C ALA A 77 0.60 -9.98 17.24
N GLY A 78 -0.49 -10.51 16.75
CA GLY A 78 -1.77 -10.44 17.52
C GLY A 78 -2.62 -9.28 16.98
N LYS A 79 -1.99 -8.20 16.59
CA LYS A 79 -2.77 -7.04 16.07
C LYS A 79 -3.51 -7.44 14.79
N ILE A 80 -4.22 -6.52 14.20
CA ILE A 80 -4.97 -6.85 12.94
C ILE A 80 -4.33 -6.14 11.75
N LEU A 81 -3.29 -6.69 11.18
CA LEU A 81 -2.68 -6.03 10.00
C LEU A 81 -3.73 -5.94 8.91
N LYS A 82 -4.38 -4.81 8.79
CA LYS A 82 -5.44 -4.67 7.77
C LYS A 82 -5.74 -3.18 7.50
N ASP A 83 -6.96 -2.85 7.20
CA ASP A 83 -7.31 -1.43 6.92
C ASP A 83 -7.31 -0.61 8.21
N GLN A 84 -7.39 -1.27 9.34
CA GLN A 84 -7.39 -0.55 10.64
C GLN A 84 -6.18 0.39 10.72
N ASP A 85 -5.08 0.00 10.12
CA ASP A 85 -3.87 0.87 10.16
C ASP A 85 -2.99 0.64 8.93
N THR A 86 -2.02 1.49 8.70
CA THR A 86 -1.14 1.32 7.52
C THR A 86 0.02 0.37 7.88
N LEU A 87 0.66 -0.19 6.89
CA LEU A 87 1.78 -1.13 7.18
C LEU A 87 2.95 -0.39 7.84
N ILE A 88 3.34 0.74 7.32
CA ILE A 88 4.48 1.48 7.94
C ILE A 88 4.10 1.92 9.36
N GLN A 89 2.84 1.95 9.67
CA GLN A 89 2.43 2.38 11.03
C GLN A 89 2.26 1.17 11.96
N HIS A 90 2.24 -0.03 11.43
CA HIS A 90 2.09 -1.23 12.31
C HIS A 90 2.04 -2.54 11.51
N GLY A 91 1.56 -2.50 10.29
CA GLY A 91 1.49 -3.77 9.50
C GLY A 91 2.90 -4.35 9.37
N ILE A 92 3.84 -3.55 8.94
CA ILE A 92 5.24 -4.05 8.82
C ILE A 92 6.20 -2.88 9.03
N HIS A 93 7.47 -3.15 9.16
CA HIS A 93 8.45 -2.05 9.35
C HIS A 93 9.41 -2.02 8.16
N ASP A 94 9.69 -3.17 7.60
CA ASP A 94 10.62 -3.25 6.42
C ASP A 94 10.74 -4.69 5.94
N GLY A 95 9.67 -5.44 6.01
CA GLY A 95 9.72 -6.87 5.56
C GLY A 95 9.44 -7.79 6.74
N LEU A 96 8.22 -7.81 7.22
CA LEU A 96 7.88 -8.70 8.37
C LEU A 96 6.94 -9.81 7.91
N THR A 97 6.68 -10.77 8.77
CA THR A 97 5.76 -11.89 8.39
C THR A 97 4.46 -11.82 9.20
N VAL A 98 3.34 -12.08 8.58
CA VAL A 98 2.05 -12.02 9.31
C VAL A 98 1.16 -13.22 8.92
N HIS A 99 0.24 -13.60 9.78
CA HIS A 99 -0.64 -14.75 9.45
C HIS A 99 -1.91 -14.26 8.75
N LEU A 100 -2.16 -14.76 7.56
CA LEU A 100 -3.38 -14.32 6.82
C LEU A 100 -4.49 -15.37 6.96
N VAL A 101 -5.60 -15.00 7.53
CA VAL A 101 -6.71 -15.98 7.70
C VAL A 101 -8.07 -15.31 7.40
N ILE A 102 -8.96 -16.02 6.77
CA ILE A 102 -10.30 -15.43 6.44
C ILE A 102 -11.37 -16.02 7.35
N LYS A 103 -12.26 -15.20 7.86
CA LYS A 103 -13.35 -15.71 8.75
C LYS A 103 -14.60 -16.01 7.93
N MET A 1 -31.86 7.62 -36.09
CA MET A 1 -31.30 8.33 -34.92
C MET A 1 -31.73 7.65 -33.61
N ALA A 2 -31.43 6.39 -33.47
CA ALA A 2 -31.83 5.66 -32.23
C ALA A 2 -30.88 6.01 -31.08
N GLU A 3 -29.66 6.38 -31.39
CA GLU A 3 -28.69 6.74 -30.32
C GLU A 3 -29.22 7.92 -29.49
N ASN A 4 -28.59 8.20 -28.38
CA ASN A 4 -29.06 9.33 -27.53
C ASN A 4 -28.09 10.51 -27.64
N GLY A 5 -26.83 10.23 -27.87
CA GLY A 5 -25.84 11.33 -27.98
C GLY A 5 -24.42 10.75 -28.00
N GLU A 6 -23.89 10.47 -29.16
CA GLU A 6 -22.51 9.89 -29.25
C GLU A 6 -22.39 8.66 -28.35
N SER A 7 -22.77 7.51 -28.85
CA SER A 7 -22.67 6.27 -28.03
C SER A 7 -21.23 5.74 -28.01
N SER A 8 -20.35 6.35 -28.76
CA SER A 8 -18.94 5.88 -28.78
C SER A 8 -18.04 6.86 -28.01
N GLY A 9 -18.37 8.12 -28.01
CA GLY A 9 -17.53 9.10 -27.28
C GLY A 9 -16.42 9.63 -28.19
N PRO A 10 -15.67 10.57 -27.69
CA PRO A 10 -14.55 11.15 -28.49
C PRO A 10 -13.39 10.16 -28.59
N PRO A 11 -12.98 9.88 -29.81
CA PRO A 11 -11.87 8.92 -30.04
C PRO A 11 -10.53 9.55 -29.62
N ARG A 12 -9.48 8.77 -29.60
CA ARG A 12 -8.15 9.33 -29.22
C ARG A 12 -8.24 10.07 -27.88
N PRO A 13 -8.61 9.35 -26.85
CA PRO A 13 -8.74 9.96 -25.50
C PRO A 13 -7.35 10.25 -24.89
N SER A 14 -6.31 9.79 -25.53
CA SER A 14 -4.93 10.04 -24.99
C SER A 14 -4.69 11.54 -24.83
N ARG A 15 -4.66 12.02 -23.62
CA ARG A 15 -4.42 13.48 -23.39
C ARG A 15 -3.67 13.70 -22.08
N GLY A 16 -4.29 13.35 -20.98
CA GLY A 16 -3.61 13.53 -19.66
C GLY A 16 -4.55 13.05 -18.54
N PRO A 17 -5.37 13.96 -18.06
CA PRO A 17 -6.33 13.62 -16.98
C PRO A 17 -7.47 12.76 -17.52
N ALA A 18 -8.19 12.10 -16.67
CA ALA A 18 -9.33 11.25 -17.13
C ALA A 18 -10.22 10.87 -15.95
N ALA A 19 -9.76 10.00 -15.09
CA ALA A 19 -10.59 9.59 -13.93
C ALA A 19 -10.27 10.46 -12.71
N ALA A 20 -9.05 10.94 -12.62
CA ALA A 20 -8.66 11.80 -11.47
C ALA A 20 -9.00 11.11 -10.14
N GLN A 21 -9.07 11.86 -9.07
CA GLN A 21 -9.39 11.25 -7.74
C GLN A 21 -8.44 10.09 -7.45
N GLY A 22 -7.17 10.29 -7.60
CA GLY A 22 -6.20 9.20 -7.33
C GLY A 22 -6.09 8.97 -5.82
N SER A 23 -6.22 7.74 -5.39
CA SER A 23 -6.13 7.45 -3.93
C SER A 23 -4.67 7.31 -3.50
N ALA A 24 -4.00 6.29 -3.96
CA ALA A 24 -2.57 6.10 -3.58
C ALA A 24 -1.87 5.18 -4.60
N ALA A 25 -1.84 5.58 -5.84
CA ALA A 25 -1.18 4.73 -6.88
C ALA A 25 -0.51 5.62 -7.93
N ALA A 26 0.49 6.36 -7.56
CA ALA A 26 1.18 7.24 -8.54
C ALA A 26 2.66 7.41 -8.16
N PRO A 27 3.45 7.80 -9.12
CA PRO A 27 4.90 8.00 -8.87
C PRO A 27 5.14 9.26 -8.03
N ALA A 28 4.93 9.17 -6.74
CA ALA A 28 5.14 10.36 -5.88
C ALA A 28 6.06 10.01 -4.69
N GLU A 29 5.64 9.07 -3.88
CA GLU A 29 6.48 8.66 -2.71
C GLU A 29 6.71 7.15 -2.73
N PRO A 30 7.81 6.74 -3.28
CA PRO A 30 8.14 5.28 -3.35
C PRO A 30 8.50 4.75 -1.97
N LYS A 31 9.77 4.73 -1.62
CA LYS A 31 10.16 4.18 -0.28
C LYS A 31 9.37 2.90 -0.04
N ILE A 32 9.27 2.09 -1.07
CA ILE A 32 8.48 0.84 -0.97
C ILE A 32 9.01 -0.06 0.15
N ILE A 33 8.12 -0.65 0.92
CA ILE A 33 8.57 -1.56 2.02
C ILE A 33 8.26 -3.01 1.64
N LYS A 34 8.91 -3.95 2.26
CA LYS A 34 8.65 -5.39 1.94
C LYS A 34 7.61 -5.97 2.91
N VAL A 35 6.64 -6.66 2.39
CA VAL A 35 5.59 -7.26 3.29
C VAL A 35 5.43 -8.76 2.98
N THR A 36 5.69 -9.59 3.95
CA THR A 36 5.56 -11.07 3.73
C THR A 36 4.18 -11.55 4.21
N VAL A 37 3.36 -12.01 3.30
CA VAL A 37 2.01 -12.50 3.71
C VAL A 37 1.96 -14.03 3.67
N LYS A 38 1.51 -14.63 4.74
CA LYS A 38 1.44 -16.12 4.77
C LYS A 38 0.02 -16.57 4.39
N THR A 39 -0.10 -17.38 3.38
CA THR A 39 -1.45 -17.85 2.96
C THR A 39 -1.49 -19.39 2.98
N PRO A 40 -2.67 -19.94 2.81
CA PRO A 40 -2.83 -21.41 2.82
C PRO A 40 -2.17 -22.03 1.58
N LYS A 41 -1.80 -21.22 0.62
CA LYS A 41 -1.13 -21.76 -0.60
C LYS A 41 0.39 -21.72 -0.44
N GLU A 42 0.92 -20.58 -0.07
CA GLU A 42 2.39 -20.46 0.11
C GLU A 42 2.75 -19.08 0.68
N LYS A 43 4.01 -18.84 0.93
CA LYS A 43 4.42 -17.52 1.47
C LYS A 43 4.94 -16.62 0.34
N GLU A 44 4.39 -15.43 0.21
CA GLU A 44 4.85 -14.53 -0.88
C GLU A 44 5.05 -13.11 -0.34
N GLU A 45 6.14 -12.48 -0.70
CA GLU A 45 6.38 -11.08 -0.22
C GLU A 45 5.81 -10.09 -1.23
N PHE A 46 5.41 -8.93 -0.77
CA PHE A 46 4.83 -7.93 -1.71
C PHE A 46 5.51 -6.57 -1.53
N ALA A 47 5.54 -5.78 -2.57
CA ALA A 47 6.18 -4.43 -2.46
C ALA A 47 5.09 -3.37 -2.42
N VAL A 48 5.19 -2.44 -1.52
CA VAL A 48 4.15 -1.39 -1.43
C VAL A 48 4.82 -0.06 -1.07
N PRO A 49 4.32 1.01 -1.62
CA PRO A 49 4.92 2.34 -1.36
C PRO A 49 4.71 2.75 0.09
N GLU A 50 5.77 3.13 0.74
CA GLU A 50 5.74 3.57 2.17
C GLU A 50 4.49 4.42 2.51
N ASN A 51 3.85 4.99 1.53
CA ASN A 51 2.63 5.81 1.83
C ASN A 51 1.37 5.12 1.30
N SER A 52 1.31 3.81 1.40
CA SER A 52 0.11 3.08 0.90
C SER A 52 -0.85 2.81 2.07
N SER A 53 -1.65 1.77 1.96
CA SER A 53 -2.62 1.44 3.05
C SER A 53 -3.10 0.00 2.90
N VAL A 54 -3.56 -0.60 3.97
CA VAL A 54 -4.04 -2.01 3.88
C VAL A 54 -5.24 -2.12 2.95
N GLN A 55 -6.10 -1.14 2.91
CA GLN A 55 -7.29 -1.24 2.01
C GLN A 55 -6.86 -1.65 0.59
N GLN A 56 -5.84 -1.02 0.06
CA GLN A 56 -5.37 -1.39 -1.30
C GLN A 56 -4.57 -2.70 -1.26
N PHE A 57 -3.62 -2.81 -0.35
CA PHE A 57 -2.81 -4.05 -0.27
C PHE A 57 -3.71 -5.26 0.04
N LYS A 58 -4.54 -5.15 1.04
CA LYS A 58 -5.44 -6.29 1.40
C LYS A 58 -6.30 -6.67 0.19
N GLU A 59 -6.62 -5.71 -0.65
CA GLU A 59 -7.46 -6.02 -1.84
C GLU A 59 -6.57 -6.51 -2.99
N ALA A 60 -5.33 -6.10 -3.00
CA ALA A 60 -4.41 -6.54 -4.09
C ALA A 60 -4.13 -8.05 -3.96
N ILE A 61 -3.93 -8.51 -2.75
CA ILE A 61 -3.66 -9.96 -2.53
C ILE A 61 -4.82 -10.80 -3.04
N SER A 62 -6.01 -10.27 -2.99
CA SER A 62 -7.21 -11.04 -3.45
C SER A 62 -7.08 -11.36 -4.95
N LYS A 63 -6.66 -10.41 -5.74
CA LYS A 63 -6.53 -10.65 -7.20
C LYS A 63 -5.58 -11.83 -7.48
N ARG A 64 -4.42 -11.83 -6.88
CA ARG A 64 -3.45 -12.95 -7.12
C ARG A 64 -3.94 -14.25 -6.47
N PHE A 65 -4.25 -14.22 -5.21
CA PHE A 65 -4.73 -15.46 -4.53
C PHE A 65 -6.09 -15.88 -5.08
N LYS A 66 -6.93 -14.93 -5.40
CA LYS A 66 -8.29 -15.25 -5.95
C LYS A 66 -9.16 -15.85 -4.85
N SER A 67 -9.73 -15.02 -4.01
CA SER A 67 -10.61 -15.54 -2.91
C SER A 67 -11.37 -14.38 -2.27
N GLN A 68 -11.76 -14.52 -1.04
CA GLN A 68 -12.51 -13.41 -0.36
C GLN A 68 -11.55 -12.28 0.02
N THR A 69 -12.07 -11.09 0.19
CA THR A 69 -11.19 -9.95 0.55
C THR A 69 -11.74 -9.22 1.79
N ASP A 70 -13.03 -9.03 1.85
CA ASP A 70 -13.63 -8.33 3.03
C ASP A 70 -13.26 -9.06 4.32
N GLN A 71 -13.68 -10.28 4.47
CA GLN A 71 -13.35 -11.04 5.70
C GLN A 71 -11.85 -11.38 5.74
N LEU A 72 -11.22 -11.45 4.60
CA LEU A 72 -9.77 -11.77 4.56
C LEU A 72 -8.96 -10.67 5.24
N VAL A 73 -8.27 -11.00 6.30
CA VAL A 73 -7.45 -9.97 7.01
C VAL A 73 -6.10 -10.58 7.43
N LEU A 74 -5.17 -9.77 7.85
CA LEU A 74 -3.85 -10.33 8.26
C LEU A 74 -3.68 -10.24 9.78
N ILE A 75 -3.01 -11.18 10.38
CA ILE A 75 -2.81 -11.15 11.86
C ILE A 75 -1.40 -10.68 12.19
N PHE A 76 -1.24 -9.40 12.41
CA PHE A 76 0.11 -8.86 12.75
C PHE A 76 0.49 -9.22 14.19
N ALA A 77 0.64 -10.49 14.47
CA ALA A 77 1.01 -10.92 15.85
C ALA A 77 0.11 -10.24 16.90
N GLY A 78 -1.08 -10.75 17.09
CA GLY A 78 -2.00 -10.13 18.09
C GLY A 78 -2.81 -9.02 17.42
N LYS A 79 -2.15 -8.08 16.79
CA LYS A 79 -2.88 -6.98 16.12
C LYS A 79 -3.51 -7.47 14.81
N ILE A 80 -4.22 -6.62 14.13
CA ILE A 80 -4.85 -7.07 12.84
C ILE A 80 -4.25 -6.28 11.68
N LEU A 81 -3.42 -6.90 10.88
CA LEU A 81 -2.86 -6.17 9.71
C LEU A 81 -4.01 -5.94 8.73
N LYS A 82 -4.91 -5.06 9.07
CA LYS A 82 -6.08 -4.79 8.20
C LYS A 82 -6.18 -3.30 7.88
N ASP A 83 -7.35 -2.87 7.48
CA ASP A 83 -7.54 -1.43 7.15
C ASP A 83 -7.58 -0.59 8.43
N GLN A 84 -7.79 -1.22 9.56
CA GLN A 84 -7.83 -0.47 10.84
C GLN A 84 -6.58 0.40 10.99
N ASP A 85 -5.47 -0.07 10.46
CA ASP A 85 -4.21 0.73 10.57
C ASP A 85 -3.52 0.81 9.20
N THR A 86 -2.52 1.64 9.08
CA THR A 86 -1.81 1.75 7.77
C THR A 86 -0.68 0.73 7.71
N LEU A 87 -0.53 0.08 6.59
CA LEU A 87 0.56 -0.94 6.46
C LEU A 87 1.92 -0.31 6.77
N ILE A 88 2.19 0.82 6.21
CA ILE A 88 3.49 1.49 6.47
C ILE A 88 3.52 2.10 7.88
N GLN A 89 2.38 2.24 8.50
CA GLN A 89 2.33 2.86 9.86
C GLN A 89 2.48 1.81 10.97
N HIS A 90 2.43 0.54 10.65
CA HIS A 90 2.56 -0.48 11.74
C HIS A 90 2.62 -1.89 11.16
N GLY A 91 1.88 -2.12 10.10
CA GLY A 91 1.87 -3.48 9.50
C GLY A 91 3.28 -3.87 9.07
N ILE A 92 4.02 -2.96 8.48
CA ILE A 92 5.40 -3.32 8.04
C ILE A 92 6.37 -2.17 8.33
N HIS A 93 7.54 -2.50 8.80
CA HIS A 93 8.56 -1.45 9.08
C HIS A 93 9.60 -1.47 7.96
N ASP A 94 9.91 -2.65 7.48
CA ASP A 94 10.91 -2.79 6.38
C ASP A 94 11.06 -4.28 6.02
N GLY A 95 10.01 -5.04 6.10
CA GLY A 95 10.10 -6.50 5.77
C GLY A 95 9.65 -7.32 6.97
N LEU A 96 8.37 -7.33 7.26
CA LEU A 96 7.87 -8.13 8.42
C LEU A 96 6.99 -9.27 7.93
N THR A 97 6.68 -10.20 8.79
CA THR A 97 5.81 -11.36 8.38
C THR A 97 4.51 -11.36 9.21
N VAL A 98 3.44 -11.80 8.61
CA VAL A 98 2.14 -11.84 9.35
C VAL A 98 1.31 -13.06 8.94
N HIS A 99 0.50 -13.58 9.83
CA HIS A 99 -0.33 -14.77 9.49
C HIS A 99 -1.68 -14.35 8.91
N LEU A 100 -2.00 -14.78 7.72
CA LEU A 100 -3.30 -14.39 7.10
C LEU A 100 -4.43 -15.31 7.61
N VAL A 101 -5.63 -14.79 7.68
CA VAL A 101 -6.78 -15.62 8.14
C VAL A 101 -8.10 -14.90 7.86
N ILE A 102 -9.05 -15.60 7.28
CA ILE A 102 -10.36 -14.95 6.97
C ILE A 102 -11.36 -15.23 8.10
N LYS A 103 -12.03 -14.21 8.57
CA LYS A 103 -13.02 -14.41 9.67
C LYS A 103 -14.40 -14.73 9.09
N MET A 1 8.33 27.23 -14.68
CA MET A 1 8.34 27.79 -13.31
C MET A 1 7.25 28.86 -13.16
N ALA A 2 7.33 29.91 -13.92
CA ALA A 2 6.30 30.99 -13.83
C ALA A 2 5.27 30.83 -14.95
N GLU A 3 4.00 30.92 -14.62
CA GLU A 3 2.95 30.78 -15.67
C GLU A 3 2.85 32.06 -16.50
N ASN A 4 3.14 31.98 -17.77
CA ASN A 4 3.06 33.19 -18.63
C ASN A 4 1.60 33.62 -18.81
N GLY A 5 1.23 34.74 -18.23
CA GLY A 5 -0.17 35.21 -18.36
C GLY A 5 -0.37 36.50 -17.54
N GLU A 6 -1.24 36.45 -16.57
CA GLU A 6 -1.47 37.67 -15.72
C GLU A 6 -0.22 38.00 -14.92
N SER A 7 -0.19 39.15 -14.30
CA SER A 7 1.02 39.54 -13.50
C SER A 7 0.69 39.46 -12.00
N SER A 8 0.17 38.35 -11.55
CA SER A 8 -0.16 38.21 -10.10
C SER A 8 0.70 37.11 -9.46
N GLY A 9 1.97 37.12 -9.72
CA GLY A 9 2.87 36.09 -9.12
C GLY A 9 2.48 34.71 -9.66
N PRO A 10 2.95 33.68 -9.00
CA PRO A 10 2.65 32.30 -9.42
C PRO A 10 1.19 31.95 -9.10
N PRO A 11 0.74 30.86 -9.66
CA PRO A 11 -0.66 30.41 -9.42
C PRO A 11 -0.81 29.83 -8.01
N ARG A 12 -1.83 30.25 -7.30
CA ARG A 12 -2.03 29.73 -5.91
C ARG A 12 -2.37 28.24 -5.94
N PRO A 13 -3.41 27.89 -6.68
CA PRO A 13 -3.83 26.48 -6.77
C PRO A 13 -2.84 25.69 -7.64
N SER A 14 -1.63 25.53 -7.18
CA SER A 14 -0.62 24.77 -7.98
C SER A 14 -1.05 23.30 -8.09
N ARG A 15 -0.52 22.59 -9.04
CA ARG A 15 -0.89 21.15 -9.19
C ARG A 15 -0.48 20.36 -7.95
N GLY A 16 0.71 20.59 -7.46
CA GLY A 16 1.18 19.85 -6.25
C GLY A 16 1.61 20.86 -5.17
N PRO A 17 0.94 20.82 -4.05
CA PRO A 17 1.27 21.74 -2.93
C PRO A 17 2.59 21.33 -2.27
N ALA A 18 2.91 20.06 -2.33
CA ALA A 18 4.19 19.59 -1.70
C ALA A 18 5.33 19.68 -2.70
N ALA A 19 5.50 20.80 -3.34
CA ALA A 19 6.61 20.94 -4.32
C ALA A 19 7.85 21.52 -3.65
N ALA A 20 9.00 21.33 -4.24
CA ALA A 20 10.26 21.86 -3.63
C ALA A 20 10.97 22.79 -4.61
N GLN A 21 11.47 23.89 -4.13
CA GLN A 21 12.19 24.85 -5.04
C GLN A 21 13.70 24.74 -4.85
N GLY A 22 14.15 24.60 -3.63
CA GLY A 22 15.62 24.48 -3.37
C GLY A 22 16.03 23.01 -3.48
N SER A 23 17.21 22.68 -3.03
CA SER A 23 17.68 21.27 -3.11
C SER A 23 16.90 20.40 -2.11
N ALA A 24 16.59 19.19 -2.49
CA ALA A 24 15.83 18.30 -1.56
C ALA A 24 16.80 17.59 -0.61
N ALA A 25 16.27 16.97 0.42
CA ALA A 25 17.16 16.26 1.39
C ALA A 25 16.63 14.85 1.64
N ALA A 26 15.45 14.73 2.16
CA ALA A 26 14.87 13.38 2.44
C ALA A 26 13.36 13.37 2.13
N PRO A 27 13.04 13.02 0.91
CA PRO A 27 11.61 12.97 0.50
C PRO A 27 10.91 11.77 1.15
N ALA A 28 9.67 11.94 1.54
CA ALA A 28 8.93 10.81 2.18
C ALA A 28 7.80 10.32 1.25
N GLU A 29 7.97 9.17 0.67
CA GLU A 29 6.92 8.62 -0.24
C GLU A 29 7.31 7.23 -0.75
N PRO A 30 8.47 7.14 -1.35
CA PRO A 30 8.95 5.84 -1.87
C PRO A 30 9.55 4.98 -0.76
N LYS A 31 9.05 5.07 0.44
CA LYS A 31 9.57 4.20 1.52
C LYS A 31 9.10 2.79 1.22
N ILE A 32 9.60 2.22 0.15
CA ILE A 32 9.15 0.87 -0.26
C ILE A 32 9.40 -0.14 0.86
N ILE A 33 8.38 -0.51 1.56
CA ILE A 33 8.55 -1.50 2.67
C ILE A 33 8.20 -2.91 2.16
N LYS A 34 8.85 -3.91 2.69
CA LYS A 34 8.57 -5.30 2.24
C LYS A 34 7.49 -5.94 3.12
N VAL A 35 6.61 -6.69 2.55
CA VAL A 35 5.53 -7.34 3.36
C VAL A 35 5.46 -8.84 3.05
N THR A 36 5.79 -9.66 4.02
CA THR A 36 5.74 -11.13 3.79
C THR A 36 4.35 -11.67 4.16
N VAL A 37 3.59 -12.07 3.18
CA VAL A 37 2.22 -12.59 3.48
C VAL A 37 2.26 -14.12 3.58
N LYS A 38 1.75 -14.65 4.65
CA LYS A 38 1.73 -16.14 4.81
C LYS A 38 0.30 -16.66 4.70
N THR A 39 0.06 -17.55 3.78
CA THR A 39 -1.32 -18.10 3.62
C THR A 39 -1.30 -19.63 3.73
N PRO A 40 -2.45 -20.21 3.96
CA PRO A 40 -2.55 -21.68 4.08
C PRO A 40 -2.39 -22.34 2.71
N LYS A 41 -1.26 -22.13 2.08
CA LYS A 41 -1.02 -22.74 0.74
C LYS A 41 0.40 -22.40 0.26
N GLU A 42 0.83 -21.19 0.51
CA GLU A 42 2.19 -20.77 0.09
C GLU A 42 2.58 -19.45 0.77
N LYS A 43 3.65 -18.85 0.36
CA LYS A 43 4.08 -17.56 0.99
C LYS A 43 4.65 -16.62 -0.07
N GLU A 44 4.13 -15.43 -0.18
CA GLU A 44 4.65 -14.47 -1.18
C GLU A 44 4.82 -13.08 -0.56
N GLU A 45 5.96 -12.46 -0.79
CA GLU A 45 6.19 -11.10 -0.22
C GLU A 45 5.71 -10.03 -1.21
N PHE A 46 5.28 -8.89 -0.72
CA PHE A 46 4.80 -7.83 -1.65
C PHE A 46 5.58 -6.53 -1.42
N ALA A 47 5.89 -5.84 -2.47
CA ALA A 47 6.64 -4.55 -2.33
C ALA A 47 5.65 -3.40 -2.48
N VAL A 48 5.46 -2.62 -1.45
CA VAL A 48 4.48 -1.50 -1.55
C VAL A 48 5.17 -0.15 -1.31
N PRO A 49 4.68 0.87 -1.97
CA PRO A 49 5.26 2.23 -1.84
C PRO A 49 4.86 2.90 -0.53
N GLU A 50 5.07 2.24 0.59
CA GLU A 50 4.73 2.83 1.91
C GLU A 50 3.25 3.26 1.97
N ASN A 51 2.91 4.36 1.37
CA ASN A 51 1.50 4.86 1.40
C ASN A 51 0.48 3.75 1.09
N SER A 52 0.90 2.68 0.47
CA SER A 52 -0.06 1.58 0.16
C SER A 52 -0.70 1.05 1.45
N SER A 53 -1.83 1.60 1.83
CA SER A 53 -2.51 1.15 3.08
C SER A 53 -3.03 -0.28 2.91
N VAL A 54 -3.57 -0.85 3.95
CA VAL A 54 -4.09 -2.25 3.85
C VAL A 54 -5.32 -2.28 2.94
N GLN A 55 -6.14 -1.27 2.96
CA GLN A 55 -7.35 -1.28 2.08
C GLN A 55 -6.93 -1.62 0.64
N GLN A 56 -5.93 -0.96 0.13
CA GLN A 56 -5.46 -1.23 -1.25
C GLN A 56 -4.64 -2.53 -1.29
N PHE A 57 -3.71 -2.69 -0.38
CA PHE A 57 -2.88 -3.93 -0.36
C PHE A 57 -3.75 -5.16 -0.14
N LYS A 58 -4.59 -5.13 0.86
CA LYS A 58 -5.48 -6.29 1.15
C LYS A 58 -6.34 -6.59 -0.08
N GLU A 59 -6.66 -5.59 -0.86
CA GLU A 59 -7.48 -5.83 -2.08
C GLU A 59 -6.60 -6.36 -3.21
N ALA A 60 -5.33 -6.07 -3.16
CA ALA A 60 -4.41 -6.57 -4.23
C ALA A 60 -4.31 -8.09 -4.17
N ILE A 61 -4.20 -8.66 -2.99
CA ILE A 61 -4.10 -10.13 -2.87
C ILE A 61 -5.35 -10.80 -3.45
N SER A 62 -6.50 -10.20 -3.27
CA SER A 62 -7.75 -10.81 -3.81
C SER A 62 -7.60 -11.08 -5.31
N LYS A 63 -7.16 -10.12 -6.07
CA LYS A 63 -7.00 -10.33 -7.54
C LYS A 63 -5.88 -11.34 -7.85
N ARG A 64 -4.69 -11.10 -7.33
CA ARG A 64 -3.55 -12.03 -7.61
C ARG A 64 -3.72 -13.36 -6.89
N PHE A 65 -3.92 -13.33 -5.60
CA PHE A 65 -4.10 -14.60 -4.83
C PHE A 65 -5.42 -15.27 -5.22
N LYS A 66 -6.44 -14.48 -5.48
CA LYS A 66 -7.77 -15.05 -5.86
C LYS A 66 -8.38 -15.81 -4.68
N SER A 67 -8.99 -15.11 -3.77
CA SER A 67 -9.62 -15.77 -2.59
C SER A 67 -10.73 -14.89 -2.02
N GLN A 68 -10.39 -13.74 -1.50
CA GLN A 68 -11.43 -12.83 -0.93
C GLN A 68 -10.81 -11.46 -0.62
N THR A 69 -11.57 -10.58 -0.04
CA THR A 69 -11.03 -9.23 0.29
C THR A 69 -11.55 -8.76 1.64
N ASP A 70 -12.85 -8.73 1.82
CA ASP A 70 -13.43 -8.28 3.12
C ASP A 70 -12.91 -9.15 4.26
N GLN A 71 -13.29 -10.40 4.28
CA GLN A 71 -12.81 -11.31 5.37
C GLN A 71 -11.28 -11.41 5.35
N LEU A 72 -10.69 -11.19 4.20
CA LEU A 72 -9.20 -11.29 4.10
C LEU A 72 -8.52 -10.40 5.15
N VAL A 73 -8.16 -10.97 6.27
CA VAL A 73 -7.49 -10.17 7.34
C VAL A 73 -6.16 -10.84 7.71
N LEU A 74 -5.17 -10.08 8.11
CA LEU A 74 -3.87 -10.70 8.48
C LEU A 74 -3.55 -10.42 9.96
N ILE A 75 -3.09 -11.41 10.67
CA ILE A 75 -2.78 -11.21 12.11
C ILE A 75 -1.35 -10.71 12.28
N PHE A 76 -1.18 -9.43 12.51
CA PHE A 76 0.19 -8.88 12.68
C PHE A 76 0.73 -9.21 14.08
N ALA A 77 1.27 -10.39 14.26
CA ALA A 77 1.81 -10.78 15.60
C ALA A 77 0.78 -10.51 16.71
N GLY A 78 -0.48 -10.72 16.42
CA GLY A 78 -1.53 -10.48 17.45
C GLY A 78 -2.47 -9.38 16.97
N LYS A 79 -1.95 -8.23 16.64
CA LYS A 79 -2.83 -7.12 16.16
C LYS A 79 -3.56 -7.55 14.88
N ILE A 80 -4.20 -6.62 14.22
CA ILE A 80 -4.94 -6.98 12.97
C ILE A 80 -4.36 -6.24 11.77
N LEU A 81 -3.44 -6.86 11.05
CA LEU A 81 -2.89 -6.18 9.85
C LEU A 81 -4.02 -6.07 8.83
N LYS A 82 -4.88 -5.10 9.02
CA LYS A 82 -6.04 -4.94 8.11
C LYS A 82 -6.24 -3.47 7.76
N ASP A 83 -7.42 -3.11 7.34
CA ASP A 83 -7.69 -1.68 7.00
C ASP A 83 -7.79 -0.83 8.27
N GLN A 84 -7.94 -1.47 9.40
CA GLN A 84 -8.02 -0.70 10.69
C GLN A 84 -6.80 0.21 10.83
N ASP A 85 -5.67 -0.23 10.34
CA ASP A 85 -4.43 0.61 10.44
C ASP A 85 -3.66 0.58 9.13
N THR A 86 -2.88 1.59 8.85
CA THR A 86 -2.10 1.61 7.58
C THR A 86 -0.98 0.57 7.64
N LEU A 87 -0.65 -0.02 6.53
CA LEU A 87 0.42 -1.06 6.52
C LEU A 87 1.71 -0.47 7.12
N ILE A 88 2.09 0.70 6.69
CA ILE A 88 3.32 1.34 7.24
C ILE A 88 3.08 1.82 8.68
N GLN A 89 1.85 1.89 9.09
CA GLN A 89 1.55 2.38 10.47
C GLN A 89 1.62 1.26 11.50
N HIS A 90 1.65 0.01 11.08
CA HIS A 90 1.72 -1.07 12.11
C HIS A 90 1.98 -2.43 11.45
N GLY A 91 1.37 -2.68 10.33
CA GLY A 91 1.57 -3.99 9.64
C GLY A 91 3.04 -4.18 9.30
N ILE A 92 3.69 -3.18 8.74
CA ILE A 92 5.12 -3.35 8.37
C ILE A 92 5.93 -2.10 8.73
N HIS A 93 7.15 -2.30 9.15
CA HIS A 93 8.03 -1.15 9.48
C HIS A 93 9.12 -1.05 8.41
N ASP A 94 9.55 -2.18 7.90
CA ASP A 94 10.60 -2.20 6.84
C ASP A 94 10.89 -3.65 6.44
N GLY A 95 9.87 -4.48 6.42
CA GLY A 95 10.08 -5.90 6.04
C GLY A 95 9.68 -6.81 7.20
N LEU A 96 8.42 -6.93 7.48
CA LEU A 96 7.97 -7.79 8.62
C LEU A 96 7.15 -8.97 8.09
N THR A 97 6.67 -9.81 8.97
CA THR A 97 5.87 -10.99 8.53
C THR A 97 4.50 -10.99 9.23
N VAL A 98 3.49 -11.45 8.56
CA VAL A 98 2.13 -11.48 9.19
C VAL A 98 1.37 -12.75 8.77
N HIS A 99 0.50 -13.22 9.61
CA HIS A 99 -0.27 -14.46 9.27
C HIS A 99 -1.58 -14.09 8.54
N LEU A 100 -2.00 -14.88 7.60
CA LEU A 100 -3.26 -14.56 6.87
C LEU A 100 -4.43 -15.36 7.47
N VAL A 101 -5.43 -14.68 7.96
CA VAL A 101 -6.59 -15.40 8.56
C VAL A 101 -7.90 -14.71 8.17
N ILE A 102 -8.85 -15.45 7.65
CA ILE A 102 -10.14 -14.83 7.25
C ILE A 102 -11.23 -15.17 8.27
N LYS A 103 -11.96 -14.19 8.72
CA LYS A 103 -13.04 -14.45 9.72
C LYS A 103 -14.42 -14.34 9.05
N MET A 1 29.05 33.97 -25.97
CA MET A 1 29.12 35.16 -25.08
C MET A 1 28.35 34.89 -23.78
N ALA A 2 28.92 34.13 -22.89
CA ALA A 2 28.22 33.81 -21.61
C ALA A 2 28.76 34.71 -20.49
N GLU A 3 29.23 35.89 -20.83
CA GLU A 3 29.76 36.81 -19.79
C GLU A 3 28.92 38.08 -19.71
N ASN A 4 28.39 38.52 -20.83
CA ASN A 4 27.55 39.75 -20.83
C ASN A 4 26.11 39.41 -21.18
N GLY A 5 25.26 39.32 -20.19
CA GLY A 5 23.82 38.99 -20.46
C GLY A 5 23.16 40.14 -21.23
N GLU A 6 22.03 39.91 -21.82
CA GLU A 6 21.33 40.99 -22.58
C GLU A 6 19.83 40.95 -22.30
N SER A 7 19.16 39.91 -22.73
CA SER A 7 17.69 39.82 -22.48
C SER A 7 17.40 38.68 -21.50
N SER A 8 18.20 37.65 -21.50
CA SER A 8 17.96 36.51 -20.56
C SER A 8 19.24 35.70 -20.37
N GLY A 9 19.65 35.50 -19.15
CA GLY A 9 20.90 34.72 -18.89
C GLY A 9 20.72 33.29 -19.40
N PRO A 10 20.14 32.46 -18.57
CA PRO A 10 19.90 31.05 -18.94
C PRO A 10 18.76 30.95 -19.96
N PRO A 11 18.68 29.82 -20.61
CA PRO A 11 17.62 29.60 -21.62
C PRO A 11 16.25 29.43 -20.95
N ARG A 12 16.25 29.03 -19.70
CA ARG A 12 14.96 28.84 -18.98
C ARG A 12 14.78 29.93 -17.92
N PRO A 13 13.99 30.93 -18.25
CA PRO A 13 13.75 32.05 -17.30
C PRO A 13 12.85 31.59 -16.15
N SER A 14 13.00 32.18 -15.00
CA SER A 14 12.15 31.78 -13.83
C SER A 14 12.03 32.94 -12.84
N ARG A 15 11.20 32.78 -11.84
CA ARG A 15 11.04 33.88 -10.84
C ARG A 15 11.25 33.33 -9.42
N GLY A 16 10.96 34.12 -8.42
CA GLY A 16 11.16 33.65 -7.02
C GLY A 16 10.64 34.72 -6.05
N PRO A 17 9.34 34.83 -5.96
CA PRO A 17 8.72 35.83 -5.06
C PRO A 17 8.87 35.39 -3.60
N ALA A 18 8.18 36.03 -2.70
CA ALA A 18 8.28 35.66 -1.26
C ALA A 18 7.29 34.54 -0.93
N ALA A 19 6.11 34.60 -1.47
CA ALA A 19 5.10 33.54 -1.21
C ALA A 19 4.68 32.85 -2.51
N ALA A 20 5.49 31.95 -2.99
CA ALA A 20 5.15 31.24 -4.26
C ALA A 20 4.27 30.02 -3.97
N GLN A 21 4.03 29.20 -4.95
CA GLN A 21 3.18 27.99 -4.74
C GLN A 21 4.00 26.72 -4.97
N GLY A 22 4.01 25.82 -4.02
CA GLY A 22 4.78 24.56 -4.19
C GLY A 22 3.95 23.38 -3.71
N SER A 23 3.32 22.68 -4.62
CA SER A 23 2.48 21.50 -4.23
C SER A 23 2.22 20.60 -5.44
N ALA A 24 3.13 19.69 -5.71
CA ALA A 24 2.93 18.79 -6.88
C ALA A 24 1.73 17.88 -6.64
N ALA A 25 1.00 17.56 -7.68
CA ALA A 25 -0.19 16.67 -7.51
C ALA A 25 0.25 15.21 -7.45
N ALA A 26 1.07 14.86 -6.49
CA ALA A 26 1.54 13.45 -6.38
C ALA A 26 2.02 13.16 -4.95
N PRO A 27 1.08 13.08 -4.04
CA PRO A 27 1.42 12.82 -2.62
C PRO A 27 1.84 11.35 -2.44
N ALA A 28 1.37 10.49 -3.29
CA ALA A 28 1.74 9.04 -3.16
C ALA A 28 3.25 8.86 -3.35
N GLU A 29 3.93 8.43 -2.32
CA GLU A 29 5.41 8.23 -2.43
C GLU A 29 5.74 6.75 -2.56
N PRO A 30 6.90 6.46 -3.10
CA PRO A 30 7.32 5.05 -3.27
C PRO A 30 7.68 4.42 -1.93
N LYS A 31 8.93 4.45 -1.52
CA LYS A 31 9.29 3.81 -0.21
C LYS A 31 8.58 2.46 -0.13
N ILE A 32 8.60 1.73 -1.22
CA ILE A 32 7.90 0.42 -1.25
C ILE A 32 8.43 -0.50 -0.14
N ILE A 33 7.62 -0.80 0.84
CA ILE A 33 8.08 -1.70 1.94
C ILE A 33 7.76 -3.17 1.58
N LYS A 34 8.50 -4.08 2.12
CA LYS A 34 8.25 -5.53 1.82
C LYS A 34 7.34 -6.15 2.87
N VAL A 35 6.49 -7.06 2.47
CA VAL A 35 5.56 -7.72 3.44
C VAL A 35 5.46 -9.22 3.14
N THR A 36 5.84 -10.04 4.09
CA THR A 36 5.78 -11.51 3.86
C THR A 36 4.40 -12.03 4.25
N VAL A 37 3.56 -12.29 3.27
CA VAL A 37 2.19 -12.81 3.57
C VAL A 37 2.17 -14.34 3.46
N LYS A 38 1.68 -15.01 4.47
CA LYS A 38 1.63 -16.50 4.41
C LYS A 38 0.18 -16.98 4.28
N THR A 39 -0.09 -17.78 3.30
CA THR A 39 -1.48 -18.29 3.09
C THR A 39 -1.48 -19.83 3.10
N PRO A 40 -2.65 -20.41 3.02
CA PRO A 40 -2.76 -21.88 3.01
C PRO A 40 -2.25 -22.45 1.67
N LYS A 41 -1.00 -22.23 1.37
CA LYS A 41 -0.43 -22.76 0.09
C LYS A 41 1.08 -22.50 0.05
N GLU A 42 1.50 -21.31 0.32
CA GLU A 42 2.95 -20.98 0.29
C GLU A 42 3.21 -19.60 0.89
N LYS A 43 4.44 -19.18 0.96
CA LYS A 43 4.76 -17.84 1.52
C LYS A 43 5.39 -16.95 0.44
N GLU A 44 4.80 -15.81 0.18
CA GLU A 44 5.37 -14.90 -0.86
C GLU A 44 5.38 -13.45 -0.36
N GLU A 45 6.47 -12.75 -0.56
CA GLU A 45 6.54 -11.33 -0.09
C GLU A 45 5.94 -10.41 -1.16
N PHE A 46 5.37 -9.31 -0.76
CA PHE A 46 4.76 -8.38 -1.75
C PHE A 46 5.35 -6.97 -1.61
N ALA A 47 5.51 -6.28 -2.71
CA ALA A 47 6.06 -4.90 -2.65
C ALA A 47 4.92 -3.89 -2.71
N VAL A 48 4.89 -2.94 -1.82
CA VAL A 48 3.79 -1.94 -1.85
C VAL A 48 4.33 -0.57 -1.44
N PRO A 49 3.81 0.46 -2.05
CA PRO A 49 4.26 1.84 -1.74
C PRO A 49 3.87 2.23 -0.33
N GLU A 50 4.85 2.56 0.48
CA GLU A 50 4.60 2.97 1.89
C GLU A 50 3.31 3.80 2.03
N ASN A 51 3.00 4.61 1.05
CA ASN A 51 1.76 5.44 1.13
C ASN A 51 0.56 4.66 0.60
N SER A 52 0.38 3.45 1.04
CA SER A 52 -0.78 2.64 0.57
C SER A 52 -1.58 2.09 1.76
N SER A 53 -2.74 2.62 2.00
CA SER A 53 -3.57 2.13 3.15
C SER A 53 -3.86 0.63 2.98
N VAL A 54 -4.08 -0.07 4.06
CA VAL A 54 -4.37 -1.53 3.95
C VAL A 54 -5.57 -1.77 3.02
N GLN A 55 -6.55 -0.92 3.02
CA GLN A 55 -7.73 -1.15 2.14
C GLN A 55 -7.26 -1.49 0.72
N GLN A 56 -6.29 -0.76 0.22
CA GLN A 56 -5.77 -1.04 -1.15
C GLN A 56 -4.86 -2.28 -1.13
N PHE A 57 -4.02 -2.40 -0.13
CA PHE A 57 -3.09 -3.57 -0.06
C PHE A 57 -3.89 -4.85 0.20
N LYS A 58 -4.72 -4.85 1.20
CA LYS A 58 -5.53 -6.07 1.52
C LYS A 58 -6.35 -6.48 0.30
N GLU A 59 -6.76 -5.52 -0.51
CA GLU A 59 -7.55 -5.86 -1.72
C GLU A 59 -6.62 -6.20 -2.88
N ALA A 60 -5.43 -5.66 -2.86
CA ALA A 60 -4.45 -5.94 -3.95
C ALA A 60 -4.00 -7.41 -3.88
N ILE A 61 -3.61 -7.84 -2.71
CA ILE A 61 -3.17 -9.25 -2.54
C ILE A 61 -4.31 -10.21 -2.90
N SER A 62 -5.54 -9.80 -2.72
CA SER A 62 -6.68 -10.69 -3.05
C SER A 62 -6.71 -10.99 -4.56
N LYS A 63 -6.51 -9.98 -5.37
CA LYS A 63 -6.55 -10.21 -6.85
C LYS A 63 -5.52 -11.27 -7.25
N ARG A 64 -4.34 -11.22 -6.69
CA ARG A 64 -3.30 -12.24 -7.05
C ARG A 64 -3.68 -13.61 -6.49
N PHE A 65 -3.97 -13.69 -5.22
CA PHE A 65 -4.34 -15.00 -4.60
C PHE A 65 -5.68 -15.48 -5.15
N LYS A 66 -6.60 -14.58 -5.41
CA LYS A 66 -7.94 -14.97 -5.93
C LYS A 66 -8.68 -15.83 -4.90
N SER A 67 -9.26 -15.20 -3.91
CA SER A 67 -10.01 -15.96 -2.86
C SER A 67 -11.07 -15.06 -2.22
N GLN A 68 -10.65 -13.98 -1.62
CA GLN A 68 -11.63 -13.06 -0.97
C GLN A 68 -10.93 -11.75 -0.58
N THR A 69 -11.68 -10.79 -0.09
CA THR A 69 -11.06 -9.51 0.31
C THR A 69 -11.75 -8.95 1.56
N ASP A 70 -13.06 -9.00 1.61
CA ASP A 70 -13.79 -8.47 2.80
C ASP A 70 -13.28 -9.16 4.07
N GLN A 71 -13.49 -10.43 4.20
CA GLN A 71 -13.02 -11.17 5.41
C GLN A 71 -11.51 -11.35 5.37
N LEU A 72 -10.93 -11.36 4.19
CA LEU A 72 -9.45 -11.54 4.07
C LEU A 72 -8.72 -10.51 4.94
N VAL A 73 -7.67 -10.91 5.59
CA VAL A 73 -6.90 -9.96 6.45
C VAL A 73 -5.63 -10.63 6.97
N LEU A 74 -4.73 -9.88 7.55
CA LEU A 74 -3.48 -10.50 8.07
C LEU A 74 -3.41 -10.29 9.58
N ILE A 75 -3.38 -11.35 10.34
CA ILE A 75 -3.31 -11.20 11.81
C ILE A 75 -1.86 -11.01 12.28
N PHE A 76 -1.50 -9.80 12.58
CA PHE A 76 -0.09 -9.52 13.04
C PHE A 76 -0.03 -9.61 14.57
N ALA A 77 0.84 -10.45 15.09
CA ALA A 77 0.95 -10.59 16.58
C ALA A 77 1.00 -9.20 17.24
N GLY A 78 -0.09 -8.78 17.83
CA GLY A 78 -0.12 -7.45 18.49
C GLY A 78 -1.35 -6.68 18.02
N LYS A 79 -1.76 -6.91 16.80
CA LYS A 79 -2.95 -6.20 16.26
C LYS A 79 -3.41 -6.88 14.96
N ILE A 80 -4.27 -6.25 14.21
CA ILE A 80 -4.75 -6.88 12.94
C ILE A 80 -4.16 -6.15 11.75
N LEU A 81 -3.40 -6.82 10.93
CA LEU A 81 -2.83 -6.15 9.73
C LEU A 81 -3.96 -5.88 8.74
N LYS A 82 -4.83 -4.95 9.06
CA LYS A 82 -5.96 -4.64 8.15
C LYS A 82 -6.13 -3.12 8.02
N ASP A 83 -7.33 -2.67 7.73
CA ASP A 83 -7.58 -1.21 7.55
C ASP A 83 -7.54 -0.45 8.89
N GLN A 84 -7.57 -1.13 9.99
CA GLN A 84 -7.55 -0.42 11.32
C GLN A 84 -6.39 0.59 11.38
N ASP A 85 -5.29 0.28 10.75
CA ASP A 85 -4.13 1.23 10.77
C ASP A 85 -3.43 1.24 9.42
N THR A 86 -2.73 2.29 9.10
CA THR A 86 -2.03 2.34 7.78
C THR A 86 -0.97 1.23 7.72
N LEU A 87 -0.71 0.73 6.55
CA LEU A 87 0.30 -0.37 6.41
C LEU A 87 1.65 0.05 7.00
N ILE A 88 2.14 1.21 6.65
CA ILE A 88 3.45 1.67 7.20
C ILE A 88 3.30 2.07 8.67
N GLN A 89 2.11 2.32 9.12
CA GLN A 89 1.92 2.75 10.54
C GLN A 89 1.82 1.55 11.49
N HIS A 90 1.71 0.34 10.97
CA HIS A 90 1.60 -0.83 11.89
C HIS A 90 1.67 -2.14 11.11
N GLY A 91 1.06 -2.18 9.95
CA GLY A 91 1.08 -3.44 9.16
C GLY A 91 2.51 -3.84 8.83
N ILE A 92 3.33 -2.92 8.39
CA ILE A 92 4.74 -3.27 8.05
C ILE A 92 5.67 -2.10 8.38
N HIS A 93 6.92 -2.39 8.60
CA HIS A 93 7.90 -1.30 8.88
C HIS A 93 8.92 -1.25 7.74
N ASP A 94 9.36 -2.39 7.29
CA ASP A 94 10.34 -2.45 6.18
C ASP A 94 10.65 -3.92 5.84
N GLY A 95 9.67 -4.77 5.95
CA GLY A 95 9.89 -6.22 5.65
C GLY A 95 9.47 -7.06 6.86
N LEU A 96 8.19 -7.08 7.17
CA LEU A 96 7.72 -7.87 8.34
C LEU A 96 6.85 -9.04 7.87
N THR A 97 6.69 -10.04 8.69
CA THR A 97 5.85 -11.20 8.29
C THR A 97 4.62 -11.30 9.19
N VAL A 98 3.51 -11.74 8.65
CA VAL A 98 2.27 -11.84 9.48
C VAL A 98 1.44 -13.06 9.02
N HIS A 99 0.58 -13.57 9.87
CA HIS A 99 -0.24 -14.74 9.48
C HIS A 99 -1.53 -14.29 8.80
N LEU A 100 -1.79 -14.78 7.61
CA LEU A 100 -3.05 -14.37 6.90
C LEU A 100 -4.23 -15.22 7.37
N VAL A 101 -5.40 -14.63 7.43
CA VAL A 101 -6.61 -15.39 7.88
C VAL A 101 -7.88 -14.59 7.56
N ILE A 102 -9.00 -15.26 7.50
CA ILE A 102 -10.28 -14.55 7.19
C ILE A 102 -11.15 -14.47 8.46
N LYS A 103 -11.75 -13.34 8.70
CA LYS A 103 -12.61 -13.20 9.91
C LYS A 103 -14.09 -13.16 9.50
N MET A 1 5.64 13.15 -39.81
CA MET A 1 6.51 14.36 -39.85
C MET A 1 5.84 15.48 -40.65
N ALA A 2 6.00 16.71 -40.23
CA ALA A 2 5.37 17.84 -40.97
C ALA A 2 6.38 18.96 -41.18
N GLU A 3 6.04 19.95 -41.96
CA GLU A 3 6.97 21.09 -42.21
C GLU A 3 6.65 22.26 -41.29
N ASN A 4 6.44 22.00 -40.03
CA ASN A 4 6.12 23.10 -39.07
C ASN A 4 6.88 22.90 -37.77
N GLY A 5 8.07 22.35 -37.83
CA GLY A 5 8.86 22.13 -36.59
C GLY A 5 9.67 20.83 -36.71
N GLU A 6 10.49 20.73 -37.72
CA GLU A 6 11.30 19.49 -37.89
C GLU A 6 12.26 19.32 -36.71
N SER A 7 12.81 20.39 -36.22
CA SER A 7 13.75 20.30 -35.07
C SER A 7 12.98 20.17 -33.76
N SER A 8 13.64 20.38 -32.64
CA SER A 8 12.94 20.27 -31.34
C SER A 8 12.49 21.65 -30.86
N GLY A 9 11.42 21.72 -30.11
CA GLY A 9 10.93 23.03 -29.62
C GLY A 9 11.94 23.60 -28.61
N PRO A 10 11.44 24.05 -27.49
CA PRO A 10 12.33 24.63 -26.44
C PRO A 10 13.15 23.52 -25.77
N PRO A 11 14.26 23.89 -25.20
CA PRO A 11 15.14 22.91 -24.52
C PRO A 11 14.51 22.45 -23.21
N ARG A 12 15.10 21.49 -22.56
CA ARG A 12 14.53 21.00 -21.27
C ARG A 12 15.61 20.97 -20.18
N PRO A 13 15.62 21.99 -19.36
CA PRO A 13 16.62 22.09 -18.26
C PRO A 13 16.31 21.07 -17.17
N SER A 14 17.14 20.08 -17.01
CA SER A 14 16.89 19.04 -15.96
C SER A 14 17.45 19.50 -14.60
N ARG A 15 18.09 20.63 -14.57
CA ARG A 15 18.66 21.12 -13.27
C ARG A 15 17.55 21.26 -12.22
N GLY A 16 16.42 21.78 -12.61
CA GLY A 16 15.30 21.94 -11.64
C GLY A 16 14.07 22.50 -12.36
N PRO A 17 12.93 21.90 -12.10
CA PRO A 17 11.67 22.35 -12.76
C PRO A 17 11.21 23.68 -12.15
N ALA A 18 11.69 24.78 -12.67
CA ALA A 18 11.28 26.11 -12.13
C ALA A 18 11.49 26.16 -10.61
N ALA A 19 10.91 27.13 -9.95
CA ALA A 19 11.08 27.23 -8.47
C ALA A 19 10.49 25.99 -7.78
N ALA A 20 10.40 26.02 -6.47
CA ALA A 20 9.84 24.84 -5.74
C ALA A 20 8.85 25.31 -4.67
N GLN A 21 8.14 24.39 -4.07
CA GLN A 21 7.15 24.78 -3.02
C GLN A 21 7.46 24.03 -1.72
N GLY A 22 7.77 24.74 -0.68
CA GLY A 22 8.08 24.09 0.63
C GLY A 22 9.59 23.97 0.80
N SER A 23 10.04 23.75 2.00
CA SER A 23 11.51 23.63 2.25
C SER A 23 11.92 22.15 2.30
N ALA A 24 11.21 21.30 1.60
CA ALA A 24 11.55 19.85 1.61
C ALA A 24 12.64 19.56 0.57
N ALA A 25 13.85 19.33 1.01
CA ALA A 25 14.94 19.03 0.04
C ALA A 25 15.25 17.53 0.01
N ALA A 26 14.23 16.72 0.01
CA ALA A 26 14.46 15.24 -0.01
C ALA A 26 13.26 14.53 -0.63
N PRO A 27 13.51 13.39 -1.24
CA PRO A 27 12.42 12.61 -1.87
C PRO A 27 11.56 11.93 -0.80
N ALA A 28 10.28 11.82 -1.04
CA ALA A 28 9.39 11.17 -0.04
C ALA A 28 8.10 10.69 -0.71
N GLU A 29 8.01 9.42 -1.01
CA GLU A 29 6.78 8.88 -1.67
C GLU A 29 6.89 7.35 -1.84
N PRO A 30 7.92 6.91 -2.53
CA PRO A 30 8.12 5.46 -2.75
C PRO A 30 8.50 4.78 -1.43
N LYS A 31 9.77 4.64 -1.15
CA LYS A 31 10.16 3.94 0.12
C LYS A 31 9.32 2.68 0.24
N ILE A 32 9.19 1.96 -0.84
CA ILE A 32 8.36 0.74 -0.84
C ILE A 32 8.86 -0.25 0.23
N ILE A 33 8.09 -0.45 1.27
CA ILE A 33 8.52 -1.40 2.34
C ILE A 33 8.14 -2.84 1.95
N LYS A 34 8.89 -3.80 2.42
CA LYS A 34 8.58 -5.22 2.08
C LYS A 34 7.65 -5.83 3.13
N VAL A 35 6.76 -6.69 2.72
CA VAL A 35 5.82 -7.33 3.69
C VAL A 35 5.63 -8.81 3.34
N THR A 36 6.08 -9.69 4.19
CA THR A 36 5.92 -11.15 3.92
C THR A 36 4.52 -11.61 4.33
N VAL A 37 3.68 -11.92 3.37
CA VAL A 37 2.31 -12.37 3.71
C VAL A 37 2.26 -13.90 3.75
N LYS A 38 1.77 -14.46 4.82
CA LYS A 38 1.69 -15.95 4.93
C LYS A 38 0.25 -16.42 4.77
N THR A 39 0.00 -17.27 3.82
CA THR A 39 -1.40 -17.76 3.60
C THR A 39 -1.43 -19.29 3.71
N PRO A 40 -2.61 -19.84 3.84
CA PRO A 40 -2.75 -21.32 3.96
C PRO A 40 -2.41 -22.01 2.63
N LYS A 41 -2.25 -21.26 1.58
CA LYS A 41 -1.90 -21.88 0.26
C LYS A 41 -0.40 -21.73 -0.01
N GLU A 42 0.18 -20.62 0.38
CA GLU A 42 1.64 -20.42 0.15
C GLU A 42 2.13 -19.17 0.90
N LYS A 43 3.31 -18.71 0.59
CA LYS A 43 3.84 -17.50 1.28
C LYS A 43 4.61 -16.62 0.29
N GLU A 44 4.12 -15.43 0.04
CA GLU A 44 4.82 -14.53 -0.92
C GLU A 44 4.92 -13.11 -0.36
N GLU A 45 6.06 -12.49 -0.47
CA GLU A 45 6.21 -11.09 0.05
C GLU A 45 5.71 -10.10 -0.99
N PHE A 46 5.19 -8.98 -0.56
CA PHE A 46 4.67 -7.97 -1.53
C PHE A 46 5.40 -6.63 -1.36
N ALA A 47 5.58 -5.91 -2.42
CA ALA A 47 6.25 -4.58 -2.34
C ALA A 47 5.21 -3.48 -2.38
N VAL A 48 5.20 -2.60 -1.41
CA VAL A 48 4.20 -1.50 -1.42
C VAL A 48 4.83 -0.21 -0.90
N PRO A 49 4.34 0.91 -1.38
CA PRO A 49 4.89 2.22 -0.95
C PRO A 49 4.55 2.47 0.52
N GLU A 50 5.57 2.68 1.32
CA GLU A 50 5.36 2.94 2.79
C GLU A 50 4.03 3.66 3.07
N ASN A 51 3.68 4.61 2.24
CA ASN A 51 2.39 5.33 2.46
C ASN A 51 1.25 4.60 1.75
N SER A 52 1.13 3.33 1.96
CA SER A 52 0.04 2.56 1.30
C SER A 52 -0.95 2.02 2.35
N SER A 53 -2.23 2.23 2.13
CA SER A 53 -3.23 1.73 3.11
C SER A 53 -3.52 0.25 2.85
N VAL A 54 -3.79 -0.51 3.87
CA VAL A 54 -4.07 -1.96 3.67
C VAL A 54 -5.31 -2.16 2.78
N GLN A 55 -6.28 -1.29 2.89
CA GLN A 55 -7.51 -1.47 2.04
C GLN A 55 -7.12 -1.70 0.57
N GLN A 56 -6.25 -0.89 0.05
CA GLN A 56 -5.82 -1.07 -1.38
C GLN A 56 -4.99 -2.34 -1.52
N PHE A 57 -4.00 -2.51 -0.68
CA PHE A 57 -3.13 -3.73 -0.74
C PHE A 57 -3.98 -4.99 -0.55
N LYS A 58 -4.96 -4.92 0.31
CA LYS A 58 -5.84 -6.09 0.57
C LYS A 58 -6.49 -6.54 -0.75
N GLU A 59 -7.04 -5.61 -1.48
CA GLU A 59 -7.67 -5.98 -2.79
C GLU A 59 -6.62 -6.57 -3.73
N ALA A 60 -5.38 -6.21 -3.54
CA ALA A 60 -4.31 -6.76 -4.42
C ALA A 60 -4.21 -8.27 -4.25
N ILE A 61 -4.10 -8.75 -3.05
CA ILE A 61 -4.01 -10.21 -2.82
C ILE A 61 -5.28 -10.90 -3.34
N SER A 62 -6.42 -10.30 -3.13
CA SER A 62 -7.69 -10.91 -3.63
C SER A 62 -7.58 -11.23 -5.13
N LYS A 63 -7.21 -10.27 -5.92
CA LYS A 63 -7.10 -10.51 -7.39
C LYS A 63 -5.93 -11.47 -7.72
N ARG A 64 -4.74 -11.16 -7.26
CA ARG A 64 -3.58 -12.05 -7.57
C ARG A 64 -3.65 -13.37 -6.79
N PHE A 65 -3.78 -13.29 -5.50
CA PHE A 65 -3.85 -14.54 -4.67
C PHE A 65 -5.15 -15.29 -4.96
N LYS A 66 -6.23 -14.57 -5.17
CA LYS A 66 -7.55 -15.23 -5.45
C LYS A 66 -8.06 -15.93 -4.20
N SER A 67 -8.66 -15.19 -3.30
CA SER A 67 -9.18 -15.82 -2.05
C SER A 67 -10.35 -14.98 -1.50
N GLN A 68 -10.06 -13.81 -1.00
CA GLN A 68 -11.15 -12.95 -0.44
C GLN A 68 -10.65 -11.50 -0.28
N THR A 69 -11.46 -10.65 0.29
CA THR A 69 -11.04 -9.24 0.48
C THR A 69 -11.60 -8.67 1.80
N ASP A 70 -12.89 -8.66 1.96
CA ASP A 70 -13.49 -8.13 3.21
C ASP A 70 -13.03 -8.97 4.41
N GLN A 71 -13.35 -10.24 4.41
CA GLN A 71 -12.93 -11.11 5.56
C GLN A 71 -11.41 -11.24 5.57
N LEU A 72 -10.77 -11.08 4.45
CA LEU A 72 -9.28 -11.21 4.38
C LEU A 72 -8.63 -10.32 5.45
N VAL A 73 -7.81 -10.89 6.29
CA VAL A 73 -7.12 -10.09 7.35
C VAL A 73 -5.80 -10.76 7.74
N LEU A 74 -4.88 -10.02 8.28
CA LEU A 74 -3.57 -10.63 8.67
C LEU A 74 -3.29 -10.38 10.15
N ILE A 75 -3.08 -11.43 10.90
CA ILE A 75 -2.81 -11.28 12.36
C ILE A 75 -1.37 -10.87 12.60
N PHE A 76 -1.14 -9.61 12.92
CA PHE A 76 0.24 -9.14 13.18
C PHE A 76 0.76 -9.73 14.51
N ALA A 77 0.95 -11.02 14.55
CA ALA A 77 1.46 -11.66 15.81
C ALA A 77 0.59 -11.27 17.00
N GLY A 78 -0.65 -10.92 16.76
CA GLY A 78 -1.56 -10.53 17.88
C GLY A 78 -2.42 -9.33 17.46
N LYS A 79 -1.85 -8.40 16.73
CA LYS A 79 -2.64 -7.22 16.29
C LYS A 79 -3.45 -7.55 15.04
N ILE A 80 -3.90 -6.55 14.33
CA ILE A 80 -4.71 -6.81 13.09
C ILE A 80 -4.06 -6.13 11.88
N LEU A 81 -3.12 -6.78 11.26
CA LEU A 81 -2.48 -6.15 10.06
C LEU A 81 -3.51 -6.10 8.94
N LYS A 82 -4.33 -5.09 8.92
CA LYS A 82 -5.37 -4.97 7.86
C LYS A 82 -5.75 -3.50 7.64
N ASP A 83 -6.98 -3.24 7.31
CA ASP A 83 -7.40 -1.83 7.07
C ASP A 83 -7.48 -1.02 8.38
N GLN A 84 -7.50 -1.70 9.50
CA GLN A 84 -7.57 -0.97 10.80
C GLN A 84 -6.46 0.07 10.90
N ASP A 85 -5.32 -0.21 10.32
CA ASP A 85 -4.19 0.76 10.38
C ASP A 85 -3.32 0.62 9.13
N THR A 86 -2.18 1.26 9.12
CA THR A 86 -1.27 1.17 7.94
C THR A 86 -0.11 0.21 8.23
N LEU A 87 0.50 -0.32 7.21
CA LEU A 87 1.64 -1.27 7.42
C LEU A 87 2.82 -0.53 8.05
N ILE A 88 3.17 0.61 7.54
CA ILE A 88 4.31 1.38 8.13
C ILE A 88 4.00 1.80 9.57
N GLN A 89 2.76 1.76 9.95
CA GLN A 89 2.40 2.17 11.35
C GLN A 89 2.26 0.95 12.27
N HIS A 90 2.21 -0.25 11.71
CA HIS A 90 2.06 -1.45 12.59
C HIS A 90 2.07 -2.75 11.78
N GLY A 91 1.57 -2.73 10.57
CA GLY A 91 1.55 -4.00 9.76
C GLY A 91 2.99 -4.50 9.61
N ILE A 92 3.88 -3.65 9.20
CA ILE A 92 5.30 -4.06 9.08
C ILE A 92 6.19 -2.85 9.36
N HIS A 93 7.47 -3.05 9.45
CA HIS A 93 8.37 -1.89 9.71
C HIS A 93 9.41 -1.76 8.59
N ASP A 94 9.77 -2.86 7.98
CA ASP A 94 10.77 -2.83 6.87
C ASP A 94 11.01 -4.24 6.33
N GLY A 95 9.99 -5.06 6.31
CA GLY A 95 10.17 -6.45 5.81
C GLY A 95 9.84 -7.45 6.92
N LEU A 96 8.64 -7.41 7.43
CA LEU A 96 8.26 -8.35 8.54
C LEU A 96 7.34 -9.45 7.99
N THR A 97 6.75 -10.23 8.86
CA THR A 97 5.85 -11.31 8.40
C THR A 97 4.55 -11.31 9.23
N VAL A 98 3.45 -11.69 8.63
CA VAL A 98 2.16 -11.71 9.37
C VAL A 98 1.34 -12.95 8.96
N HIS A 99 0.43 -13.37 9.80
CA HIS A 99 -0.40 -14.56 9.46
C HIS A 99 -1.69 -14.13 8.73
N LEU A 100 -1.84 -14.52 7.50
CA LEU A 100 -3.07 -14.13 6.75
C LEU A 100 -4.17 -15.17 6.96
N VAL A 101 -5.35 -14.74 7.29
CA VAL A 101 -6.47 -15.71 7.51
C VAL A 101 -7.79 -15.10 7.04
N ILE A 102 -8.55 -15.83 6.26
CA ILE A 102 -9.85 -15.30 5.77
C ILE A 102 -11.01 -15.99 6.49
N LYS A 103 -11.93 -15.23 7.00
CA LYS A 103 -13.10 -15.85 7.71
C LYS A 103 -14.26 -16.08 6.74
N MET A 1 31.60 5.40 -15.62
CA MET A 1 32.59 5.85 -14.59
C MET A 1 31.91 5.95 -13.22
N ALA A 2 30.70 6.46 -13.18
CA ALA A 2 29.99 6.60 -11.87
C ALA A 2 29.42 5.24 -11.46
N GLU A 3 29.35 4.99 -10.17
CA GLU A 3 28.79 3.68 -9.70
C GLU A 3 27.27 3.77 -9.62
N ASN A 4 26.59 2.72 -10.03
CA ASN A 4 25.09 2.73 -9.98
C ASN A 4 24.53 3.98 -10.67
N GLY A 5 24.98 4.26 -11.87
CA GLY A 5 24.48 5.46 -12.60
C GLY A 5 23.15 5.12 -13.26
N GLU A 6 23.18 4.51 -14.42
CA GLU A 6 21.92 4.15 -15.12
C GLU A 6 22.06 2.81 -15.82
N SER A 7 21.39 1.80 -15.34
CA SER A 7 21.49 0.46 -15.99
C SER A 7 20.22 -0.36 -15.71
N SER A 8 20.00 -0.74 -14.48
CA SER A 8 18.78 -1.54 -14.16
C SER A 8 17.65 -0.61 -13.72
N GLY A 9 17.89 0.21 -12.72
CA GLY A 9 16.82 1.14 -12.24
C GLY A 9 17.41 2.09 -11.19
N PRO A 10 16.56 2.57 -10.32
CA PRO A 10 17.01 3.50 -9.26
C PRO A 10 17.83 2.75 -8.19
N PRO A 11 18.60 3.50 -7.45
CA PRO A 11 19.43 2.89 -6.38
C PRO A 11 18.56 2.45 -5.20
N ARG A 12 18.57 1.19 -4.88
CA ARG A 12 17.74 0.70 -3.74
C ARG A 12 18.31 1.21 -2.41
N PRO A 13 19.58 0.94 -2.18
CA PRO A 13 20.23 1.38 -0.92
C PRO A 13 20.51 2.89 -0.97
N SER A 14 20.24 3.59 0.10
CA SER A 14 20.48 5.06 0.11
C SER A 14 21.98 5.35 -0.03
N ARG A 15 22.32 6.55 -0.39
CA ARG A 15 23.77 6.90 -0.56
C ARG A 15 24.06 8.25 0.13
N GLY A 16 23.62 8.41 1.34
CA GLY A 16 23.87 9.70 2.07
C GLY A 16 22.57 10.50 2.16
N PRO A 17 21.81 10.24 3.19
CA PRO A 17 20.53 10.96 3.39
C PRO A 17 20.79 12.39 3.83
N ALA A 18 21.21 13.24 2.93
CA ALA A 18 21.50 14.66 3.31
C ALA A 18 20.20 15.48 3.25
N ALA A 19 20.21 16.65 3.85
CA ALA A 19 18.98 17.50 3.84
C ALA A 19 19.01 18.45 2.63
N ALA A 20 18.66 17.97 1.48
CA ALA A 20 18.67 18.85 0.26
C ALA A 20 17.52 19.86 0.34
N GLN A 21 17.66 20.97 -0.33
CA GLN A 21 16.57 22.00 -0.30
C GLN A 21 15.59 21.78 -1.45
N GLY A 22 14.37 22.22 -1.31
CA GLY A 22 13.36 22.03 -2.40
C GLY A 22 12.17 21.26 -1.85
N SER A 23 11.46 21.83 -0.91
CA SER A 23 10.28 21.12 -0.33
C SER A 23 9.03 21.45 -1.15
N ALA A 24 8.36 20.45 -1.64
CA ALA A 24 7.12 20.69 -2.44
C ALA A 24 6.34 19.39 -2.63
N ALA A 25 7.03 18.33 -2.95
CA ALA A 25 6.33 17.02 -3.14
C ALA A 25 6.58 16.09 -1.96
N ALA A 26 6.01 14.92 -1.96
CA ALA A 26 6.21 13.98 -0.84
C ALA A 26 7.61 13.33 -0.93
N PRO A 27 8.44 13.64 0.03
CA PRO A 27 9.82 13.08 0.04
C PRO A 27 9.79 11.60 0.39
N ALA A 28 8.70 11.13 0.96
CA ALA A 28 8.63 9.68 1.33
C ALA A 28 7.47 9.00 0.57
N GLU A 29 7.35 9.28 -0.70
CA GLU A 29 6.24 8.66 -1.49
C GLU A 29 6.55 7.18 -1.77
N PRO A 30 7.69 6.92 -2.36
CA PRO A 30 8.08 5.53 -2.67
C PRO A 30 8.49 4.80 -1.39
N LYS A 31 9.76 4.76 -1.06
CA LYS A 31 10.18 4.04 0.17
C LYS A 31 9.43 2.71 0.22
N ILE A 32 9.31 2.06 -0.91
CA ILE A 32 8.56 0.79 -0.97
C ILE A 32 9.15 -0.24 0.00
N ILE A 33 8.45 -0.55 1.05
CA ILE A 33 8.96 -1.56 2.03
C ILE A 33 8.52 -2.96 1.63
N LYS A 34 9.00 -3.97 2.32
CA LYS A 34 8.62 -5.37 1.98
C LYS A 34 7.69 -5.94 3.05
N VAL A 35 6.74 -6.76 2.66
CA VAL A 35 5.82 -7.37 3.66
C VAL A 35 5.62 -8.85 3.35
N THR A 36 6.06 -9.72 4.22
CA THR A 36 5.90 -11.17 3.98
C THR A 36 4.53 -11.64 4.45
N VAL A 37 3.62 -11.87 3.54
CA VAL A 37 2.26 -12.33 3.92
C VAL A 37 2.18 -13.86 3.86
N LYS A 38 1.72 -14.48 4.91
CA LYS A 38 1.62 -15.97 4.91
C LYS A 38 0.17 -16.40 4.66
N THR A 39 -0.05 -17.18 3.63
CA THR A 39 -1.44 -17.62 3.32
C THR A 39 -1.51 -19.16 3.37
N PRO A 40 -2.71 -19.68 3.37
CA PRO A 40 -2.91 -21.15 3.41
C PRO A 40 -2.48 -21.78 2.08
N LYS A 41 -1.24 -21.63 1.71
CA LYS A 41 -0.75 -22.22 0.44
C LYS A 41 0.76 -22.00 0.31
N GLU A 42 1.22 -20.81 0.58
CA GLU A 42 2.68 -20.52 0.48
C GLU A 42 2.97 -19.11 1.02
N LYS A 43 4.22 -18.74 1.07
CA LYS A 43 4.58 -17.38 1.58
C LYS A 43 5.04 -16.50 0.43
N GLU A 44 4.46 -15.33 0.30
CA GLU A 44 4.87 -14.41 -0.80
C GLU A 44 5.07 -12.99 -0.29
N GLU A 45 6.17 -12.37 -0.62
CA GLU A 45 6.41 -10.97 -0.14
C GLU A 45 5.75 -9.98 -1.10
N PHE A 46 5.34 -8.84 -0.60
CA PHE A 46 4.69 -7.83 -1.49
C PHE A 46 5.38 -6.48 -1.33
N ALA A 47 5.86 -5.93 -2.41
CA ALA A 47 6.53 -4.60 -2.33
C ALA A 47 5.49 -3.49 -2.52
N VAL A 48 5.40 -2.59 -1.58
CA VAL A 48 4.39 -1.51 -1.70
C VAL A 48 4.96 -0.20 -1.15
N PRO A 49 4.45 0.90 -1.65
CA PRO A 49 4.94 2.22 -1.21
C PRO A 49 4.55 2.48 0.25
N GLU A 50 5.53 2.72 1.08
CA GLU A 50 5.28 2.98 2.54
C GLU A 50 3.92 3.66 2.78
N ASN A 51 3.56 4.61 1.98
CA ASN A 51 2.26 5.31 2.17
C ASN A 51 1.14 4.55 1.45
N SER A 52 1.06 3.26 1.65
CA SER A 52 -0.02 2.47 0.98
C SER A 52 -0.98 1.91 2.03
N SER A 53 -2.17 2.45 2.09
CA SER A 53 -3.17 1.95 3.09
C SER A 53 -3.44 0.46 2.85
N VAL A 54 -3.74 -0.28 3.90
CA VAL A 54 -4.02 -1.72 3.73
C VAL A 54 -5.25 -1.96 2.87
N GLN A 55 -6.25 -1.10 2.96
CA GLN A 55 -7.47 -1.30 2.13
C GLN A 55 -7.12 -1.56 0.66
N GLN A 56 -6.20 -0.82 0.12
CA GLN A 56 -5.79 -1.04 -1.30
C GLN A 56 -5.03 -2.35 -1.44
N PHE A 57 -3.99 -2.53 -0.66
CA PHE A 57 -3.19 -3.78 -0.73
C PHE A 57 -4.07 -4.99 -0.41
N LYS A 58 -4.98 -4.83 0.51
CA LYS A 58 -5.89 -5.97 0.88
C LYS A 58 -6.65 -6.45 -0.35
N GLU A 59 -7.13 -5.54 -1.16
CA GLU A 59 -7.87 -5.93 -2.39
C GLU A 59 -6.88 -6.42 -3.46
N ALA A 60 -5.63 -6.04 -3.34
CA ALA A 60 -4.61 -6.48 -4.35
C ALA A 60 -4.45 -8.01 -4.29
N ILE A 61 -4.42 -8.57 -3.11
CA ILE A 61 -4.25 -10.05 -3.00
C ILE A 61 -5.42 -10.76 -3.71
N SER A 62 -6.59 -10.20 -3.66
CA SER A 62 -7.75 -10.85 -4.33
C SER A 62 -7.43 -11.15 -5.81
N LYS A 63 -7.00 -10.16 -6.54
CA LYS A 63 -6.69 -10.38 -7.99
C LYS A 63 -5.45 -11.27 -8.16
N ARG A 64 -4.34 -10.90 -7.58
CA ARG A 64 -3.10 -11.74 -7.75
C ARG A 64 -3.18 -13.05 -6.97
N PHE A 65 -3.45 -12.98 -5.69
CA PHE A 65 -3.53 -14.23 -4.87
C PHE A 65 -4.77 -15.05 -5.28
N LYS A 66 -5.85 -14.39 -5.61
CA LYS A 66 -7.11 -15.11 -6.00
C LYS A 66 -7.72 -15.79 -4.78
N SER A 67 -8.43 -15.05 -3.97
CA SER A 67 -9.06 -15.63 -2.76
C SER A 67 -10.05 -14.62 -2.14
N GLN A 68 -10.30 -14.73 -0.86
CA GLN A 68 -11.26 -13.77 -0.22
C GLN A 68 -10.63 -12.37 -0.16
N THR A 69 -11.25 -11.47 0.56
CA THR A 69 -10.69 -10.08 0.66
C THR A 69 -11.21 -9.40 1.93
N ASP A 70 -12.50 -9.23 2.04
CA ASP A 70 -13.07 -8.56 3.25
C ASP A 70 -12.71 -9.35 4.51
N GLN A 71 -13.28 -10.51 4.68
CA GLN A 71 -12.97 -11.33 5.89
C GLN A 71 -11.48 -11.70 5.91
N LEU A 72 -10.86 -11.75 4.76
CA LEU A 72 -9.41 -12.11 4.70
C LEU A 72 -8.57 -11.00 5.35
N VAL A 73 -8.18 -11.20 6.58
CA VAL A 73 -7.34 -10.16 7.27
C VAL A 73 -6.00 -10.76 7.69
N LEU A 74 -5.06 -9.94 8.08
CA LEU A 74 -3.74 -10.48 8.49
C LEU A 74 -3.56 -10.34 10.00
N ILE A 75 -2.92 -11.29 10.63
CA ILE A 75 -2.71 -11.21 12.10
C ILE A 75 -1.27 -10.83 12.41
N PHE A 76 -0.99 -9.56 12.50
CA PHE A 76 0.41 -9.13 12.80
C PHE A 76 0.80 -9.54 14.22
N ALA A 77 1.24 -10.77 14.40
CA ALA A 77 1.64 -11.24 15.75
C ALA A 77 0.54 -10.98 16.77
N GLY A 78 -0.69 -10.99 16.34
CA GLY A 78 -1.82 -10.73 17.29
C GLY A 78 -2.69 -9.59 16.75
N LYS A 79 -2.08 -8.47 16.41
CA LYS A 79 -2.87 -7.32 15.90
C LYS A 79 -3.56 -7.72 14.58
N ILE A 80 -4.22 -6.78 13.95
CA ILE A 80 -4.92 -7.11 12.67
C ILE A 80 -4.30 -6.32 11.52
N LEU A 81 -3.35 -6.89 10.83
CA LEU A 81 -2.76 -6.15 9.67
C LEU A 81 -3.86 -5.95 8.63
N LYS A 82 -4.60 -4.89 8.77
CA LYS A 82 -5.72 -4.63 7.84
C LYS A 82 -5.88 -3.12 7.62
N ASP A 83 -7.07 -2.69 7.30
CA ASP A 83 -7.29 -1.23 7.06
C ASP A 83 -7.27 -0.47 8.39
N GLN A 84 -7.37 -1.16 9.48
CA GLN A 84 -7.35 -0.48 10.82
C GLN A 84 -6.01 0.21 11.02
N ASP A 85 -4.94 -0.35 10.49
CA ASP A 85 -3.60 0.27 10.67
C ASP A 85 -2.85 0.31 9.34
N THR A 86 -1.76 1.03 9.28
CA THR A 86 -0.98 1.11 8.01
C THR A 86 0.21 0.15 8.07
N LEU A 87 0.61 -0.37 6.94
CA LEU A 87 1.77 -1.31 6.91
C LEU A 87 3.01 -0.67 7.53
N ILE A 88 3.28 0.56 7.20
CA ILE A 88 4.49 1.25 7.77
C ILE A 88 4.31 1.56 9.26
N GLN A 89 3.11 1.49 9.77
CA GLN A 89 2.91 1.83 11.21
C GLN A 89 2.72 0.58 12.08
N HIS A 90 2.70 -0.61 11.50
CA HIS A 90 2.51 -1.82 12.38
C HIS A 90 2.60 -3.12 11.59
N GLY A 91 2.12 -3.14 10.38
CA GLY A 91 2.16 -4.41 9.59
C GLY A 91 3.61 -4.88 9.48
N ILE A 92 4.49 -4.01 9.06
CA ILE A 92 5.92 -4.40 8.93
C ILE A 92 6.80 -3.14 9.00
N HIS A 93 8.01 -3.27 9.44
CA HIS A 93 8.91 -2.08 9.51
C HIS A 93 9.86 -2.08 8.31
N ASP A 94 10.12 -3.25 7.76
CA ASP A 94 11.04 -3.34 6.57
C ASP A 94 11.16 -4.80 6.14
N GLY A 95 10.06 -5.49 6.03
CA GLY A 95 10.10 -6.92 5.62
C GLY A 95 9.79 -7.82 6.82
N LEU A 96 8.55 -7.88 7.22
CA LEU A 96 8.19 -8.74 8.39
C LEU A 96 7.21 -9.83 7.95
N THR A 97 6.84 -10.72 8.85
CA THR A 97 5.90 -11.81 8.49
C THR A 97 4.59 -11.67 9.27
N VAL A 98 3.50 -12.06 8.67
CA VAL A 98 2.17 -11.95 9.37
C VAL A 98 1.34 -13.21 9.09
N HIS A 99 0.54 -13.62 10.04
CA HIS A 99 -0.31 -14.84 9.83
C HIS A 99 -1.66 -14.44 9.24
N LEU A 100 -1.94 -14.86 8.03
CA LEU A 100 -3.25 -14.51 7.40
C LEU A 100 -4.35 -15.46 7.86
N VAL A 101 -5.56 -14.98 7.95
CA VAL A 101 -6.68 -15.85 8.40
C VAL A 101 -8.04 -15.15 8.13
N ILE A 102 -8.98 -15.88 7.61
CA ILE A 102 -10.32 -15.27 7.33
C ILE A 102 -11.18 -15.28 8.59
N LYS A 103 -11.86 -14.19 8.88
CA LYS A 103 -12.72 -14.14 10.09
C LYS A 103 -14.20 -14.07 9.70
N MET A 1 -10.79 6.09 -25.84
CA MET A 1 -9.65 6.91 -26.34
C MET A 1 -8.78 7.36 -25.16
N ALA A 2 -7.64 7.94 -25.44
CA ALA A 2 -6.74 8.40 -24.34
C ALA A 2 -6.00 9.66 -24.76
N GLU A 3 -5.46 10.39 -23.82
CA GLU A 3 -4.72 11.64 -24.17
C GLU A 3 -3.28 11.30 -24.58
N ASN A 4 -2.54 10.64 -23.74
CA ASN A 4 -1.14 10.29 -24.08
C ASN A 4 -1.11 9.12 -25.07
N GLY A 5 -0.44 9.27 -26.17
CA GLY A 5 -0.37 8.17 -27.17
C GLY A 5 0.32 6.96 -26.55
N GLU A 6 1.25 7.18 -25.67
CA GLU A 6 1.98 6.04 -25.03
C GLU A 6 1.34 5.69 -23.69
N SER A 7 0.03 5.68 -23.63
CA SER A 7 -0.66 5.36 -22.35
C SER A 7 -1.94 4.57 -22.63
N SER A 8 -1.83 3.42 -23.24
CA SER A 8 -3.05 2.61 -23.54
C SER A 8 -3.09 1.37 -22.64
N GLY A 9 -3.10 1.57 -21.35
CA GLY A 9 -3.14 0.40 -20.41
C GLY A 9 -1.74 -0.18 -20.26
N PRO A 10 -1.68 -1.39 -19.77
CA PRO A 10 -0.38 -2.07 -19.58
C PRO A 10 0.20 -2.51 -20.94
N PRO A 11 1.50 -2.38 -21.07
CA PRO A 11 2.16 -2.76 -22.33
C PRO A 11 2.25 -4.29 -22.46
N ARG A 12 2.84 -4.94 -21.49
CA ARG A 12 2.96 -6.43 -21.54
C ARG A 12 3.70 -6.95 -20.30
N PRO A 13 4.92 -6.48 -20.10
CA PRO A 13 5.71 -6.93 -18.94
C PRO A 13 5.16 -6.30 -17.65
N SER A 14 4.04 -6.78 -17.18
CA SER A 14 3.45 -6.21 -15.93
C SER A 14 4.29 -6.63 -14.73
N ARG A 15 4.47 -7.91 -14.53
CA ARG A 15 5.27 -8.39 -13.37
C ARG A 15 6.75 -8.46 -13.75
N GLY A 16 7.63 -8.00 -12.89
CA GLY A 16 9.08 -8.04 -13.20
C GLY A 16 9.62 -6.62 -13.37
N PRO A 17 9.96 -6.00 -12.28
CA PRO A 17 10.49 -4.62 -12.32
C PRO A 17 11.92 -4.61 -12.86
N ALA A 18 12.40 -3.47 -13.30
CA ALA A 18 13.78 -3.40 -13.84
C ALA A 18 14.55 -2.26 -13.19
N ALA A 19 15.65 -1.85 -13.77
CA ALA A 19 16.46 -0.74 -13.17
C ALA A 19 16.41 0.48 -14.08
N ALA A 20 17.03 0.41 -15.22
CA ALA A 20 17.03 1.58 -16.16
C ALA A 20 15.92 1.42 -17.20
N GLN A 21 15.92 2.24 -18.21
CA GLN A 21 14.86 2.14 -19.27
C GLN A 21 13.47 2.26 -18.64
N GLY A 22 12.45 2.38 -19.45
CA GLY A 22 11.07 2.50 -18.91
C GLY A 22 10.95 3.77 -18.06
N SER A 23 10.29 4.78 -18.58
CA SER A 23 10.15 6.05 -17.81
C SER A 23 8.74 6.62 -17.99
N ALA A 24 7.79 6.11 -17.26
CA ALA A 24 6.39 6.61 -17.38
C ALA A 24 5.58 6.26 -16.13
N ALA A 25 4.39 6.77 -16.01
CA ALA A 25 3.54 6.46 -14.82
C ALA A 25 4.32 6.76 -13.52
N ALA A 26 4.22 7.97 -13.04
CA ALA A 26 4.96 8.32 -11.79
C ALA A 26 4.05 8.10 -10.56
N PRO A 27 4.43 7.16 -9.74
CA PRO A 27 3.63 6.87 -8.51
C PRO A 27 3.77 7.99 -7.49
N ALA A 28 3.32 7.77 -6.29
CA ALA A 28 3.42 8.82 -5.24
C ALA A 28 4.27 8.33 -4.07
N GLU A 29 5.44 8.90 -3.89
CA GLU A 29 6.33 8.47 -2.76
C GLU A 29 6.53 6.95 -2.80
N PRO A 30 7.59 6.54 -3.46
CA PRO A 30 7.89 5.09 -3.56
C PRO A 30 8.37 4.54 -2.22
N LYS A 31 9.68 4.50 -1.98
CA LYS A 31 10.18 3.95 -0.68
C LYS A 31 9.37 2.69 -0.37
N ILE A 32 9.19 1.87 -1.36
CA ILE A 32 8.37 0.63 -1.19
C ILE A 32 8.94 -0.25 -0.07
N ILE A 33 8.10 -0.65 0.87
CA ILE A 33 8.59 -1.52 1.98
C ILE A 33 8.26 -2.98 1.67
N LYS A 34 8.94 -3.90 2.30
CA LYS A 34 8.69 -5.35 2.04
C LYS A 34 7.63 -5.89 3.01
N VAL A 35 6.80 -6.77 2.55
CA VAL A 35 5.75 -7.35 3.44
C VAL A 35 5.65 -8.87 3.22
N THR A 36 5.99 -9.64 4.21
CA THR A 36 5.92 -11.12 4.05
C THR A 36 4.54 -11.63 4.49
N VAL A 37 3.69 -11.94 3.55
CA VAL A 37 2.32 -12.44 3.91
C VAL A 37 2.29 -13.96 3.84
N LYS A 38 1.83 -14.60 4.89
CA LYS A 38 1.77 -16.09 4.88
C LYS A 38 0.32 -16.55 4.75
N THR A 39 0.02 -17.32 3.74
CA THR A 39 -1.38 -17.80 3.55
C THR A 39 -1.42 -19.34 3.66
N PRO A 40 -2.60 -19.87 3.84
CA PRO A 40 -2.76 -21.33 3.96
C PRO A 40 -2.53 -22.01 2.60
N LYS A 41 -1.37 -21.84 2.04
CA LYS A 41 -1.07 -22.48 0.72
C LYS A 41 0.38 -22.21 0.33
N GLU A 42 0.86 -21.02 0.60
CA GLU A 42 2.28 -20.69 0.25
C GLU A 42 2.67 -19.34 0.86
N LYS A 43 3.92 -18.97 0.75
CA LYS A 43 4.36 -17.66 1.31
C LYS A 43 4.70 -16.69 0.18
N GLU A 44 4.02 -15.58 0.12
CA GLU A 44 4.29 -14.59 -0.97
C GLU A 44 4.51 -13.19 -0.38
N GLU A 45 5.63 -12.57 -0.68
CA GLU A 45 5.90 -11.22 -0.15
C GLU A 45 5.25 -10.17 -1.06
N PHE A 46 4.84 -9.05 -0.50
CA PHE A 46 4.19 -8.01 -1.33
C PHE A 46 4.95 -6.68 -1.21
N ALA A 47 5.10 -5.97 -2.29
CA ALA A 47 5.81 -4.66 -2.23
C ALA A 47 4.76 -3.55 -2.16
N VAL A 48 4.97 -2.59 -1.30
CA VAL A 48 3.96 -1.49 -1.18
C VAL A 48 4.69 -0.19 -0.92
N PRO A 49 4.19 0.88 -1.50
CA PRO A 49 4.84 2.19 -1.33
C PRO A 49 4.76 2.66 0.12
N GLU A 50 5.89 3.02 0.68
CA GLU A 50 5.96 3.50 2.09
C GLU A 50 4.73 4.36 2.46
N ASN A 51 4.09 4.97 1.51
CA ASN A 51 2.90 5.81 1.86
C ASN A 51 1.66 5.29 1.12
N SER A 52 1.19 4.12 1.47
CA SER A 52 0.00 3.55 0.80
C SER A 52 -1.12 3.34 1.82
N SER A 53 -1.97 2.37 1.62
CA SER A 53 -3.09 2.12 2.58
C SER A 53 -3.61 0.68 2.42
N VAL A 54 -4.17 0.12 3.47
CA VAL A 54 -4.68 -1.27 3.37
C VAL A 54 -5.69 -1.42 2.23
N GLN A 55 -6.48 -0.42 1.96
CA GLN A 55 -7.49 -0.54 0.86
C GLN A 55 -6.83 -1.07 -0.43
N GLN A 56 -5.68 -0.56 -0.78
CA GLN A 56 -5.00 -1.04 -2.01
C GLN A 56 -4.45 -2.46 -1.79
N PHE A 57 -3.73 -2.65 -0.72
CA PHE A 57 -3.15 -4.01 -0.44
C PHE A 57 -4.27 -5.04 -0.26
N LYS A 58 -5.34 -4.65 0.39
CA LYS A 58 -6.47 -5.60 0.60
C LYS A 58 -6.98 -6.13 -0.74
N GLU A 59 -7.14 -5.26 -1.70
CA GLU A 59 -7.62 -5.70 -3.03
C GLU A 59 -6.45 -6.25 -3.87
N ALA A 60 -5.24 -5.93 -3.48
CA ALA A 60 -4.06 -6.43 -4.25
C ALA A 60 -4.00 -7.96 -4.18
N ILE A 61 -4.05 -8.52 -3.00
CA ILE A 61 -3.99 -10.01 -2.87
C ILE A 61 -5.22 -10.63 -3.56
N SER A 62 -6.34 -9.95 -3.52
CA SER A 62 -7.56 -10.51 -4.18
C SER A 62 -7.27 -10.87 -5.65
N LYS A 63 -6.76 -9.94 -6.41
CA LYS A 63 -6.48 -10.23 -7.85
C LYS A 63 -5.34 -11.23 -8.01
N ARG A 64 -4.19 -10.97 -7.43
CA ARG A 64 -3.03 -11.91 -7.59
C ARG A 64 -3.24 -13.20 -6.79
N PHE A 65 -3.49 -13.09 -5.51
CA PHE A 65 -3.70 -14.32 -4.69
C PHE A 65 -4.99 -15.02 -5.08
N LYS A 66 -6.01 -14.26 -5.42
CA LYS A 66 -7.33 -14.85 -5.81
C LYS A 66 -8.06 -15.39 -4.57
N SER A 67 -8.56 -14.51 -3.75
CA SER A 67 -9.28 -14.95 -2.52
C SER A 67 -10.19 -13.83 -2.02
N GLN A 68 -10.67 -13.93 -0.81
CA GLN A 68 -11.57 -12.86 -0.26
C GLN A 68 -10.76 -11.62 0.09
N THR A 69 -11.37 -10.69 0.79
CA THR A 69 -10.63 -9.45 1.16
C THR A 69 -11.21 -8.86 2.47
N ASP A 70 -12.50 -8.68 2.53
CA ASP A 70 -13.11 -8.12 3.76
C ASP A 70 -12.74 -8.98 4.98
N GLN A 71 -12.97 -10.26 4.89
CA GLN A 71 -12.62 -11.16 6.04
C GLN A 71 -11.12 -11.43 6.07
N LEU A 72 -10.47 -11.33 4.94
CA LEU A 72 -8.99 -11.58 4.90
C LEU A 72 -8.26 -10.64 5.86
N VAL A 73 -7.71 -11.17 6.93
CA VAL A 73 -6.97 -10.30 7.90
C VAL A 73 -5.60 -10.94 8.19
N LEU A 74 -4.62 -10.12 8.52
CA LEU A 74 -3.27 -10.69 8.81
C LEU A 74 -2.95 -10.53 10.30
N ILE A 75 -2.67 -11.61 10.98
CA ILE A 75 -2.35 -11.51 12.43
C ILE A 75 -0.90 -11.07 12.62
N PHE A 76 -0.69 -9.83 12.92
CA PHE A 76 0.71 -9.33 13.13
C PHE A 76 0.94 -9.03 14.60
N ALA A 77 1.95 -9.62 15.19
CA ALA A 77 2.23 -9.37 16.65
C ALA A 77 0.98 -9.63 17.49
N GLY A 78 0.12 -10.49 17.04
CA GLY A 78 -1.12 -10.78 17.82
C GLY A 78 -2.16 -9.67 17.58
N LYS A 79 -2.04 -8.97 16.48
CA LYS A 79 -3.01 -7.88 16.18
C LYS A 79 -3.70 -8.15 14.85
N ILE A 80 -4.39 -7.17 14.32
CA ILE A 80 -5.09 -7.37 13.01
C ILE A 80 -4.43 -6.52 11.92
N LEU A 81 -3.32 -6.97 11.39
CA LEU A 81 -2.67 -6.18 10.30
C LEU A 81 -3.63 -6.09 9.12
N LYS A 82 -4.46 -5.08 9.10
CA LYS A 82 -5.45 -4.95 8.00
C LYS A 82 -5.88 -3.48 7.82
N ASP A 83 -7.11 -3.25 7.44
CA ASP A 83 -7.59 -1.86 7.25
C ASP A 83 -7.55 -1.08 8.56
N GLN A 84 -7.42 -1.77 9.66
CA GLN A 84 -7.35 -1.07 10.97
C GLN A 84 -6.27 0.01 10.93
N ASP A 85 -5.23 -0.19 10.16
CA ASP A 85 -4.15 0.83 10.10
C ASP A 85 -3.33 0.65 8.82
N THR A 86 -2.58 1.65 8.43
CA THR A 86 -1.76 1.53 7.20
C THR A 86 -0.51 0.69 7.49
N LEU A 87 -0.19 -0.24 6.63
CA LEU A 87 1.00 -1.11 6.88
C LEU A 87 2.24 -0.23 7.06
N ILE A 88 2.36 0.82 6.31
CA ILE A 88 3.54 1.71 6.47
C ILE A 88 3.43 2.46 7.80
N GLN A 89 2.26 2.51 8.36
CA GLN A 89 2.06 3.24 9.65
C GLN A 89 2.31 2.31 10.84
N HIS A 90 2.38 1.02 10.62
CA HIS A 90 2.61 0.09 11.78
C HIS A 90 2.65 -1.37 11.31
N GLY A 91 1.88 -1.70 10.30
CA GLY A 91 1.85 -3.11 9.82
C GLY A 91 3.24 -3.55 9.38
N ILE A 92 3.95 -2.71 8.67
CA ILE A 92 5.31 -3.12 8.19
C ILE A 92 6.35 -2.05 8.56
N HIS A 93 7.57 -2.47 8.76
CA HIS A 93 8.65 -1.50 9.09
C HIS A 93 9.68 -1.54 7.97
N ASP A 94 9.96 -2.72 7.47
CA ASP A 94 10.94 -2.89 6.36
C ASP A 94 11.04 -4.37 5.99
N GLY A 95 9.94 -5.07 6.05
CA GLY A 95 9.96 -6.53 5.71
C GLY A 95 9.58 -7.35 6.95
N LEU A 96 8.35 -7.28 7.38
CA LEU A 96 7.93 -8.05 8.58
C LEU A 96 7.18 -9.32 8.17
N THR A 97 6.70 -10.08 9.12
CA THR A 97 5.97 -11.34 8.78
C THR A 97 4.61 -11.37 9.50
N VAL A 98 3.60 -11.89 8.85
CA VAL A 98 2.26 -11.94 9.50
C VAL A 98 1.49 -13.18 9.03
N HIS A 99 0.68 -13.75 9.88
CA HIS A 99 -0.09 -14.96 9.48
C HIS A 99 -1.45 -14.56 8.91
N LEU A 100 -1.71 -14.90 7.68
CA LEU A 100 -3.02 -14.53 7.06
C LEU A 100 -4.12 -15.46 7.58
N VAL A 101 -5.28 -14.91 7.88
CA VAL A 101 -6.39 -15.75 8.40
C VAL A 101 -7.70 -14.96 8.36
N ILE A 102 -8.75 -15.56 7.87
CA ILE A 102 -10.06 -14.84 7.79
C ILE A 102 -10.73 -14.85 9.17
N LYS A 103 -11.30 -13.75 9.58
CA LYS A 103 -11.97 -13.69 10.91
C LYS A 103 -13.49 -13.78 10.74
N MET A 1 35.39 -1.10 22.44
CA MET A 1 35.88 -0.08 23.41
C MET A 1 37.32 0.30 23.09
N ALA A 2 37.58 0.69 21.87
CA ALA A 2 38.98 1.08 21.49
C ALA A 2 38.96 2.39 20.73
N GLU A 3 38.53 3.46 21.36
CA GLU A 3 38.48 4.78 20.65
C GLU A 3 37.72 4.67 19.33
N ASN A 4 37.63 5.75 18.59
CA ASN A 4 36.89 5.70 17.29
C ASN A 4 35.48 5.13 17.49
N GLY A 5 34.71 5.71 18.38
CA GLY A 5 33.33 5.21 18.62
C GLY A 5 32.33 6.13 17.92
N GLU A 6 32.55 6.43 16.68
CA GLU A 6 31.60 7.33 15.94
C GLU A 6 30.62 6.48 15.13
N SER A 7 29.74 7.12 14.40
CA SER A 7 28.75 6.36 13.57
C SER A 7 28.40 7.14 12.31
N SER A 8 27.97 8.37 12.46
CA SER A 8 27.60 9.18 11.26
C SER A 8 28.72 10.18 10.93
N GLY A 9 29.63 9.81 10.08
CA GLY A 9 30.74 10.74 9.73
C GLY A 9 30.25 11.71 8.65
N PRO A 10 31.16 12.15 7.81
CA PRO A 10 30.80 13.09 6.72
C PRO A 10 29.98 12.37 5.64
N PRO A 11 29.05 13.08 5.06
CA PRO A 11 28.20 12.49 4.00
C PRO A 11 29.00 12.31 2.70
N ARG A 12 28.35 11.87 1.66
CA ARG A 12 29.05 11.66 0.36
C ARG A 12 28.04 11.59 -0.79
N PRO A 13 27.52 12.74 -1.16
CA PRO A 13 26.52 12.79 -2.25
C PRO A 13 27.20 12.54 -3.61
N SER A 14 27.17 11.33 -4.08
CA SER A 14 27.79 11.01 -5.40
C SER A 14 26.75 11.08 -6.50
N ARG A 15 25.55 10.62 -6.22
CA ARG A 15 24.48 10.65 -7.26
C ARG A 15 24.96 9.98 -8.55
N GLY A 16 24.74 8.69 -8.68
CA GLY A 16 25.18 7.98 -9.92
C GLY A 16 24.08 7.03 -10.37
N PRO A 17 24.12 5.82 -9.84
CA PRO A 17 23.11 4.81 -10.21
C PRO A 17 21.75 5.13 -9.56
N ALA A 18 21.78 5.53 -8.31
CA ALA A 18 20.50 5.86 -7.61
C ALA A 18 20.16 7.34 -7.82
N ALA A 19 19.67 7.68 -8.99
CA ALA A 19 19.31 9.11 -9.25
C ALA A 19 17.79 9.29 -9.18
N ALA A 20 17.34 10.52 -9.09
CA ALA A 20 15.87 10.76 -9.01
C ALA A 20 15.29 10.92 -10.41
N GLN A 21 14.18 10.27 -10.68
CA GLN A 21 13.55 10.39 -12.03
C GLN A 21 12.72 11.67 -12.12
N GLY A 22 12.18 12.11 -11.01
CA GLY A 22 11.35 13.35 -11.03
C GLY A 22 11.74 14.23 -9.83
N SER A 23 10.79 14.96 -9.30
CA SER A 23 11.09 15.84 -8.13
C SER A 23 9.89 15.88 -7.18
N ALA A 24 10.01 15.25 -6.04
CA ALA A 24 8.88 15.24 -5.07
C ALA A 24 7.62 14.65 -5.71
N ALA A 25 6.64 14.31 -4.91
CA ALA A 25 5.38 13.72 -5.47
C ALA A 25 4.30 13.66 -4.39
N ALA A 26 3.55 14.71 -4.24
CA ALA A 26 2.46 14.72 -3.20
C ALA A 26 3.04 14.39 -1.82
N PRO A 27 2.20 14.46 -0.82
CA PRO A 27 2.64 14.17 0.56
C PRO A 27 2.88 12.67 0.74
N ALA A 28 3.84 12.12 0.02
CA ALA A 28 4.12 10.67 0.16
C ALA A 28 5.48 10.33 -0.48
N GLU A 29 6.24 9.48 0.14
CA GLU A 29 7.57 9.11 -0.43
C GLU A 29 7.56 7.65 -0.88
N PRO A 30 8.40 7.34 -1.84
CA PRO A 30 8.50 5.96 -2.37
C PRO A 30 9.33 5.07 -1.45
N LYS A 31 9.14 5.20 -0.16
CA LYS A 31 9.88 4.30 0.78
C LYS A 31 9.24 2.93 0.65
N ILE A 32 9.40 2.31 -0.50
CA ILE A 32 8.75 1.00 -0.73
C ILE A 32 9.22 -0.02 0.32
N ILE A 33 8.31 -0.57 1.08
CA ILE A 33 8.71 -1.56 2.12
C ILE A 33 8.27 -2.97 1.69
N LYS A 34 8.87 -3.99 2.23
CA LYS A 34 8.49 -5.38 1.85
C LYS A 34 7.39 -5.91 2.77
N VAL A 35 6.49 -6.70 2.23
CA VAL A 35 5.39 -7.26 3.08
C VAL A 35 5.25 -8.76 2.82
N THR A 36 5.56 -9.57 3.80
CA THR A 36 5.45 -11.05 3.59
C THR A 36 4.12 -11.57 4.17
N VAL A 37 3.25 -12.05 3.33
CA VAL A 37 1.95 -12.57 3.84
C VAL A 37 1.96 -14.11 3.83
N LYS A 38 1.62 -14.71 4.94
CA LYS A 38 1.60 -16.20 5.00
C LYS A 38 0.19 -16.71 4.68
N THR A 39 0.07 -17.54 3.68
CA THR A 39 -1.27 -18.06 3.30
C THR A 39 -1.28 -19.59 3.37
N PRO A 40 -2.44 -20.17 3.21
CA PRO A 40 -2.58 -21.65 3.26
C PRO A 40 -1.90 -22.31 2.06
N LYS A 41 -1.47 -21.52 1.09
CA LYS A 41 -0.80 -22.12 -0.11
C LYS A 41 0.71 -21.94 0.02
N GLU A 42 1.16 -20.75 0.29
CA GLU A 42 2.62 -20.51 0.44
C GLU A 42 2.87 -19.09 0.99
N LYS A 43 4.07 -18.60 0.83
CA LYS A 43 4.37 -17.22 1.34
C LYS A 43 4.75 -16.30 0.18
N GLU A 44 4.23 -15.10 0.16
CA GLU A 44 4.55 -14.16 -0.96
C GLU A 44 4.87 -12.77 -0.42
N GLU A 45 5.90 -12.16 -0.93
CA GLU A 45 6.27 -10.78 -0.45
C GLU A 45 5.60 -9.73 -1.35
N PHE A 46 5.21 -8.62 -0.80
CA PHE A 46 4.56 -7.56 -1.61
C PHE A 46 5.25 -6.22 -1.41
N ALA A 47 5.68 -5.59 -2.48
CA ALA A 47 6.35 -4.27 -2.35
C ALA A 47 5.29 -3.17 -2.47
N VAL A 48 5.28 -2.24 -1.55
CA VAL A 48 4.25 -1.16 -1.61
C VAL A 48 4.86 0.16 -1.15
N PRO A 49 4.29 1.24 -1.59
CA PRO A 49 4.79 2.58 -1.21
C PRO A 49 4.50 2.85 0.27
N GLU A 50 5.54 3.12 1.02
CA GLU A 50 5.39 3.40 2.49
C GLU A 50 4.00 3.97 2.81
N ASN A 51 3.55 4.96 2.08
CA ASN A 51 2.21 5.53 2.35
C ASN A 51 1.13 4.73 1.62
N SER A 52 1.12 3.44 1.79
CA SER A 52 0.09 2.59 1.11
C SER A 52 -0.92 2.06 2.12
N SER A 53 -2.14 2.52 2.05
CA SER A 53 -3.17 2.03 3.02
C SER A 53 -3.41 0.54 2.79
N VAL A 54 -3.66 -0.20 3.85
CA VAL A 54 -3.89 -1.66 3.69
C VAL A 54 -5.09 -1.92 2.77
N GLN A 55 -6.09 -1.09 2.81
CA GLN A 55 -7.29 -1.34 1.93
C GLN A 55 -6.85 -1.62 0.48
N GLN A 56 -5.93 -0.86 -0.02
CA GLN A 56 -5.45 -1.09 -1.42
C GLN A 56 -4.65 -2.40 -1.49
N PHE A 57 -3.70 -2.58 -0.60
CA PHE A 57 -2.88 -3.82 -0.59
C PHE A 57 -3.77 -5.05 -0.32
N LYS A 58 -4.74 -4.90 0.55
CA LYS A 58 -5.64 -6.04 0.88
C LYS A 58 -6.32 -6.55 -0.40
N GLU A 59 -6.72 -5.65 -1.27
CA GLU A 59 -7.37 -6.07 -2.53
C GLU A 59 -6.35 -6.68 -3.49
N ALA A 60 -5.10 -6.35 -3.34
CA ALA A 60 -4.05 -6.92 -4.23
C ALA A 60 -3.90 -8.41 -3.98
N ILE A 61 -3.90 -8.80 -2.73
CA ILE A 61 -3.76 -10.25 -2.41
C ILE A 61 -4.99 -11.04 -2.89
N SER A 62 -6.13 -10.43 -2.82
CA SER A 62 -7.38 -11.13 -3.27
C SER A 62 -7.25 -11.54 -4.74
N LYS A 63 -6.76 -10.65 -5.57
CA LYS A 63 -6.63 -10.97 -7.02
C LYS A 63 -5.74 -12.20 -7.24
N ARG A 64 -4.59 -12.23 -6.63
CA ARG A 64 -3.68 -13.40 -6.81
C ARG A 64 -4.22 -14.64 -6.10
N PHE A 65 -4.53 -14.53 -4.84
CA PHE A 65 -5.06 -15.70 -4.09
C PHE A 65 -6.46 -16.07 -4.61
N LYS A 66 -7.25 -15.09 -4.96
CA LYS A 66 -8.63 -15.36 -5.47
C LYS A 66 -9.47 -16.03 -4.38
N SER A 67 -9.98 -15.25 -3.46
CA SER A 67 -10.81 -15.83 -2.37
C SER A 67 -11.75 -14.76 -1.81
N GLN A 68 -11.22 -13.71 -1.25
CA GLN A 68 -12.07 -12.64 -0.69
C GLN A 68 -11.23 -11.39 -0.36
N THR A 69 -11.76 -10.48 0.41
CA THR A 69 -10.99 -9.26 0.76
C THR A 69 -11.50 -8.67 2.08
N ASP A 70 -12.79 -8.60 2.25
CA ASP A 70 -13.35 -8.03 3.52
C ASP A 70 -12.85 -8.84 4.72
N GLN A 71 -13.18 -10.10 4.79
CA GLN A 71 -12.73 -10.94 5.92
C GLN A 71 -11.22 -11.20 5.82
N LEU A 72 -10.68 -11.15 4.63
CA LEU A 72 -9.22 -11.38 4.45
C LEU A 72 -8.41 -10.42 5.32
N VAL A 73 -7.93 -10.88 6.45
CA VAL A 73 -7.14 -9.98 7.34
C VAL A 73 -5.77 -10.62 7.64
N LEU A 74 -4.87 -9.87 8.20
CA LEU A 74 -3.53 -10.43 8.51
C LEU A 74 -3.23 -10.24 10.00
N ILE A 75 -3.05 -11.31 10.73
CA ILE A 75 -2.76 -11.17 12.18
C ILE A 75 -1.27 -10.89 12.42
N PHE A 76 -0.93 -9.67 12.73
CA PHE A 76 0.50 -9.33 12.99
C PHE A 76 0.69 -8.91 14.45
N ALA A 77 1.73 -9.38 15.08
CA ALA A 77 1.99 -9.00 16.51
C ALA A 77 0.74 -9.25 17.36
N GLY A 78 -0.09 -10.17 16.96
CA GLY A 78 -1.32 -10.47 17.76
C GLY A 78 -2.36 -9.36 17.53
N LYS A 79 -2.27 -8.68 16.42
CA LYS A 79 -3.26 -7.60 16.13
C LYS A 79 -3.93 -7.84 14.78
N ILE A 80 -4.66 -6.87 14.28
CA ILE A 80 -5.32 -7.06 12.95
C ILE A 80 -4.59 -6.25 11.88
N LEU A 81 -3.52 -6.78 11.33
CA LEU A 81 -2.80 -6.03 10.28
C LEU A 81 -3.73 -5.86 9.08
N LYS A 82 -4.45 -4.77 9.05
CA LYS A 82 -5.40 -4.55 7.93
C LYS A 82 -5.64 -3.05 7.71
N ASP A 83 -6.83 -2.65 7.38
CA ASP A 83 -7.11 -1.21 7.15
C ASP A 83 -7.11 -0.46 8.49
N GLN A 84 -7.26 -1.17 9.58
CA GLN A 84 -7.25 -0.50 10.91
C GLN A 84 -5.99 0.35 11.06
N ASP A 85 -4.91 -0.08 10.48
CA ASP A 85 -3.63 0.71 10.59
C ASP A 85 -2.80 0.56 9.32
N THR A 86 -1.83 1.43 9.12
CA THR A 86 -0.97 1.33 7.92
C THR A 86 0.20 0.40 8.18
N LEU A 87 0.81 -0.14 7.16
CA LEU A 87 1.96 -1.08 7.38
C LEU A 87 3.15 -0.34 7.99
N ILE A 88 3.50 0.81 7.46
CA ILE A 88 4.66 1.56 8.04
C ILE A 88 4.35 1.96 9.49
N GLN A 89 3.10 1.94 9.86
CA GLN A 89 2.74 2.33 11.24
C GLN A 89 2.65 1.10 12.16
N HIS A 90 2.60 -0.08 11.60
CA HIS A 90 2.51 -1.30 12.49
C HIS A 90 2.40 -2.60 11.67
N GLY A 91 1.85 -2.54 10.48
CA GLY A 91 1.71 -3.79 9.67
C GLY A 91 3.10 -4.39 9.47
N ILE A 92 4.04 -3.60 9.02
CA ILE A 92 5.42 -4.10 8.82
C ILE A 92 6.40 -2.95 8.97
N HIS A 93 7.64 -3.22 9.22
CA HIS A 93 8.63 -2.13 9.37
C HIS A 93 9.58 -2.14 8.17
N ASP A 94 9.80 -3.29 7.58
CA ASP A 94 10.71 -3.38 6.40
C ASP A 94 10.77 -4.82 5.90
N GLY A 95 9.67 -5.53 5.95
CA GLY A 95 9.66 -6.94 5.47
C GLY A 95 9.42 -7.88 6.65
N LEU A 96 8.23 -7.88 7.19
CA LEU A 96 7.93 -8.77 8.35
C LEU A 96 7.02 -9.93 7.90
N THR A 97 6.78 -10.88 8.76
CA THR A 97 5.91 -12.03 8.39
C THR A 97 4.60 -11.97 9.17
N VAL A 98 3.48 -12.10 8.51
CA VAL A 98 2.17 -12.05 9.22
C VAL A 98 1.32 -13.28 8.86
N HIS A 99 0.47 -13.71 9.75
CA HIS A 99 -0.37 -14.90 9.45
C HIS A 99 -1.70 -14.46 8.82
N LEU A 100 -2.11 -15.10 7.75
CA LEU A 100 -3.38 -14.72 7.10
C LEU A 100 -4.56 -15.45 7.75
N VAL A 101 -5.62 -14.75 8.02
CA VAL A 101 -6.81 -15.40 8.66
C VAL A 101 -8.10 -14.70 8.22
N ILE A 102 -9.04 -15.43 7.70
CA ILE A 102 -10.32 -14.81 7.24
C ILE A 102 -11.39 -14.94 8.33
N LYS A 103 -12.06 -13.87 8.65
CA LYS A 103 -13.11 -13.93 9.71
C LYS A 103 -14.49 -13.65 9.10
N MET A 1 13.23 50.99 -49.92
CA MET A 1 12.87 49.86 -50.81
C MET A 1 13.15 48.52 -50.12
N ALA A 2 12.15 47.93 -49.51
CA ALA A 2 12.36 46.63 -48.81
C ALA A 2 12.09 45.47 -49.77
N GLU A 3 11.03 45.57 -50.55
CA GLU A 3 10.71 44.47 -51.50
C GLU A 3 9.71 44.96 -52.56
N ASN A 4 9.56 44.25 -53.63
CA ASN A 4 8.61 44.67 -54.70
C ASN A 4 7.75 43.49 -55.15
N GLY A 5 7.45 42.59 -54.25
CA GLY A 5 6.61 41.41 -54.62
C GLY A 5 5.57 41.15 -53.53
N GLU A 6 4.53 41.94 -53.50
CA GLU A 6 3.48 41.74 -52.45
C GLU A 6 4.11 41.69 -51.05
N SER A 7 3.32 41.44 -50.05
CA SER A 7 3.86 41.38 -48.66
C SER A 7 4.09 39.92 -48.24
N SER A 8 4.29 39.68 -46.98
CA SER A 8 4.52 38.29 -46.50
C SER A 8 3.42 37.87 -45.51
N GLY A 9 2.26 38.46 -45.63
CA GLY A 9 1.15 38.09 -44.71
C GLY A 9 1.08 39.10 -43.56
N PRO A 10 -0.05 39.17 -42.92
CA PRO A 10 -0.23 40.11 -41.78
C PRO A 10 0.52 39.60 -40.55
N PRO A 11 1.00 40.53 -39.75
CA PRO A 11 1.74 40.16 -38.53
C PRO A 11 0.78 39.63 -37.45
N ARG A 12 1.28 38.87 -36.51
CA ARG A 12 0.41 38.33 -35.44
C ARG A 12 1.26 37.88 -34.24
N PRO A 13 0.79 38.21 -33.06
CA PRO A 13 1.53 37.82 -31.83
C PRO A 13 1.39 36.33 -31.56
N SER A 14 2.38 35.55 -31.91
CA SER A 14 2.30 34.08 -31.68
C SER A 14 2.73 33.75 -30.25
N ARG A 15 1.84 33.22 -29.45
CA ARG A 15 2.20 32.88 -28.05
C ARG A 15 2.62 31.40 -27.96
N GLY A 16 1.68 30.50 -28.05
CA GLY A 16 2.03 29.06 -27.97
C GLY A 16 2.44 28.70 -26.52
N PRO A 17 1.47 28.29 -25.75
CA PRO A 17 1.74 27.93 -24.33
C PRO A 17 2.50 26.60 -24.26
N ALA A 18 3.79 26.64 -24.44
CA ALA A 18 4.60 25.38 -24.39
C ALA A 18 5.62 25.45 -23.25
N ALA A 19 5.29 24.90 -22.11
CA ALA A 19 6.23 24.94 -20.95
C ALA A 19 7.14 23.70 -20.98
N ALA A 20 8.17 23.73 -21.77
CA ALA A 20 9.10 22.56 -21.84
C ALA A 20 10.31 22.79 -20.94
N GLN A 21 10.09 23.25 -19.73
CA GLN A 21 11.24 23.49 -18.81
C GLN A 21 10.96 22.83 -17.46
N GLY A 22 11.81 23.08 -16.49
CA GLY A 22 11.60 22.47 -15.13
C GLY A 22 11.71 23.56 -14.06
N SER A 23 10.79 23.56 -13.13
CA SER A 23 10.84 24.60 -12.04
C SER A 23 10.15 24.08 -10.78
N ALA A 24 10.23 22.79 -10.54
CA ALA A 24 9.57 22.22 -9.33
C ALA A 24 10.47 21.17 -8.67
N ALA A 25 10.23 20.84 -7.44
CA ALA A 25 11.06 19.83 -6.74
C ALA A 25 10.29 19.21 -5.58
N ALA A 26 9.14 18.64 -5.85
CA ALA A 26 8.34 18.01 -4.76
C ALA A 26 8.87 16.61 -4.46
N PRO A 27 9.41 16.45 -3.27
CA PRO A 27 9.96 15.13 -2.87
C PRO A 27 8.82 14.13 -2.59
N ALA A 28 8.85 12.99 -3.23
CA ALA A 28 7.77 11.98 -3.02
C ALA A 28 8.15 11.07 -1.85
N GLU A 29 7.44 9.97 -1.70
CA GLU A 29 7.75 9.03 -0.58
C GLU A 29 7.73 7.58 -1.09
N PRO A 30 8.64 7.28 -1.97
CA PRO A 30 8.72 5.91 -2.54
C PRO A 30 9.51 4.98 -1.61
N LYS A 31 9.45 5.21 -0.33
CA LYS A 31 10.16 4.28 0.60
C LYS A 31 9.37 2.98 0.60
N ILE A 32 9.36 2.30 -0.51
CA ILE A 32 8.56 1.06 -0.62
C ILE A 32 9.02 0.03 0.44
N ILE A 33 8.14 -0.35 1.33
CA ILE A 33 8.53 -1.33 2.38
C ILE A 33 8.18 -2.76 1.92
N LYS A 34 8.96 -3.72 2.31
CA LYS A 34 8.68 -5.13 1.90
C LYS A 34 7.80 -5.81 2.94
N VAL A 35 6.92 -6.68 2.50
CA VAL A 35 6.03 -7.39 3.47
C VAL A 35 5.83 -8.84 3.05
N THR A 36 5.91 -9.75 3.98
CA THR A 36 5.73 -11.20 3.64
C THR A 36 4.38 -11.71 4.14
N VAL A 37 3.52 -12.12 3.25
CA VAL A 37 2.19 -12.63 3.67
C VAL A 37 2.20 -14.16 3.73
N LYS A 38 1.73 -14.72 4.81
CA LYS A 38 1.71 -16.21 4.93
C LYS A 38 0.29 -16.73 4.72
N THR A 39 0.09 -17.60 3.78
CA THR A 39 -1.27 -18.15 3.52
C THR A 39 -1.23 -19.68 3.53
N PRO A 40 -2.39 -20.28 3.59
CA PRO A 40 -2.48 -21.76 3.61
C PRO A 40 -2.14 -22.33 2.22
N LYS A 41 -0.94 -22.09 1.76
CA LYS A 41 -0.53 -22.61 0.42
C LYS A 41 0.93 -22.25 0.15
N GLU A 42 1.29 -21.01 0.37
CA GLU A 42 2.71 -20.58 0.13
C GLU A 42 2.94 -19.18 0.70
N LYS A 43 4.13 -18.65 0.52
CA LYS A 43 4.42 -17.28 1.04
C LYS A 43 4.75 -16.34 -0.11
N GLU A 44 4.22 -15.14 -0.09
CA GLU A 44 4.50 -14.19 -1.20
C GLU A 44 4.83 -12.80 -0.64
N GLU A 45 5.93 -12.23 -1.06
CA GLU A 45 6.30 -10.87 -0.57
C GLU A 45 5.59 -9.80 -1.40
N PHE A 46 5.28 -8.68 -0.81
CA PHE A 46 4.58 -7.61 -1.57
C PHE A 46 5.31 -6.27 -1.41
N ALA A 47 5.70 -5.66 -2.48
CA ALA A 47 6.40 -4.34 -2.40
C ALA A 47 5.36 -3.22 -2.45
N VAL A 48 5.37 -2.34 -1.49
CA VAL A 48 4.37 -1.24 -1.49
C VAL A 48 5.02 0.05 -0.96
N PRO A 49 4.51 1.17 -1.41
CA PRO A 49 5.07 2.47 -0.98
C PRO A 49 4.73 2.73 0.48
N GLU A 50 5.75 2.92 1.28
CA GLU A 50 5.56 3.20 2.75
C GLU A 50 4.21 3.87 3.03
N ASN A 51 3.87 4.88 2.27
CA ASN A 51 2.57 5.57 2.49
C ASN A 51 1.45 4.85 1.73
N SER A 52 1.32 3.56 1.93
CA SER A 52 0.25 2.80 1.22
C SER A 52 -0.80 2.30 2.22
N SER A 53 -2.04 2.62 2.01
CA SER A 53 -3.11 2.16 2.94
C SER A 53 -3.33 0.65 2.77
N VAL A 54 -3.61 -0.05 3.82
CA VAL A 54 -3.83 -1.52 3.71
C VAL A 54 -5.03 -1.83 2.81
N GLN A 55 -6.04 -1.01 2.83
CA GLN A 55 -7.24 -1.31 1.98
C GLN A 55 -6.83 -1.64 0.54
N GLN A 56 -5.91 -0.89 -0.02
CA GLN A 56 -5.47 -1.19 -1.41
C GLN A 56 -4.70 -2.51 -1.45
N PHE A 57 -3.69 -2.64 -0.63
CA PHE A 57 -2.89 -3.89 -0.60
C PHE A 57 -3.78 -5.09 -0.24
N LYS A 58 -4.71 -4.88 0.64
CA LYS A 58 -5.62 -5.99 1.05
C LYS A 58 -6.34 -6.56 -0.17
N GLU A 59 -6.76 -5.71 -1.08
CA GLU A 59 -7.46 -6.21 -2.29
C GLU A 59 -6.46 -6.84 -3.26
N ALA A 60 -5.20 -6.50 -3.16
CA ALA A 60 -4.18 -7.09 -4.08
C ALA A 60 -4.02 -8.58 -3.79
N ILE A 61 -4.00 -8.95 -2.53
CA ILE A 61 -3.84 -10.38 -2.17
C ILE A 61 -5.03 -11.19 -2.66
N SER A 62 -6.19 -10.59 -2.68
CA SER A 62 -7.42 -11.32 -3.15
C SER A 62 -7.28 -11.68 -4.63
N LYS A 63 -6.82 -10.78 -5.44
CA LYS A 63 -6.68 -11.06 -6.90
C LYS A 63 -5.73 -12.25 -7.13
N ARG A 64 -4.57 -12.22 -6.55
CA ARG A 64 -3.60 -13.34 -6.75
C ARG A 64 -4.10 -14.63 -6.07
N PHE A 65 -4.41 -14.55 -4.81
CA PHE A 65 -4.89 -15.76 -4.08
C PHE A 65 -6.27 -16.18 -4.61
N LYS A 66 -7.10 -15.22 -4.94
CA LYS A 66 -8.46 -15.56 -5.46
C LYS A 66 -9.27 -16.29 -4.39
N SER A 67 -9.79 -15.56 -3.43
CA SER A 67 -10.59 -16.21 -2.35
C SER A 67 -11.54 -15.19 -1.72
N GLN A 68 -11.02 -14.20 -1.06
CA GLN A 68 -11.89 -13.18 -0.42
C GLN A 68 -11.07 -11.95 -0.04
N THR A 69 -11.68 -10.99 0.62
CA THR A 69 -10.94 -9.76 1.02
C THR A 69 -11.59 -9.12 2.24
N ASP A 70 -12.90 -9.08 2.28
CA ASP A 70 -13.61 -8.46 3.44
C ASP A 70 -13.15 -9.11 4.75
N GLN A 71 -13.43 -10.37 4.93
CA GLN A 71 -13.01 -11.06 6.19
C GLN A 71 -11.53 -11.41 6.14
N LEU A 72 -10.99 -11.57 4.96
CA LEU A 72 -9.54 -11.91 4.83
C LEU A 72 -8.68 -10.86 5.54
N VAL A 73 -8.38 -11.07 6.79
CA VAL A 73 -7.54 -10.08 7.54
C VAL A 73 -6.15 -10.68 7.81
N LEU A 74 -5.20 -9.86 8.16
CA LEU A 74 -3.84 -10.41 8.44
C LEU A 74 -3.53 -10.23 9.93
N ILE A 75 -3.32 -11.30 10.63
CA ILE A 75 -3.03 -11.19 12.09
C ILE A 75 -1.58 -10.77 12.34
N PHE A 76 -1.38 -9.52 12.67
CA PHE A 76 0.01 -9.03 12.93
C PHE A 76 0.55 -9.65 14.23
N ALA A 77 0.74 -10.94 14.25
CA ALA A 77 1.26 -11.61 15.48
C ALA A 77 0.39 -11.25 16.69
N GLY A 78 -0.85 -10.88 16.46
CA GLY A 78 -1.75 -10.53 17.60
C GLY A 78 -2.66 -9.36 17.20
N LYS A 79 -2.10 -8.34 16.60
CA LYS A 79 -2.94 -7.18 16.18
C LYS A 79 -3.72 -7.51 14.90
N ILE A 80 -4.18 -6.50 14.21
CA ILE A 80 -4.95 -6.75 12.95
C ILE A 80 -4.28 -6.06 11.77
N LEU A 81 -3.30 -6.67 11.16
CA LEU A 81 -2.64 -6.03 9.99
C LEU A 81 -3.70 -5.85 8.91
N LYS A 82 -4.33 -4.71 8.88
CA LYS A 82 -5.40 -4.46 7.87
C LYS A 82 -5.63 -2.96 7.67
N ASP A 83 -6.83 -2.58 7.32
CA ASP A 83 -7.13 -1.13 7.11
C ASP A 83 -7.17 -0.39 8.44
N GLN A 84 -7.34 -1.10 9.52
CA GLN A 84 -7.38 -0.44 10.86
C GLN A 84 -6.14 0.45 11.04
N ASP A 85 -5.03 0.05 10.47
CA ASP A 85 -3.78 0.86 10.60
C ASP A 85 -2.89 0.66 9.37
N THR A 86 -2.11 1.65 9.03
CA THR A 86 -1.21 1.52 7.84
C THR A 86 -0.07 0.55 8.18
N LEU A 87 0.46 -0.12 7.19
CA LEU A 87 1.57 -1.07 7.45
C LEU A 87 2.77 -0.34 8.08
N ILE A 88 3.13 0.79 7.55
CA ILE A 88 4.28 1.54 8.14
C ILE A 88 3.93 1.98 9.56
N GLN A 89 2.67 1.98 9.89
CA GLN A 89 2.25 2.41 11.26
C GLN A 89 2.17 1.20 12.21
N HIS A 90 2.15 0.00 11.67
CA HIS A 90 2.07 -1.20 12.58
C HIS A 90 1.99 -2.50 11.78
N GLY A 91 1.45 -2.48 10.58
CA GLY A 91 1.35 -3.75 9.80
C GLY A 91 2.74 -4.34 9.61
N ILE A 92 3.68 -3.54 9.17
CA ILE A 92 5.07 -4.06 8.99
C ILE A 92 6.06 -2.93 9.24
N HIS A 93 7.33 -3.21 9.23
CA HIS A 93 8.33 -2.13 9.46
C HIS A 93 9.31 -2.06 8.28
N ASP A 94 9.64 -3.19 7.71
CA ASP A 94 10.59 -3.20 6.55
C ASP A 94 10.81 -4.64 6.08
N GLY A 95 9.79 -5.46 6.11
CA GLY A 95 9.93 -6.87 5.68
C GLY A 95 9.55 -7.81 6.83
N LEU A 96 8.32 -7.80 7.22
CA LEU A 96 7.88 -8.70 8.34
C LEU A 96 6.90 -9.76 7.83
N THR A 97 6.61 -10.75 8.62
CA THR A 97 5.66 -11.81 8.19
C THR A 97 4.36 -11.73 9.00
N VAL A 98 3.23 -11.82 8.35
CA VAL A 98 1.94 -11.75 9.08
C VAL A 98 1.09 -13.00 8.79
N HIS A 99 0.17 -13.32 9.65
CA HIS A 99 -0.68 -14.52 9.42
C HIS A 99 -1.94 -14.14 8.64
N LEU A 100 -2.34 -14.98 7.71
CA LEU A 100 -3.57 -14.67 6.91
C LEU A 100 -4.72 -15.57 7.37
N VAL A 101 -5.82 -14.98 7.79
CA VAL A 101 -6.97 -15.81 8.25
C VAL A 101 -8.29 -15.08 7.96
N ILE A 102 -9.23 -15.77 7.35
CA ILE A 102 -10.55 -15.13 7.04
C ILE A 102 -11.63 -15.70 7.97
N LYS A 103 -12.42 -14.85 8.56
CA LYS A 103 -13.50 -15.34 9.48
C LYS A 103 -14.77 -15.65 8.69
N MET A 1 -7.40 31.67 -20.03
CA MET A 1 -6.14 32.16 -19.39
C MET A 1 -5.55 33.32 -20.19
N ALA A 2 -5.93 34.53 -19.87
CA ALA A 2 -5.40 35.70 -20.61
C ALA A 2 -3.92 35.92 -20.27
N GLU A 3 -3.22 36.68 -21.06
CA GLU A 3 -1.77 36.93 -20.78
C GLU A 3 -1.50 38.44 -20.75
N ASN A 4 -2.05 39.16 -21.69
CA ASN A 4 -1.81 40.64 -21.73
C ASN A 4 -2.49 41.31 -20.53
N GLY A 5 -1.74 41.53 -19.47
CA GLY A 5 -2.34 42.18 -18.27
C GLY A 5 -1.21 42.65 -17.33
N GLU A 6 -1.49 43.61 -16.49
CA GLU A 6 -0.44 44.11 -15.56
C GLU A 6 -0.53 43.35 -14.23
N SER A 7 0.23 43.77 -13.25
CA SER A 7 0.20 43.09 -11.93
C SER A 7 -0.01 44.10 -10.80
N SER A 8 0.63 45.23 -10.88
CA SER A 8 0.47 46.27 -9.82
C SER A 8 -0.99 46.69 -9.72
N GLY A 9 -1.46 46.94 -8.51
CA GLY A 9 -2.88 47.36 -8.34
C GLY A 9 -3.73 46.15 -7.95
N PRO A 10 -3.80 45.90 -6.66
CA PRO A 10 -4.59 44.75 -6.16
C PRO A 10 -6.10 45.03 -6.30
N PRO A 11 -6.82 44.04 -6.78
CA PRO A 11 -8.28 44.19 -6.96
C PRO A 11 -8.99 44.16 -5.60
N ARG A 12 -10.28 43.91 -5.59
CA ARG A 12 -11.02 43.88 -4.30
C ARG A 12 -10.35 42.92 -3.31
N PRO A 13 -10.15 41.69 -3.72
CA PRO A 13 -9.50 40.69 -2.84
C PRO A 13 -7.99 40.98 -2.74
N SER A 14 -7.30 40.23 -1.92
CA SER A 14 -5.83 40.47 -1.78
C SER A 14 -5.10 39.13 -1.54
N ARG A 15 -3.84 39.08 -1.84
CA ARG A 15 -3.07 37.81 -1.64
C ARG A 15 -3.78 36.63 -2.30
N GLY A 16 -3.34 35.43 -2.05
CA GLY A 16 -3.99 34.24 -2.67
C GLY A 16 -5.29 33.93 -1.92
N PRO A 17 -6.35 33.72 -2.66
CA PRO A 17 -7.66 33.41 -2.04
C PRO A 17 -7.68 31.97 -1.50
N ALA A 18 -6.83 31.68 -0.55
CA ALA A 18 -6.79 30.30 0.02
C ALA A 18 -5.92 30.28 1.29
N ALA A 19 -6.52 29.94 2.41
CA ALA A 19 -5.73 29.90 3.67
C ALA A 19 -5.80 28.50 4.29
N ALA A 20 -6.10 27.50 3.50
CA ALA A 20 -6.18 26.12 4.03
C ALA A 20 -6.33 25.11 2.88
N GLN A 21 -5.24 24.72 2.27
CA GLN A 21 -5.33 23.75 1.15
C GLN A 21 -4.56 22.48 1.49
N GLY A 22 -3.25 22.53 1.51
CA GLY A 22 -2.45 21.31 1.84
C GLY A 22 -1.75 20.81 0.59
N SER A 23 -1.80 19.53 0.34
CA SER A 23 -1.13 18.97 -0.87
C SER A 23 -1.93 17.79 -1.43
N ALA A 24 -2.63 18.00 -2.52
CA ALA A 24 -3.44 16.90 -3.12
C ALA A 24 -4.37 16.29 -2.07
N ALA A 25 -4.85 15.10 -2.30
CA ALA A 25 -5.77 14.45 -1.33
C ALA A 25 -4.99 13.51 -0.40
N ALA A 26 -3.90 12.98 -0.87
CA ALA A 26 -3.09 12.06 -0.02
C ALA A 26 -1.59 12.26 -0.28
N PRO A 27 -0.78 11.59 0.49
CA PRO A 27 0.70 11.70 0.34
C PRO A 27 1.16 10.98 -0.93
N ALA A 28 2.42 11.00 -1.21
CA ALA A 28 2.94 10.31 -2.43
C ALA A 28 4.45 10.06 -2.31
N GLU A 29 4.83 9.09 -1.53
CA GLU A 29 6.29 8.79 -1.37
C GLU A 29 6.56 7.30 -1.58
N PRO A 30 7.71 6.99 -2.09
CA PRO A 30 8.09 5.57 -2.34
C PRO A 30 8.38 4.85 -1.02
N LYS A 31 9.62 4.81 -0.59
CA LYS A 31 9.94 4.09 0.69
C LYS A 31 9.20 2.75 0.66
N ILE A 32 9.22 2.11 -0.47
CA ILE A 32 8.50 0.82 -0.61
C ILE A 32 8.99 -0.21 0.41
N ILE A 33 8.25 -0.40 1.47
CA ILE A 33 8.68 -1.38 2.51
C ILE A 33 8.28 -2.81 2.07
N LYS A 34 8.88 -3.82 2.65
CA LYS A 34 8.53 -5.21 2.25
C LYS A 34 7.63 -5.85 3.32
N VAL A 35 6.71 -6.67 2.90
CA VAL A 35 5.80 -7.34 3.87
C VAL A 35 5.61 -8.81 3.49
N THR A 36 6.07 -9.71 4.31
CA THR A 36 5.93 -11.17 3.99
C THR A 36 4.52 -11.65 4.37
N VAL A 37 3.71 -11.96 3.40
CA VAL A 37 2.33 -12.44 3.71
C VAL A 37 2.30 -13.97 3.70
N LYS A 38 1.80 -14.57 4.76
CA LYS A 38 1.74 -16.05 4.82
C LYS A 38 0.29 -16.53 4.68
N THR A 39 0.02 -17.35 3.71
CA THR A 39 -1.37 -17.85 3.51
C THR A 39 -1.37 -19.39 3.46
N PRO A 40 -2.53 -19.98 3.56
CA PRO A 40 -2.65 -21.45 3.52
C PRO A 40 -2.32 -21.98 2.12
N LYS A 41 -2.24 -21.11 1.14
CA LYS A 41 -1.92 -21.56 -0.24
C LYS A 41 -0.41 -21.46 -0.48
N GLU A 42 0.20 -20.40 -0.01
CA GLU A 42 1.68 -20.24 -0.22
C GLU A 42 2.19 -19.03 0.57
N LYS A 43 3.43 -18.68 0.39
CA LYS A 43 4.00 -17.51 1.12
C LYS A 43 4.76 -16.60 0.15
N GLU A 44 4.29 -15.40 -0.05
CA GLU A 44 4.98 -14.47 -0.99
C GLU A 44 5.11 -13.08 -0.39
N GLU A 45 6.26 -12.47 -0.52
CA GLU A 45 6.45 -11.10 0.03
C GLU A 45 5.82 -10.07 -0.92
N PHE A 46 5.37 -8.96 -0.41
CA PHE A 46 4.75 -7.93 -1.30
C PHE A 46 5.44 -6.58 -1.12
N ALA A 47 6.07 -6.08 -2.15
CA ALA A 47 6.73 -4.75 -2.05
C ALA A 47 5.71 -3.65 -2.36
N VAL A 48 5.52 -2.73 -1.46
CA VAL A 48 4.51 -1.66 -1.72
C VAL A 48 5.01 -0.34 -1.15
N PRO A 49 4.53 0.74 -1.72
CA PRO A 49 4.94 2.09 -1.26
C PRO A 49 4.40 2.38 0.14
N GLU A 50 5.29 2.67 1.06
CA GLU A 50 4.88 2.96 2.48
C GLU A 50 3.48 3.59 2.55
N ASN A 51 3.19 4.54 1.69
CA ASN A 51 1.85 5.20 1.73
C ASN A 51 0.77 4.32 1.08
N SER A 52 0.78 3.04 1.34
CA SER A 52 -0.24 2.14 0.74
C SER A 52 -1.20 1.62 1.83
N SER A 53 -2.36 2.21 1.94
CA SER A 53 -3.34 1.75 2.97
C SER A 53 -3.74 0.30 2.72
N VAL A 54 -4.32 -0.34 3.70
CA VAL A 54 -4.72 -1.77 3.52
C VAL A 54 -5.85 -1.89 2.49
N GLN A 55 -6.76 -0.95 2.44
CA GLN A 55 -7.87 -1.05 1.45
C GLN A 55 -7.31 -1.39 0.07
N GLN A 56 -6.24 -0.74 -0.32
CA GLN A 56 -5.62 -1.03 -1.66
C GLN A 56 -4.75 -2.29 -1.58
N PHE A 57 -4.06 -2.49 -0.49
CA PHE A 57 -3.18 -3.70 -0.36
C PHE A 57 -4.05 -4.96 -0.22
N LYS A 58 -4.99 -4.95 0.68
CA LYS A 58 -5.86 -6.14 0.87
C LYS A 58 -6.58 -6.48 -0.45
N GLU A 59 -7.06 -5.48 -1.14
CA GLU A 59 -7.74 -5.73 -2.44
C GLU A 59 -6.75 -6.29 -3.46
N ALA A 60 -5.48 -6.00 -3.30
CA ALA A 60 -4.46 -6.50 -4.25
C ALA A 60 -4.34 -8.03 -4.13
N ILE A 61 -4.29 -8.53 -2.93
CA ILE A 61 -4.17 -10.01 -2.74
C ILE A 61 -5.37 -10.72 -3.37
N SER A 62 -6.54 -10.17 -3.22
CA SER A 62 -7.75 -10.82 -3.81
C SER A 62 -7.54 -11.10 -5.30
N LYS A 63 -7.17 -10.10 -6.05
CA LYS A 63 -6.96 -10.30 -7.52
C LYS A 63 -5.74 -11.18 -7.80
N ARG A 64 -4.59 -10.82 -7.27
CA ARG A 64 -3.36 -11.64 -7.54
C ARG A 64 -3.41 -12.99 -6.81
N PHE A 65 -3.61 -12.97 -5.52
CA PHE A 65 -3.67 -14.25 -4.75
C PHE A 65 -4.90 -15.05 -5.14
N LYS A 66 -6.00 -14.38 -5.39
CA LYS A 66 -7.27 -15.09 -5.77
C LYS A 66 -7.81 -15.88 -4.58
N SER A 67 -8.49 -15.22 -3.68
CA SER A 67 -9.05 -15.92 -2.49
C SER A 67 -10.19 -15.09 -1.88
N GLN A 68 -9.87 -14.00 -1.24
CA GLN A 68 -10.93 -13.15 -0.63
C GLN A 68 -10.46 -11.70 -0.54
N THR A 69 -11.18 -10.87 0.15
CA THR A 69 -10.78 -9.44 0.28
C THR A 69 -11.33 -8.84 1.58
N ASP A 70 -12.59 -9.03 1.84
CA ASP A 70 -13.19 -8.48 3.09
C ASP A 70 -12.81 -9.33 4.30
N GLN A 71 -13.30 -10.55 4.36
CA GLN A 71 -12.98 -11.44 5.51
C GLN A 71 -11.47 -11.69 5.56
N LEU A 72 -10.79 -11.59 4.45
CA LEU A 72 -9.32 -11.83 4.45
C LEU A 72 -8.60 -10.81 5.34
N VAL A 73 -8.11 -11.23 6.48
CA VAL A 73 -7.41 -10.30 7.39
C VAL A 73 -6.03 -10.88 7.76
N LEU A 74 -5.10 -10.05 8.15
CA LEU A 74 -3.75 -10.57 8.51
C LEU A 74 -3.49 -10.37 10.01
N ILE A 75 -2.84 -11.31 10.63
CA ILE A 75 -2.55 -11.18 12.09
C ILE A 75 -1.08 -10.83 12.32
N PHE A 76 -0.78 -9.55 12.36
CA PHE A 76 0.64 -9.15 12.59
C PHE A 76 0.99 -9.27 14.07
N ALA A 77 1.34 -10.45 14.51
CA ALA A 77 1.71 -10.66 15.95
C ALA A 77 0.61 -10.09 16.86
N GLY A 78 -0.58 -10.63 16.80
CA GLY A 78 -1.67 -10.13 17.67
C GLY A 78 -2.42 -9.00 16.95
N LYS A 79 -1.70 -8.01 16.48
CA LYS A 79 -2.36 -6.87 15.77
C LYS A 79 -3.12 -7.40 14.54
N ILE A 80 -3.85 -6.53 13.88
CA ILE A 80 -4.61 -6.97 12.67
C ILE A 80 -4.12 -6.25 11.42
N LEU A 81 -3.28 -6.87 10.65
CA LEU A 81 -2.81 -6.22 9.40
C LEU A 81 -4.02 -6.06 8.46
N LYS A 82 -4.83 -5.07 8.70
CA LYS A 82 -6.05 -4.89 7.88
C LYS A 82 -6.37 -3.41 7.72
N ASP A 83 -7.58 -3.11 7.33
CA ASP A 83 -7.99 -1.68 7.15
C ASP A 83 -8.10 -0.97 8.50
N GLN A 84 -8.13 -1.73 9.57
CA GLN A 84 -8.22 -1.12 10.93
C GLN A 84 -7.13 -0.05 11.09
N ASP A 85 -6.00 -0.24 10.44
CA ASP A 85 -4.90 0.76 10.57
C ASP A 85 -4.11 0.81 9.26
N THR A 86 -3.06 1.59 9.22
CA THR A 86 -2.25 1.67 7.97
C THR A 86 -0.99 0.83 8.14
N LEU A 87 -0.40 0.41 7.06
CA LEU A 87 0.85 -0.39 7.15
C LEU A 87 1.95 0.50 7.70
N ILE A 88 1.86 1.76 7.44
CA ILE A 88 2.86 2.73 7.95
C ILE A 88 2.79 2.81 9.47
N GLN A 89 1.69 2.40 10.05
CA GLN A 89 1.55 2.49 11.52
C GLN A 89 1.68 1.11 12.20
N HIS A 90 1.69 0.03 11.45
CA HIS A 90 1.81 -1.30 12.12
C HIS A 90 1.75 -2.45 11.12
N GLY A 91 1.12 -2.24 9.99
CA GLY A 91 1.03 -3.35 9.00
C GLY A 91 2.43 -3.79 8.59
N ILE A 92 3.35 -2.87 8.46
CA ILE A 92 4.74 -3.25 8.07
C ILE A 92 5.75 -2.44 8.87
N HIS A 93 7.00 -2.74 8.70
CA HIS A 93 8.06 -1.98 9.41
C HIS A 93 9.28 -1.93 8.49
N ASP A 94 9.66 -3.06 7.96
CA ASP A 94 10.82 -3.12 7.02
C ASP A 94 11.05 -4.56 6.55
N GLY A 95 10.00 -5.31 6.37
CA GLY A 95 10.14 -6.72 5.91
C GLY A 95 9.84 -7.68 7.07
N LEU A 96 8.61 -7.74 7.51
CA LEU A 96 8.27 -8.65 8.63
C LEU A 96 7.31 -9.75 8.14
N THR A 97 6.98 -10.68 9.01
CA THR A 97 6.06 -11.78 8.59
C THR A 97 4.74 -11.71 9.37
N VAL A 98 3.66 -12.09 8.76
CA VAL A 98 2.34 -12.04 9.46
C VAL A 98 1.51 -13.29 9.13
N HIS A 99 0.69 -13.72 10.05
CA HIS A 99 -0.16 -14.93 9.79
C HIS A 99 -1.50 -14.51 9.19
N LEU A 100 -1.78 -14.91 7.98
CA LEU A 100 -3.07 -14.53 7.35
C LEU A 100 -4.20 -15.43 7.86
N VAL A 101 -5.40 -14.92 7.91
CA VAL A 101 -6.55 -15.73 8.39
C VAL A 101 -7.87 -15.01 8.09
N ILE A 102 -8.78 -15.66 7.42
CA ILE A 102 -10.08 -14.99 7.09
C ILE A 102 -11.01 -15.05 8.31
N LYS A 103 -11.63 -13.94 8.64
CA LYS A 103 -12.54 -13.91 9.82
C LYS A 103 -14.00 -13.96 9.35
N MET A 1 -27.76 10.78 -7.40
CA MET A 1 -28.79 9.85 -6.87
C MET A 1 -28.94 10.02 -5.36
N ALA A 2 -29.43 9.01 -4.68
CA ALA A 2 -29.59 9.12 -3.20
C ALA A 2 -28.22 9.13 -2.52
N GLU A 3 -27.58 7.99 -2.42
CA GLU A 3 -26.24 7.92 -1.77
C GLU A 3 -26.29 8.56 -0.38
N ASN A 4 -26.72 7.81 0.61
CA ASN A 4 -26.80 8.36 2.00
C ASN A 4 -25.45 8.22 2.70
N GLY A 5 -24.92 9.30 3.20
CA GLY A 5 -23.60 9.25 3.90
C GLY A 5 -23.62 10.15 5.13
N GLU A 6 -22.88 11.22 5.11
CA GLU A 6 -22.86 12.14 6.27
C GLU A 6 -22.87 13.60 5.80
N SER A 7 -24.00 14.26 5.90
CA SER A 7 -24.08 15.67 5.45
C SER A 7 -24.39 16.59 6.64
N SER A 8 -23.79 16.31 7.77
CA SER A 8 -24.04 17.16 8.96
C SER A 8 -22.80 17.20 9.86
N GLY A 9 -21.93 18.16 9.65
CA GLY A 9 -20.70 18.25 10.48
C GLY A 9 -21.09 18.54 11.94
N PRO A 10 -20.20 19.18 12.66
CA PRO A 10 -20.46 19.50 14.07
C PRO A 10 -21.48 20.64 14.17
N PRO A 11 -22.01 20.83 15.35
CA PRO A 11 -23.02 21.90 15.57
C PRO A 11 -22.34 23.27 15.58
N ARG A 12 -21.32 23.44 16.38
CA ARG A 12 -20.62 24.75 16.43
C ARG A 12 -19.60 24.85 15.29
N PRO A 13 -19.85 25.75 14.36
CA PRO A 13 -18.94 25.93 13.22
C PRO A 13 -17.65 26.64 13.66
N SER A 14 -16.59 26.48 12.91
CA SER A 14 -15.30 27.15 13.30
C SER A 14 -14.48 27.45 12.05
N ARG A 15 -14.16 26.45 11.28
CA ARG A 15 -13.35 26.68 10.04
C ARG A 15 -14.22 26.49 8.80
N GLY A 16 -14.62 25.29 8.51
CA GLY A 16 -15.47 25.03 7.32
C GLY A 16 -14.76 24.05 6.38
N PRO A 17 -15.10 24.15 5.11
CA PRO A 17 -14.48 23.25 4.11
C PRO A 17 -13.02 23.66 3.85
N ALA A 18 -12.79 24.92 3.58
CA ALA A 18 -11.40 25.40 3.33
C ALA A 18 -10.73 24.54 2.24
N ALA A 19 -9.46 24.72 2.02
CA ALA A 19 -8.74 23.92 0.98
C ALA A 19 -9.48 24.00 -0.36
N ALA A 20 -9.57 25.17 -0.92
CA ALA A 20 -10.28 25.32 -2.24
C ALA A 20 -9.32 25.00 -3.39
N GLN A 21 -9.31 23.78 -3.85
CA GLN A 21 -8.41 23.40 -4.96
C GLN A 21 -9.05 22.32 -5.83
N GLY A 22 -9.17 21.13 -5.31
CA GLY A 22 -9.79 20.03 -6.11
C GLY A 22 -8.71 19.26 -6.85
N SER A 23 -8.36 19.70 -8.04
CA SER A 23 -7.32 19.00 -8.83
C SER A 23 -5.92 19.45 -8.37
N ALA A 24 -5.48 18.96 -7.24
CA ALA A 24 -4.13 19.37 -6.73
C ALA A 24 -3.58 18.29 -5.80
N ALA A 25 -3.24 17.14 -6.33
CA ALA A 25 -2.70 16.05 -5.48
C ALA A 25 -1.63 15.26 -6.26
N ALA A 26 -0.61 14.80 -5.58
CA ALA A 26 0.46 14.03 -6.27
C ALA A 26 1.33 13.29 -5.25
N PRO A 27 0.85 12.14 -4.85
CA PRO A 27 1.61 11.32 -3.86
C PRO A 27 2.83 10.68 -4.52
N ALA A 28 4.00 11.21 -4.24
CA ALA A 28 5.24 10.64 -4.86
C ALA A 28 6.16 10.08 -3.76
N GLU A 29 5.65 9.22 -2.93
CA GLU A 29 6.48 8.63 -1.84
C GLU A 29 6.60 7.12 -2.02
N PRO A 30 7.61 6.71 -2.76
CA PRO A 30 7.84 5.26 -3.01
C PRO A 30 8.34 4.58 -1.74
N LYS A 31 9.63 4.44 -1.56
CA LYS A 31 10.15 3.74 -0.35
C LYS A 31 9.30 2.48 -0.14
N ILE A 32 9.12 1.72 -1.19
CA ILE A 32 8.27 0.51 -1.11
C ILE A 32 8.79 -0.44 -0.02
N ILE A 33 8.00 -0.69 0.99
CA ILE A 33 8.45 -1.63 2.07
C ILE A 33 8.13 -3.07 1.67
N LYS A 34 8.82 -4.02 2.24
CA LYS A 34 8.55 -5.44 1.89
C LYS A 34 7.51 -6.04 2.82
N VAL A 35 6.65 -6.88 2.32
CA VAL A 35 5.60 -7.48 3.19
C VAL A 35 5.59 -9.00 3.04
N THR A 36 5.93 -9.72 4.08
CA THR A 36 5.93 -11.20 4.00
C THR A 36 4.53 -11.73 4.32
N VAL A 37 3.76 -12.05 3.31
CA VAL A 37 2.39 -12.56 3.55
C VAL A 37 2.38 -14.09 3.56
N LYS A 38 1.85 -14.69 4.58
CA LYS A 38 1.80 -16.17 4.65
C LYS A 38 0.37 -16.66 4.46
N THR A 39 0.14 -17.49 3.47
CA THR A 39 -1.24 -18.00 3.22
C THR A 39 -1.25 -19.54 3.34
N PRO A 40 -2.43 -20.09 3.47
CA PRO A 40 -2.56 -21.56 3.59
C PRO A 40 -2.25 -22.24 2.26
N LYS A 41 -1.05 -22.07 1.76
CA LYS A 41 -0.67 -22.70 0.47
C LYS A 41 0.81 -22.44 0.18
N GLU A 42 1.27 -21.23 0.41
CA GLU A 42 2.70 -20.91 0.15
C GLU A 42 3.05 -19.55 0.74
N LYS A 43 4.30 -19.15 0.66
CA LYS A 43 4.70 -17.82 1.21
C LYS A 43 5.06 -16.87 0.07
N GLU A 44 4.46 -15.71 0.03
CA GLU A 44 4.77 -14.75 -1.06
C GLU A 44 4.95 -13.33 -0.50
N GLU A 45 6.02 -12.67 -0.87
CA GLU A 45 6.26 -11.28 -0.36
C GLU A 45 5.56 -10.27 -1.28
N PHE A 46 5.10 -9.18 -0.72
CA PHE A 46 4.41 -8.16 -1.56
C PHE A 46 5.12 -6.81 -1.45
N ALA A 47 5.17 -6.06 -2.52
CA ALA A 47 5.82 -4.73 -2.48
C ALA A 47 4.76 -3.65 -2.34
N VAL A 48 4.95 -2.71 -1.45
CA VAL A 48 3.94 -1.64 -1.28
C VAL A 48 4.66 -0.33 -0.97
N PRO A 49 4.14 0.74 -1.49
CA PRO A 49 4.77 2.06 -1.28
C PRO A 49 4.66 2.50 0.19
N GLU A 50 5.78 2.85 0.76
CA GLU A 50 5.82 3.30 2.20
C GLU A 50 4.60 4.17 2.56
N ASN A 51 3.99 4.81 1.60
CA ASN A 51 2.81 5.66 1.93
C ASN A 51 1.54 5.07 1.30
N SER A 52 1.19 3.87 1.69
CA SER A 52 -0.04 3.24 1.13
C SER A 52 -1.02 2.90 2.26
N SER A 53 -1.86 1.91 2.07
CA SER A 53 -2.83 1.54 3.13
C SER A 53 -3.35 0.12 2.90
N VAL A 54 -3.90 -0.50 3.91
CA VAL A 54 -4.43 -1.89 3.73
C VAL A 54 -5.55 -1.90 2.69
N GLN A 55 -6.34 -0.89 2.60
CA GLN A 55 -7.44 -0.89 1.60
C GLN A 55 -6.89 -1.28 0.22
N GLN A 56 -5.78 -0.69 -0.17
CA GLN A 56 -5.18 -1.02 -1.49
C GLN A 56 -4.42 -2.35 -1.40
N PHE A 57 -3.65 -2.54 -0.36
CA PHE A 57 -2.88 -3.82 -0.21
C PHE A 57 -3.84 -5.01 -0.08
N LYS A 58 -4.78 -4.92 0.82
CA LYS A 58 -5.75 -6.04 1.01
C LYS A 58 -6.48 -6.32 -0.30
N GLU A 59 -6.69 -5.31 -1.10
CA GLU A 59 -7.41 -5.52 -2.40
C GLU A 59 -6.42 -6.03 -3.46
N ALA A 60 -5.16 -5.76 -3.28
CA ALA A 60 -4.15 -6.22 -4.28
C ALA A 60 -4.04 -7.76 -4.26
N ILE A 61 -4.02 -8.34 -3.09
CA ILE A 61 -3.93 -9.82 -2.99
C ILE A 61 -5.14 -10.47 -3.68
N SER A 62 -6.30 -9.87 -3.57
CA SER A 62 -7.51 -10.47 -4.21
C SER A 62 -7.26 -10.71 -5.71
N LYS A 63 -6.76 -9.73 -6.40
CA LYS A 63 -6.52 -9.90 -7.87
C LYS A 63 -5.39 -10.90 -8.13
N ARG A 64 -4.23 -10.69 -7.55
CA ARG A 64 -3.09 -11.63 -7.80
C ARG A 64 -3.31 -12.98 -7.11
N PHE A 65 -3.56 -12.96 -5.83
CA PHE A 65 -3.77 -14.24 -5.09
C PHE A 65 -5.10 -14.89 -5.52
N LYS A 66 -6.09 -14.10 -5.80
CA LYS A 66 -7.42 -14.66 -6.23
C LYS A 66 -8.13 -15.32 -5.04
N SER A 67 -8.76 -14.54 -4.20
CA SER A 67 -9.46 -15.11 -3.02
C SER A 67 -10.38 -14.05 -2.41
N GLN A 68 -10.83 -14.27 -1.20
CA GLN A 68 -11.73 -13.28 -0.55
C GLN A 68 -10.97 -11.98 -0.26
N THR A 69 -11.65 -10.96 0.19
CA THR A 69 -10.97 -9.67 0.48
C THR A 69 -11.51 -9.06 1.78
N ASP A 70 -12.80 -8.92 1.89
CA ASP A 70 -13.38 -8.33 3.14
C ASP A 70 -13.01 -9.19 4.34
N GLN A 71 -13.41 -10.43 4.36
CA GLN A 71 -13.07 -11.31 5.51
C GLN A 71 -11.56 -11.46 5.64
N LEU A 72 -10.84 -11.28 4.55
CA LEU A 72 -9.35 -11.41 4.61
C LEU A 72 -8.77 -10.56 5.74
N VAL A 73 -8.30 -11.19 6.79
CA VAL A 73 -7.72 -10.42 7.93
C VAL A 73 -6.32 -10.98 8.25
N LEU A 74 -5.36 -10.13 8.50
CA LEU A 74 -4.00 -10.65 8.82
C LEU A 74 -3.71 -10.43 10.31
N ILE A 75 -2.83 -11.21 10.87
CA ILE A 75 -2.50 -11.04 12.31
C ILE A 75 -1.09 -10.49 12.46
N PHE A 76 -0.95 -9.19 12.58
CA PHE A 76 0.40 -8.59 12.73
C PHE A 76 0.99 -8.95 14.10
N ALA A 77 1.35 -10.19 14.30
CA ALA A 77 1.94 -10.65 15.59
C ALA A 77 1.46 -9.82 16.78
N GLY A 78 0.18 -9.56 16.87
CA GLY A 78 -0.34 -8.76 18.02
C GLY A 78 -1.67 -8.11 17.65
N LYS A 79 -1.70 -7.28 16.64
CA LYS A 79 -2.98 -6.62 16.26
C LYS A 79 -3.54 -7.26 14.98
N ILE A 80 -4.42 -6.56 14.31
CA ILE A 80 -5.00 -7.13 13.06
C ILE A 80 -4.45 -6.41 11.85
N LEU A 81 -3.65 -7.06 11.04
CA LEU A 81 -3.14 -6.38 9.83
C LEU A 81 -4.30 -6.19 8.88
N LYS A 82 -5.15 -5.25 9.19
CA LYS A 82 -6.35 -4.99 8.34
C LYS A 82 -6.45 -3.50 8.02
N ASP A 83 -7.62 -3.04 7.66
CA ASP A 83 -7.79 -1.60 7.34
C ASP A 83 -7.76 -0.75 8.61
N GLN A 84 -7.88 -1.36 9.76
CA GLN A 84 -7.86 -0.59 11.03
C GLN A 84 -6.64 0.34 11.07
N ASP A 85 -5.54 -0.08 10.49
CA ASP A 85 -4.31 0.77 10.50
C ASP A 85 -3.70 0.82 9.11
N THR A 86 -2.55 1.45 8.97
CA THR A 86 -1.90 1.52 7.63
C THR A 86 -0.80 0.47 7.53
N LEU A 87 -0.73 -0.22 6.42
CA LEU A 87 0.32 -1.28 6.27
C LEU A 87 1.71 -0.69 6.52
N ILE A 88 2.00 0.43 5.92
CA ILE A 88 3.34 1.06 6.13
C ILE A 88 3.43 1.69 7.52
N GLN A 89 2.32 1.89 8.19
CA GLN A 89 2.36 2.54 9.53
C GLN A 89 2.16 1.53 10.67
N HIS A 90 2.14 0.25 10.39
CA HIS A 90 1.95 -0.72 11.51
C HIS A 90 2.00 -2.15 10.98
N GLY A 91 1.29 -2.43 9.94
CA GLY A 91 1.29 -3.81 9.38
C GLY A 91 2.72 -4.19 8.98
N ILE A 92 3.44 -3.29 8.38
CA ILE A 92 4.83 -3.61 7.94
C ILE A 92 5.78 -2.47 8.30
N HIS A 93 6.90 -2.78 8.90
CA HIS A 93 7.88 -1.71 9.24
C HIS A 93 8.95 -1.66 8.15
N ASP A 94 9.35 -2.80 7.65
CA ASP A 94 10.36 -2.86 6.56
C ASP A 94 10.61 -4.31 6.15
N GLY A 95 9.58 -5.13 6.19
CA GLY A 95 9.75 -6.55 5.80
C GLY A 95 9.55 -7.44 7.02
N LEU A 96 8.35 -7.51 7.54
CA LEU A 96 8.10 -8.36 8.74
C LEU A 96 7.26 -9.59 8.35
N THR A 97 6.79 -10.33 9.32
CA THR A 97 5.96 -11.52 9.01
C THR A 97 4.51 -11.29 9.44
N VAL A 98 3.57 -11.81 8.70
CA VAL A 98 2.14 -11.59 9.06
C VAL A 98 1.34 -12.89 8.88
N HIS A 99 0.48 -13.20 9.82
CA HIS A 99 -0.32 -14.45 9.70
C HIS A 99 -1.64 -14.15 8.97
N LEU A 100 -1.83 -14.73 7.80
CA LEU A 100 -3.09 -14.48 7.05
C LEU A 100 -4.21 -15.39 7.56
N VAL A 101 -5.37 -14.85 7.79
CA VAL A 101 -6.50 -15.69 8.29
C VAL A 101 -7.83 -14.95 8.08
N ILE A 102 -8.70 -15.51 7.28
CA ILE A 102 -10.02 -14.84 7.02
C ILE A 102 -10.97 -15.07 8.21
N LYS A 103 -11.67 -14.04 8.61
CA LYS A 103 -12.61 -14.21 9.76
C LYS A 103 -14.04 -14.37 9.24
#